data_5OVT
#
_entry.id   5OVT
#
_cell.length_a   196.820
_cell.length_b   196.820
_cell.length_c   296.370
_cell.angle_alpha   90.00
_cell.angle_beta   90.00
_cell.angle_gamma   120.00
#
_symmetry.space_group_name_H-M   'P 61 2 2'
#
loop_
_entity.id
_entity.type
_entity.pdbx_description
1 polymer BPH
2 polymer Epoxomicin
3 non-polymer 'PHOSPHATE ION'
4 water water
#
loop_
_entity_poly.entity_id
_entity_poly.type
_entity_poly.pdbx_seq_one_letter_code
_entity_poly.pdbx_strand_id
1 'polypeptide(L)'
;TTVTIVRKDGRIAIAADTLTKWGGGKESADYVANHEKIIRVGDSYVAITGSATFKLILADYFASLDEPPQLDSVARIFCV
WNTLHGALKEHYYLQAGEDKEDDLESSR(MSE)DVLIANPRGIFGVAAHRTVQEFSKFYAYGSGSPYALGA(MSE)YAAY
RAPSLDAEAVARLGV(MSE)AAAEFHDESGLPVQSFV(MSE)ELSPDVGSGENLYFQ
;
A,B,C,D,E,F,G
2 'polypeptide(L)' (ACE)(IML)IT(6VO) a,b,c,d,e,f,g
#
loop_
_chem_comp.id
_chem_comp.type
_chem_comp.name
_chem_comp.formula
6VO non-polymer (3~{R},4~{S})-4-azanyl-2,6-dimethyl-heptane-2,3-diol 'C9 H21 N O2'
ACE non-polymer 'ACETYL GROUP' 'C2 H4 O'
PO4 non-polymer 'PHOSPHATE ION' 'O4 P -3'
#
# COMPACT_ATOMS: atom_id res chain seq x y z
N THR A 1 -19.90 4.10 26.96
CA THR A 1 -21.40 4.16 26.80
C THR A 1 -21.95 2.86 27.30
N THR A 2 -23.12 2.97 27.87
CA THR A 2 -23.92 1.84 28.08
C THR A 2 -25.26 2.12 27.48
N VAL A 3 -25.75 1.18 26.69
CA VAL A 3 -27.18 1.18 26.28
C VAL A 3 -27.82 -0.18 26.61
N THR A 4 -29.09 -0.14 27.03
CA THR A 4 -29.79 -1.34 27.42
C THR A 4 -31.17 -1.39 26.80
N ILE A 5 -31.71 -2.59 26.77
CA ILE A 5 -33.00 -2.81 26.21
C ILE A 5 -33.62 -4.02 26.90
N VAL A 6 -34.91 -3.89 27.20
CA VAL A 6 -35.64 -4.87 28.01
C VAL A 6 -37.05 -5.03 27.50
N ARG A 7 -37.55 -6.24 27.64
CA ARG A 7 -38.88 -6.62 27.23
C ARG A 7 -39.43 -7.47 28.34
N LYS A 8 -40.49 -7.02 28.97
CA LYS A 8 -41.01 -7.69 30.16
C LYS A 8 -42.47 -7.26 30.44
N ASP A 9 -43.32 -8.28 30.65
CA ASP A 9 -44.76 -8.11 31.02
C ASP A 9 -45.50 -7.16 30.09
N GLY A 10 -45.37 -7.39 28.78
CA GLY A 10 -46.11 -6.55 27.84
C GLY A 10 -45.60 -5.15 27.65
N ARG A 11 -44.45 -4.83 28.23
CA ARG A 11 -43.79 -3.57 27.93
C ARG A 11 -42.37 -3.72 27.45
N ILE A 12 -41.94 -2.75 26.67
CA ILE A 12 -40.60 -2.68 26.12
C ILE A 12 -39.96 -1.38 26.52
N ALA A 13 -38.72 -1.45 26.98
CA ALA A 13 -38.03 -0.22 27.39
C ALA A 13 -36.59 -0.20 26.86
N ILE A 14 -36.07 1.01 26.73
CA ILE A 14 -34.72 1.20 26.22
C ILE A 14 -34.06 2.29 27.04
N ALA A 15 -32.78 2.17 27.30
CA ALA A 15 -32.13 3.19 28.11
C ALA A 15 -30.70 3.46 27.68
N ALA A 16 -30.16 4.59 28.10
CA ALA A 16 -28.76 4.91 27.84
C ALA A 16 -28.18 5.81 28.88
N ASP A 17 -26.86 5.81 29.01
CA ASP A 17 -26.25 6.81 29.85
C ASP A 17 -26.12 8.10 29.03
N THR A 18 -25.49 9.13 29.60
CA THR A 18 -25.43 10.44 28.96
C THR A 18 -24.04 11.06 28.94
N LEU A 19 -23.01 10.27 29.18
CA LEU A 19 -21.68 10.82 29.30
C LEU A 19 -20.96 10.71 28.01
N THR A 20 -20.32 11.78 27.60
CA THR A 20 -19.46 11.77 26.44
C THR A 20 -17.98 11.82 26.83
N LYS A 21 -17.13 11.10 26.13
CA LYS A 21 -15.73 11.05 26.50
C LYS A 21 -14.95 11.61 25.41
N TRP A 22 -13.87 12.29 25.75
CA TRP A 22 -12.90 12.70 24.78
C TRP A 22 -11.57 12.35 25.45
N GLY A 23 -11.04 11.18 25.17
CA GLY A 23 -9.87 10.71 25.85
C GLY A 23 -10.29 10.33 27.26
N GLY A 24 -9.52 10.77 28.23
CA GLY A 24 -9.91 10.64 29.62
C GLY A 24 -10.78 11.79 30.04
N GLY A 25 -11.01 12.74 29.14
CA GLY A 25 -11.88 13.87 29.41
C GLY A 25 -13.33 13.47 29.49
N LYS A 26 -14.03 14.02 30.47
CA LYS A 26 -15.45 13.77 30.63
C LYS A 26 -16.25 14.96 30.24
N GLU A 27 -17.22 14.75 29.37
CA GLU A 27 -18.17 15.80 29.00
C GLU A 27 -19.52 15.31 29.47
N SER A 28 -19.88 15.69 30.70
CA SER A 28 -21.16 15.22 31.29
C SER A 28 -22.39 15.94 30.73
N ALA A 29 -23.59 15.45 31.02
CA ALA A 29 -24.84 16.09 30.56
C ALA A 29 -25.03 17.49 31.10
N ASP A 30 -24.31 17.78 32.16
CA ASP A 30 -24.33 19.07 32.78
C ASP A 30 -23.63 20.12 31.88
N TYR A 31 -22.70 19.70 31.01
CA TYR A 31 -21.97 20.62 30.10
C TYR A 31 -22.38 20.52 28.66
N VAL A 32 -22.94 19.37 28.29
CA VAL A 32 -23.35 19.18 26.91
C VAL A 32 -24.87 19.11 26.82
N ALA A 33 -25.45 20.05 26.10
CA ALA A 33 -26.91 20.14 25.96
C ALA A 33 -27.44 18.97 25.18
N ASN A 34 -26.80 18.62 24.08
CA ASN A 34 -27.25 17.51 23.26
C ASN A 34 -26.56 16.17 23.57
N HIS A 35 -26.81 15.72 24.79
CA HIS A 35 -26.18 14.56 25.37
C HIS A 35 -26.98 13.27 25.17
N GLU A 36 -28.12 13.33 24.50
CA GLU A 36 -29.02 12.14 24.40
C GLU A 36 -28.36 11.17 23.39
N LYS A 37 -28.28 9.88 23.71
CA LYS A 37 -27.74 8.86 22.80
C LYS A 37 -28.79 7.99 22.13
N ILE A 38 -30.05 8.26 22.41
CA ILE A 38 -31.14 7.58 21.78
C ILE A 38 -31.84 8.54 20.82
N ILE A 39 -32.10 8.10 19.61
CA ILE A 39 -32.85 8.89 18.68
C ILE A 39 -34.12 8.17 18.28
N ARG A 40 -35.11 8.91 17.77
CA ARG A 40 -36.37 8.35 17.28
C ARG A 40 -36.31 8.20 15.79
N VAL A 41 -36.75 7.07 15.26
CA VAL A 41 -36.75 6.84 13.83
C VAL A 41 -38.03 6.07 13.59
N GLY A 42 -39.00 6.70 12.97
CA GLY A 42 -40.35 6.20 12.95
C GLY A 42 -40.83 6.02 14.37
N ASP A 43 -41.56 4.94 14.60
CA ASP A 43 -41.93 4.55 15.98
C ASP A 43 -40.90 3.64 16.65
N SER A 44 -39.65 3.62 16.16
CA SER A 44 -38.59 2.93 16.83
C SER A 44 -37.69 3.91 17.56
N TYR A 45 -37.01 3.41 18.60
CA TYR A 45 -35.96 4.16 19.30
C TYR A 45 -34.66 3.45 19.01
N VAL A 46 -33.62 4.25 18.72
CA VAL A 46 -32.35 3.70 18.40
C VAL A 46 -31.31 4.26 19.34
N ALA A 47 -30.73 3.37 20.13
CA ALA A 47 -29.70 3.73 21.08
C ALA A 47 -28.34 3.37 20.51
N ILE A 48 -27.43 4.32 20.50
CA ILE A 48 -26.20 4.24 19.74
C ILE A 48 -24.93 4.18 20.61
N THR A 49 -24.01 3.31 20.26
CA THR A 49 -22.67 3.30 20.88
C THR A 49 -21.64 3.51 19.80
N GLY A 50 -20.51 4.03 20.15
CA GLY A 50 -19.52 4.34 19.13
C GLY A 50 -19.19 5.80 19.15
N SER A 51 -18.60 6.26 18.07
CA SER A 51 -18.33 7.68 17.94
C SER A 51 -19.59 8.49 18.12
N ALA A 52 -19.48 9.58 18.84
CA ALA A 52 -20.61 10.50 19.01
C ALA A 52 -21.17 11.05 17.68
N THR A 53 -20.34 11.12 16.66
CA THR A 53 -20.81 11.58 15.38
C THR A 53 -21.94 10.71 14.80
N PHE A 54 -22.00 9.42 15.14
CA PHE A 54 -23.01 8.59 14.53
C PHE A 54 -24.46 8.96 14.91
N LYS A 55 -24.68 9.46 16.12
CA LYS A 55 -26.01 10.08 16.49
C LYS A 55 -26.48 10.99 15.35
N LEU A 56 -25.63 11.90 14.92
CA LEU A 56 -26.02 12.89 13.93
C LEU A 56 -26.11 12.35 12.53
N ILE A 57 -25.21 11.46 12.19
CA ILE A 57 -25.26 10.82 10.90
C ILE A 57 -26.54 10.01 10.69
N LEU A 58 -26.90 9.18 11.65
CA LEU A 58 -28.13 8.45 11.50
C LEU A 58 -29.33 9.37 11.40
N ALA A 59 -29.36 10.42 12.22
CA ALA A 59 -30.50 11.32 12.19
C ALA A 59 -30.66 11.93 10.81
N ASP A 60 -29.55 12.40 10.25
CA ASP A 60 -29.48 13.02 8.91
C ASP A 60 -29.85 12.02 7.84
N TYR A 61 -29.36 10.79 7.99
CA TYR A 61 -29.54 9.79 6.98
C TYR A 61 -31.00 9.36 6.92
N PHE A 62 -31.55 9.04 8.08
CA PHE A 62 -32.92 8.53 8.12
C PHE A 62 -33.89 9.62 7.72
N ALA A 63 -33.69 10.84 8.20
CA ALA A 63 -34.39 12.02 7.72
C ALA A 63 -34.42 12.12 6.20
N SER A 64 -33.37 11.72 5.52
CA SER A 64 -33.27 11.96 4.09
C SER A 64 -33.99 10.93 3.27
N LEU A 65 -34.51 9.87 3.86
CA LEU A 65 -35.21 8.86 3.07
C LEU A 65 -36.64 9.30 2.78
N ASP A 66 -37.22 8.75 1.72
CA ASP A 66 -38.63 9.01 1.36
C ASP A 66 -39.58 8.86 2.54
N GLU A 67 -39.60 7.70 3.20
CA GLU A 67 -40.25 7.58 4.50
C GLU A 67 -39.35 6.84 5.46
N PRO A 68 -39.65 6.89 6.78
CA PRO A 68 -38.73 6.20 7.65
C PRO A 68 -38.88 4.67 7.45
N PRO A 69 -37.87 3.90 7.82
CA PRO A 69 -37.79 2.49 7.45
C PRO A 69 -38.47 1.60 8.43
N GLN A 70 -38.86 0.41 8.01
CA GLN A 70 -39.44 -0.51 8.96
C GLN A 70 -38.28 -1.23 9.62
N LEU A 71 -38.24 -1.16 10.95
CA LEU A 71 -37.19 -1.73 11.77
C LEU A 71 -37.76 -2.77 12.74
N ASP A 72 -38.64 -3.63 12.24
CA ASP A 72 -39.45 -4.47 13.13
C ASP A 72 -39.28 -5.97 12.85
N SER A 73 -38.31 -6.35 12.04
CA SER A 73 -37.94 -7.73 11.93
C SER A 73 -36.45 -7.81 11.63
N VAL A 74 -35.89 -8.93 11.97
CA VAL A 74 -34.48 -9.13 11.74
C VAL A 74 -34.09 -8.93 10.25
N ALA A 75 -34.81 -9.52 9.30
CA ALA A 75 -34.45 -9.37 7.88
C ALA A 75 -34.58 -7.92 7.41
N ARG A 76 -35.58 -7.23 7.93
CA ARG A 76 -35.74 -5.84 7.57
C ARG A 76 -34.64 -4.96 8.04
N ILE A 77 -34.28 -5.13 9.31
CA ILE A 77 -33.23 -4.33 9.91
C ILE A 77 -31.95 -4.59 9.18
N PHE A 78 -31.73 -5.83 8.81
CA PHE A 78 -30.57 -6.16 8.02
C PHE A 78 -30.47 -5.37 6.70
N CYS A 79 -31.55 -5.29 5.92
CA CYS A 79 -31.48 -4.54 4.65
C CYS A 79 -31.23 -3.09 4.88
N VAL A 80 -31.95 -2.55 5.86
CA VAL A 80 -31.77 -1.17 6.18
C VAL A 80 -30.27 -0.94 6.45
N TRP A 81 -29.68 -1.78 7.28
CA TRP A 81 -28.27 -1.56 7.66
C TRP A 81 -27.26 -1.83 6.56
N ASN A 82 -27.52 -2.80 5.73
CA ASN A 82 -26.64 -2.99 4.62
C ASN A 82 -26.60 -1.81 3.65
N THR A 83 -27.73 -1.17 3.47
CA THR A 83 -27.80 0.01 2.62
C THR A 83 -27.09 1.19 3.29
N LEU A 84 -27.44 1.39 4.55
CA LEU A 84 -26.84 2.39 5.39
C LEU A 84 -25.33 2.35 5.32
N HIS A 85 -24.77 1.17 5.38
CA HIS A 85 -23.35 1.05 5.38
C HIS A 85 -22.75 1.69 4.13
N GLY A 86 -23.35 1.40 2.99
CA GLY A 86 -22.90 2.00 1.74
C GLY A 86 -22.94 3.50 1.77
N ALA A 87 -23.98 4.03 2.41
CA ALA A 87 -24.13 5.47 2.54
C ALA A 87 -23.14 6.06 3.51
N LEU A 88 -22.88 5.41 4.64
CA LEU A 88 -21.77 5.84 5.51
C LEU A 88 -20.46 6.02 4.72
N LYS A 89 -20.18 5.10 3.81
CA LYS A 89 -18.98 5.18 3.02
C LYS A 89 -19.05 6.24 1.93
N GLU A 90 -20.13 6.29 1.15
CA GLU A 90 -20.23 7.27 0.02
C GLU A 90 -20.48 8.72 0.48
N HIS A 91 -21.26 8.98 1.55
N HIS A 91 -21.25 8.95 1.54
CA HIS A 91 -21.64 10.38 1.94
CA HIS A 91 -21.69 10.29 1.90
C HIS A 91 -21.03 10.86 3.25
C HIS A 91 -21.06 10.84 3.24
N TYR A 92 -20.71 9.96 4.17
CA TYR A 92 -20.33 10.37 5.54
C TYR A 92 -18.90 10.09 6.00
N TYR A 93 -18.08 9.64 5.06
CA TYR A 93 -16.65 9.49 5.24
C TYR A 93 -16.20 8.45 6.26
N LEU A 94 -16.92 7.35 6.35
CA LEU A 94 -16.44 6.13 7.04
C LEU A 94 -15.34 5.49 6.25
N GLN A 95 -14.37 4.79 6.89
CA GLN A 95 -13.19 4.28 6.13
C GLN A 95 -13.09 2.90 5.36
N ASP A 103 -12.74 -9.59 8.36
CA ASP A 103 -13.57 -10.22 7.30
C ASP A 103 -14.64 -9.43 6.46
N LEU A 104 -15.81 -9.18 7.04
CA LEU A 104 -16.73 -8.08 6.57
C LEU A 104 -16.32 -6.68 7.05
N GLU A 105 -16.56 -5.62 6.28
CA GLU A 105 -16.25 -4.26 6.73
C GLU A 105 -17.03 -3.91 7.97
N SER A 106 -16.61 -2.94 8.77
CA SER A 106 -17.32 -2.62 10.00
C SER A 106 -18.04 -1.30 9.86
N SER A 107 -19.25 -1.20 10.42
CA SER A 107 -19.99 0.07 10.42
C SER A 107 -19.60 0.89 11.66
N ARG A 108 -18.83 0.29 12.57
CA ARG A 108 -18.23 0.96 13.70
C ARG A 108 -19.17 1.50 14.70
N MSE A 109 -20.33 0.89 14.83
CA MSE A 109 -21.29 1.31 15.83
C MSE A 109 -22.10 0.11 16.17
O MSE A 109 -22.35 -0.79 15.32
CB MSE A 109 -22.15 2.45 15.30
CG MSE A 109 -23.09 1.91 14.24
SE MSE A 109 -24.29 3.32 13.63
CE MSE A 109 -23.49 3.41 11.85
N ASP A 110 -22.50 0.05 17.43
CA ASP A 110 -23.43 -0.96 17.86
C ASP A 110 -24.66 -0.22 18.30
N VAL A 111 -25.83 -0.70 17.89
CA VAL A 111 -27.08 -0.07 18.30
C VAL A 111 -28.10 -1.05 18.81
N LEU A 112 -28.93 -0.60 19.74
CA LEU A 112 -30.12 -1.31 20.13
C LEU A 112 -31.31 -0.58 19.51
N ILE A 113 -32.32 -1.36 19.13
CA ILE A 113 -33.52 -0.84 18.52
C ILE A 113 -34.73 -1.37 19.22
N ALA A 114 -35.55 -0.48 19.71
CA ALA A 114 -36.81 -0.84 20.39
C ALA A 114 -37.99 -0.30 19.62
N ASN A 115 -38.95 -1.17 19.32
CA ASN A 115 -40.27 -0.70 18.93
C ASN A 115 -41.34 -1.64 19.44
N PRO A 116 -42.61 -1.33 19.19
CA PRO A 116 -43.63 -2.18 19.79
C PRO A 116 -43.67 -3.62 19.31
N ARG A 117 -43.12 -3.90 18.12
CA ARG A 117 -43.08 -5.26 17.60
C ARG A 117 -41.90 -6.08 18.13
N GLY A 118 -41.00 -5.52 18.91
CA GLY A 118 -39.86 -6.31 19.40
C GLY A 118 -38.63 -5.51 19.82
N ILE A 119 -37.63 -6.22 20.37
CA ILE A 119 -36.35 -5.59 20.74
C ILE A 119 -35.18 -6.23 20.01
N PHE A 120 -34.34 -5.38 19.44
CA PHE A 120 -33.33 -5.83 18.53
C PHE A 120 -32.00 -5.18 18.81
N GLY A 121 -30.98 -5.73 18.20
CA GLY A 121 -29.66 -5.12 18.20
C GLY A 121 -28.96 -5.29 16.85
N VAL A 122 -28.11 -4.32 16.50
CA VAL A 122 -27.25 -4.44 15.37
C VAL A 122 -25.84 -4.13 15.78
N ALA A 123 -24.95 -5.08 15.58
CA ALA A 123 -23.60 -4.88 15.95
C ALA A 123 -22.80 -4.35 14.78
N ALA A 124 -21.54 -3.97 15.03
CA ALA A 124 -20.79 -3.28 14.03
C ALA A 124 -20.55 -4.05 12.74
N HIS A 125 -20.58 -5.40 12.74
CA HIS A 125 -20.48 -6.09 11.45
C HIS A 125 -21.83 -6.54 10.90
N ARG A 126 -22.87 -5.76 11.20
CA ARG A 126 -24.23 -5.97 10.74
C ARG A 126 -24.84 -7.29 11.16
N THR A 127 -24.39 -7.81 12.29
CA THR A 127 -25.09 -8.90 12.90
C THR A 127 -26.33 -8.37 13.57
N VAL A 128 -27.48 -8.76 13.06
CA VAL A 128 -28.75 -8.32 13.62
C VAL A 128 -29.31 -9.40 14.52
N GLN A 129 -29.65 -9.06 15.73
CA GLN A 129 -30.21 -10.03 16.63
C GLN A 129 -31.58 -9.57 17.17
N GLU A 130 -32.49 -10.50 17.39
CA GLU A 130 -33.66 -10.20 18.16
C GLU A 130 -33.49 -10.79 19.54
N PHE A 131 -33.79 -9.99 20.57
CA PHE A 131 -33.61 -10.42 21.94
C PHE A 131 -34.90 -10.81 22.57
N SER A 132 -34.82 -11.75 23.49
CA SER A 132 -36.01 -12.31 24.08
C SER A 132 -36.31 -11.76 25.46
N LYS A 133 -35.33 -11.30 26.21
CA LYS A 133 -35.59 -10.72 27.51
C LYS A 133 -34.90 -9.34 27.67
N PHE A 134 -33.57 -9.35 27.68
CA PHE A 134 -32.84 -8.10 27.74
C PHE A 134 -31.47 -8.24 27.18
N TYR A 135 -30.89 -7.09 26.87
CA TYR A 135 -29.49 -7.07 26.44
C TYR A 135 -28.90 -5.71 26.61
N ALA A 136 -27.58 -5.61 26.40
CA ALA A 136 -26.89 -4.33 26.52
C ALA A 136 -25.70 -4.29 25.61
N TYR A 137 -25.44 -3.11 25.04
CA TYR A 137 -24.26 -2.86 24.21
C TYR A 137 -23.45 -1.72 24.83
N GLY A 138 -22.23 -1.53 24.36
CA GLY A 138 -21.36 -0.49 24.85
C GLY A 138 -20.33 -1.08 25.78
N SER A 139 -19.32 -0.31 26.12
CA SER A 139 -18.30 -0.77 27.00
C SER A 139 -18.82 -1.04 28.39
N GLY A 140 -19.90 -0.42 28.81
CA GLY A 140 -20.44 -0.75 30.14
C GLY A 140 -21.29 -2.01 30.21
N SER A 141 -21.32 -2.70 29.12
CA SER A 141 -22.38 -3.63 28.87
C SER A 141 -22.35 -4.82 29.88
N PRO A 142 -21.16 -5.33 30.20
CA PRO A 142 -21.23 -6.47 31.09
C PRO A 142 -21.74 -6.12 32.50
N TYR A 143 -21.53 -4.88 32.95
CA TYR A 143 -22.00 -4.47 34.27
C TYR A 143 -23.52 -4.44 34.18
N ALA A 144 -24.00 -3.92 33.07
CA ALA A 144 -25.40 -3.84 32.90
C ALA A 144 -26.05 -5.22 32.82
N LEU A 145 -25.42 -6.14 32.14
CA LEU A 145 -25.99 -7.48 31.97
C LEU A 145 -26.11 -8.19 33.30
N GLY A 146 -25.10 -8.05 34.15
CA GLY A 146 -25.17 -8.61 35.48
C GLY A 146 -26.31 -8.04 36.34
N ALA A 147 -26.42 -6.71 36.37
CA ALA A 147 -27.48 -6.05 37.11
C ALA A 147 -28.86 -6.48 36.62
N MSE A 148 -29.04 -6.52 35.30
CA MSE A 148 -30.36 -6.92 34.75
C MSE A 148 -30.63 -8.41 34.96
O MSE A 148 -31.75 -8.80 35.21
CB MSE A 148 -30.48 -6.52 33.28
CG MSE A 148 -30.42 -4.99 33.18
SE MSE A 148 -30.77 -4.32 31.36
CE MSE A 148 -29.18 -5.11 30.49
N TYR A 149 -29.59 -9.24 34.92
CA TYR A 149 -29.74 -10.63 35.29
C TYR A 149 -30.26 -10.74 36.71
N ALA A 150 -29.74 -9.96 37.66
CA ALA A 150 -30.23 -10.03 39.03
C ALA A 150 -31.63 -9.49 39.19
N ALA A 151 -32.03 -8.49 38.42
CA ALA A 151 -33.30 -7.79 38.65
C ALA A 151 -34.43 -8.17 37.72
N TYR A 152 -34.14 -8.88 36.64
CA TYR A 152 -35.18 -9.15 35.63
C TYR A 152 -36.43 -9.83 36.16
N ARG A 153 -36.29 -10.78 37.08
CA ARG A 153 -37.45 -11.51 37.62
C ARG A 153 -38.02 -10.88 38.86
N ALA A 154 -37.45 -9.78 39.34
CA ALA A 154 -38.07 -9.06 40.47
C ALA A 154 -39.48 -8.61 40.07
N PRO A 155 -40.50 -9.00 40.85
CA PRO A 155 -41.86 -8.72 40.33
C PRO A 155 -42.20 -7.25 40.50
N SER A 156 -41.50 -6.50 41.36
CA SER A 156 -41.78 -5.07 41.49
C SER A 156 -41.05 -4.15 40.50
N LEU A 157 -40.32 -4.68 39.52
CA LEU A 157 -39.50 -3.83 38.62
C LEU A 157 -39.99 -4.03 37.20
N ASP A 158 -40.55 -2.98 36.61
CA ASP A 158 -41.07 -3.10 35.27
C ASP A 158 -39.92 -3.04 34.27
N ALA A 159 -40.23 -3.21 33.00
CA ALA A 159 -39.18 -3.21 32.01
C ALA A 159 -38.29 -1.97 32.08
N GLU A 160 -38.90 -0.81 32.34
CA GLU A 160 -38.09 0.42 32.30
C GLU A 160 -37.17 0.49 33.50
N ALA A 161 -37.65 0.06 34.66
CA ALA A 161 -36.79 0.05 35.85
C ALA A 161 -35.56 -0.81 35.61
N VAL A 162 -35.76 -1.98 35.02
CA VAL A 162 -34.68 -2.90 34.77
C VAL A 162 -33.68 -2.29 33.76
N ALA A 163 -34.19 -1.70 32.68
CA ALA A 163 -33.33 -1.09 31.70
C ALA A 163 -32.43 -0.03 32.34
N ARG A 164 -33.03 0.79 33.19
CA ARG A 164 -32.30 1.88 33.80
C ARG A 164 -31.32 1.39 34.82
N LEU A 165 -31.64 0.30 35.46
CA LEU A 165 -30.80 -0.25 36.50
C LEU A 165 -29.51 -0.74 35.87
N GLY A 166 -29.65 -1.31 34.68
CA GLY A 166 -28.48 -1.70 33.89
C GLY A 166 -27.52 -0.56 33.66
N VAL A 167 -28.04 0.58 33.25
CA VAL A 167 -27.19 1.71 32.99
C VAL A 167 -26.56 2.23 34.27
N MSE A 168 -27.32 2.25 35.35
CA MSE A 168 -26.78 2.73 36.60
C MSE A 168 -25.64 1.90 37.09
O MSE A 168 -24.65 2.43 37.63
CB MSE A 168 -27.86 2.74 37.65
CG MSE A 168 -28.94 3.82 37.38
SE MSE A 168 -30.50 3.51 38.59
CE MSE A 168 -29.44 4.40 40.04
N ALA A 169 -25.76 0.62 36.93
CA ALA A 169 -24.69 -0.29 37.35
C ALA A 169 -23.39 -0.02 36.62
N ALA A 170 -23.50 0.22 35.33
CA ALA A 170 -22.33 0.55 34.51
C ALA A 170 -21.73 1.86 34.91
N ALA A 171 -22.58 2.84 35.17
CA ALA A 171 -22.07 4.16 35.59
C ALA A 171 -21.42 4.07 36.99
N GLU A 172 -21.88 3.13 37.80
CA GLU A 172 -21.32 2.98 39.09
C GLU A 172 -19.88 2.57 38.99
N PHE A 173 -19.54 1.69 38.07
CA PHE A 173 -18.22 1.02 38.10
C PHE A 173 -17.34 1.22 36.89
N HIS A 174 -17.83 1.90 35.87
CA HIS A 174 -17.03 2.03 34.70
C HIS A 174 -16.88 3.47 34.23
N ASP A 175 -15.69 3.87 33.78
CA ASP A 175 -15.36 5.26 33.51
C ASP A 175 -15.80 5.83 32.18
N GLU A 176 -16.52 5.04 31.44
CA GLU A 176 -17.05 5.47 30.16
C GLU A 176 -18.57 5.61 30.20
N SER A 177 -19.17 5.47 31.36
CA SER A 177 -20.60 5.67 31.50
C SER A 177 -20.89 6.67 32.59
N GLY A 178 -21.94 7.44 32.43
CA GLY A 178 -22.25 8.46 33.41
C GLY A 178 -23.70 8.80 33.51
N LEU A 179 -24.15 9.09 34.74
CA LEU A 179 -25.55 9.52 34.94
C LEU A 179 -25.71 10.93 34.50
N PRO A 180 -26.93 11.39 34.30
CA PRO A 180 -28.24 10.71 34.37
C PRO A 180 -28.43 9.68 33.26
N VAL A 181 -29.46 8.87 33.46
CA VAL A 181 -29.94 7.85 32.53
C VAL A 181 -31.09 8.41 31.76
N GLN A 182 -31.10 8.26 30.45
CA GLN A 182 -32.22 8.65 29.60
C GLN A 182 -32.91 7.33 29.24
N SER A 183 -34.23 7.28 29.33
CA SER A 183 -34.95 6.05 28.98
C SER A 183 -36.34 6.25 28.39
N PHE A 184 -36.87 5.23 27.74
CA PHE A 184 -38.18 5.30 27.11
C PHE A 184 -38.85 3.97 27.32
N VAL A 185 -40.17 4.00 27.29
CA VAL A 185 -40.99 2.80 27.48
C VAL A 185 -42.23 2.77 26.57
N MSE A 186 -42.62 1.60 26.11
CA MSE A 186 -43.75 1.50 25.21
C MSE A 186 -44.46 0.18 25.45
O MSE A 186 -43.90 -0.72 26.07
CB MSE A 186 -43.32 1.70 23.76
CG MSE A 186 -42.49 0.52 23.30
SE MSE A 186 -41.15 1.04 21.97
CE MSE A 186 -39.94 1.88 23.33
N GLU A 187 -45.71 0.06 24.99
CA GLU A 187 -46.45 -1.19 25.10
C GLU A 187 -46.06 -2.11 23.96
N LEU A 188 -45.86 -3.37 24.27
CA LEU A 188 -45.66 -4.43 23.28
C LEU A 188 -46.91 -4.53 22.41
N SER A 189 -46.86 -4.68 21.09
CA SER A 189 -48.13 -4.69 20.32
C SER A 189 -48.71 -6.12 20.27
N PRO A 190 -50.02 -6.31 19.91
CA PRO A 190 -50.57 -7.72 19.82
C PRO A 190 -50.67 -8.33 18.38
N THR B 1 -18.56 -22.27 17.25
CA THR B 1 -19.70 -22.97 16.57
C THR B 1 -19.26 -24.37 16.33
N THR B 2 -20.20 -25.27 16.44
CA THR B 2 -20.03 -26.56 15.89
C THR B 2 -21.19 -26.83 14.96
N VAL B 3 -20.90 -27.29 13.74
CA VAL B 3 -21.95 -27.86 12.86
C VAL B 3 -21.53 -29.25 12.42
N THR B 4 -22.51 -30.14 12.32
CA THR B 4 -22.22 -31.55 11.95
C THR B 4 -23.18 -32.03 10.90
N ILE B 5 -22.75 -33.10 10.23
CA ILE B 5 -23.53 -33.67 9.16
C ILE B 5 -23.21 -35.14 9.05
N VAL B 6 -24.26 -35.94 8.88
CA VAL B 6 -24.18 -37.41 8.94
C VAL B 6 -25.10 -38.02 7.92
N ARG B 7 -24.65 -39.15 7.38
CA ARG B 7 -25.38 -39.91 6.40
C ARG B 7 -25.26 -41.37 6.83
N LYS B 8 -26.38 -41.99 7.15
CA LYS B 8 -26.35 -43.30 7.70
C LYS B 8 -27.72 -44.00 7.57
N ASP B 9 -27.68 -45.25 7.07
CA ASP B 9 -28.85 -46.12 6.92
C ASP B 9 -29.99 -45.41 6.18
N GLY B 10 -29.69 -44.81 5.05
CA GLY B 10 -30.78 -44.20 4.28
C GLY B 10 -31.33 -42.90 4.80
N ARG B 11 -30.71 -42.34 5.83
CA ARG B 11 -31.07 -41.04 6.28
C ARG B 11 -29.91 -40.10 6.33
N ILE B 12 -30.23 -38.83 6.20
CA ILE B 12 -29.27 -37.76 6.27
C ILE B 12 -29.68 -36.78 7.36
N ALA B 13 -28.73 -36.35 8.17
CA ALA B 13 -29.05 -35.39 9.21
C ALA B 13 -28.00 -34.29 9.29
N ILE B 14 -28.41 -33.14 9.83
CA ILE B 14 -27.52 -32.00 9.98
C ILE B 14 -27.81 -31.36 11.31
N ALA B 15 -26.78 -30.88 12.00
CA ALA B 15 -27.01 -30.28 13.31
C ALA B 15 -26.10 -29.08 13.57
N ALA B 16 -26.48 -28.26 14.55
CA ALA B 16 -25.63 -27.13 14.96
C ALA B 16 -25.87 -26.79 16.39
N ASP B 17 -24.90 -26.13 17.01
CA ASP B 17 -25.14 -25.59 18.34
C ASP B 17 -25.88 -24.28 18.17
N THR B 18 -26.12 -23.57 19.28
CA THR B 18 -26.97 -22.35 19.25
C THR B 18 -26.36 -21.18 20.02
N LEU B 19 -25.08 -21.26 20.31
CA LEU B 19 -24.43 -20.20 21.11
C LEU B 19 -23.78 -19.18 20.21
N THR B 20 -24.03 -17.92 20.50
CA THR B 20 -23.35 -16.85 19.84
C THR B 20 -22.30 -16.24 20.76
N LYS B 21 -21.16 -15.86 20.21
CA LYS B 21 -20.11 -15.30 21.02
C LYS B 21 -19.85 -13.90 20.56
N TRP B 22 -19.53 -13.03 21.52
CA TRP B 22 -19.08 -11.70 21.25
C TRP B 22 -17.89 -11.53 22.18
N GLY B 23 -16.71 -11.83 21.68
CA GLY B 23 -15.54 -11.83 22.51
C GLY B 23 -15.63 -13.05 23.39
N GLY B 24 -15.40 -12.85 24.68
CA GLY B 24 -15.64 -13.89 25.67
C GLY B 24 -17.07 -13.90 26.14
N GLY B 25 -17.87 -12.95 25.68
CA GLY B 25 -19.26 -12.85 26.01
C GLY B 25 -20.05 -13.98 25.38
N LYS B 26 -20.97 -14.56 26.13
CA LYS B 26 -21.86 -15.57 25.63
C LYS B 26 -23.24 -15.03 25.45
N GLU B 27 -23.80 -15.21 24.27
CA GLU B 27 -25.19 -14.90 23.97
C GLU B 27 -25.89 -16.22 23.70
N SER B 28 -26.43 -16.84 24.75
CA SER B 28 -27.08 -18.17 24.61
C SER B 28 -28.45 -18.07 23.93
N ALA B 29 -29.02 -19.21 23.55
CA ALA B 29 -30.38 -19.25 22.91
C ALA B 29 -31.47 -18.74 23.82
N ASP B 30 -31.19 -18.70 25.10
CA ASP B 30 -32.10 -18.21 26.10
C ASP B 30 -32.22 -16.68 25.99
N TYR B 31 -31.21 -15.98 25.45
CA TYR B 31 -31.27 -14.48 25.28
C TYR B 31 -31.48 -14.05 23.86
N VAL B 32 -31.11 -14.90 22.92
CA VAL B 32 -31.24 -14.54 21.52
C VAL B 32 -32.33 -15.37 20.85
N ALA B 33 -33.36 -14.70 20.35
CA ALA B 33 -34.47 -15.36 19.70
C ALA B 33 -34.05 -16.01 18.41
N ASN B 34 -33.29 -15.30 17.59
CA ASN B 34 -32.84 -15.85 16.31
C ASN B 34 -31.46 -16.50 16.32
N HIS B 35 -31.37 -17.55 17.11
CA HIS B 35 -30.13 -18.25 17.42
C HIS B 35 -29.86 -19.42 16.48
N GLU B 36 -30.71 -19.68 15.50
CA GLU B 36 -30.59 -20.87 14.63
C GLU B 36 -29.42 -20.56 13.68
N LYS B 37 -28.50 -21.50 13.51
CA LYS B 37 -27.37 -21.39 12.55
C LYS B 37 -27.56 -22.21 11.26
N ILE B 38 -28.67 -22.90 11.14
CA ILE B 38 -29.02 -23.61 9.93
C ILE B 38 -30.14 -22.88 9.19
N ILE B 39 -29.99 -22.67 7.90
CA ILE B 39 -31.05 -22.08 7.12
C ILE B 39 -31.50 -23.05 6.05
N ARG B 40 -32.72 -22.87 5.54
CA ARG B 40 -33.25 -23.68 4.45
C ARG B 40 -33.05 -22.96 3.13
N VAL B 41 -32.62 -23.68 2.11
CA VAL B 41 -32.41 -23.09 0.80
C VAL B 41 -32.85 -24.15 -0.15
N GLY B 42 -34.00 -23.95 -0.81
CA GLY B 42 -34.67 -25.01 -1.55
C GLY B 42 -34.97 -26.13 -0.58
N ASP B 43 -34.76 -27.36 -1.05
CA ASP B 43 -34.79 -28.54 -0.16
C ASP B 43 -33.41 -28.90 0.45
N SER B 44 -32.46 -27.95 0.51
CA SER B 44 -31.22 -28.13 1.24
C SER B 44 -31.27 -27.42 2.56
N TYR B 45 -30.48 -27.91 3.52
CA TYR B 45 -30.22 -27.21 4.76
C TYR B 45 -28.77 -26.78 4.77
N VAL B 46 -28.53 -25.56 5.20
CA VAL B 46 -27.20 -25.01 5.17
C VAL B 46 -26.84 -24.59 6.57
N ALA B 47 -25.85 -25.24 7.13
CA ALA B 47 -25.36 -24.91 8.45
C ALA B 47 -24.09 -24.07 8.34
N ILE B 48 -24.05 -22.94 9.04
CA ILE B 48 -23.05 -21.90 8.81
C ILE B 48 -22.10 -21.65 10.00
N THR B 49 -20.81 -21.51 9.72
CA THR B 49 -19.85 -21.13 10.74
C THR B 49 -19.20 -19.87 10.28
N GLY B 50 -18.69 -19.07 11.20
CA GLY B 50 -18.09 -17.81 10.81
C GLY B 50 -18.83 -16.71 11.47
N SER B 51 -18.62 -15.52 11.01
CA SER B 51 -19.42 -14.41 11.49
C SER B 51 -20.93 -14.69 11.47
N ALA B 52 -21.61 -14.29 12.50
CA ALA B 52 -23.08 -14.39 12.56
C ALA B 52 -23.80 -13.66 11.45
N THR B 53 -23.21 -12.63 10.91
CA THR B 53 -23.81 -11.95 9.80
C THR B 53 -24.09 -12.86 8.58
N PHE B 54 -23.29 -13.90 8.37
CA PHE B 54 -23.43 -14.67 7.15
C PHE B 54 -24.74 -15.41 7.08
N LYS B 55 -25.28 -15.83 8.21
CA LYS B 55 -26.67 -16.38 8.26
C LYS B 55 -27.61 -15.46 7.45
N LEU B 56 -27.60 -14.17 7.77
CA LEU B 56 -28.53 -13.24 7.12
C LEU B 56 -28.18 -12.89 5.69
N ILE B 57 -26.89 -12.81 5.40
CA ILE B 57 -26.43 -12.58 4.04
C ILE B 57 -26.84 -13.68 3.09
N LEU B 58 -26.57 -14.91 3.46
CA LEU B 58 -27.00 -15.99 2.60
C LEU B 58 -28.51 -16.04 2.44
N ALA B 59 -29.25 -15.83 3.51
CA ALA B 59 -30.69 -15.85 3.40
C ALA B 59 -31.18 -14.79 2.38
N ASP B 60 -30.66 -13.58 2.49
CA ASP B 60 -31.02 -12.48 1.59
C ASP B 60 -30.57 -12.79 0.17
N TYR B 61 -29.37 -13.33 0.03
CA TYR B 61 -28.80 -13.53 -1.28
C TYR B 61 -29.60 -14.58 -2.01
N PHE B 62 -29.87 -15.71 -1.34
CA PHE B 62 -30.49 -16.84 -2.02
C PHE B 62 -31.94 -16.48 -2.34
N ALA B 63 -32.60 -15.81 -1.41
CA ALA B 63 -33.91 -15.20 -1.66
C ALA B 63 -33.95 -14.33 -2.89
N SER B 64 -32.88 -13.64 -3.21
CA SER B 64 -32.89 -12.69 -4.33
C SER B 64 -32.69 -13.33 -5.67
N LEU B 65 -32.41 -14.61 -5.74
CA LEU B 65 -32.23 -15.25 -7.06
C LEU B 65 -33.59 -15.62 -7.67
N ASP B 66 -33.61 -15.74 -9.00
CA ASP B 66 -34.82 -16.17 -9.70
C ASP B 66 -35.43 -17.39 -9.07
N GLU B 67 -34.70 -18.49 -8.97
CA GLU B 67 -35.16 -19.65 -8.16
C GLU B 67 -34.03 -20.13 -7.28
N PRO B 68 -34.35 -20.98 -6.29
CA PRO B 68 -33.23 -21.37 -5.45
C PRO B 68 -32.29 -22.31 -6.24
N PRO B 69 -31.02 -22.41 -5.84
CA PRO B 69 -30.03 -23.08 -6.63
C PRO B 69 -29.98 -24.55 -6.38
N GLN B 70 -29.47 -25.32 -7.33
CA GLN B 70 -29.31 -26.73 -7.07
C GLN B 70 -27.97 -26.88 -6.34
N LEU B 71 -28.03 -27.52 -5.15
CA LEU B 71 -26.90 -27.73 -4.29
C LEU B 71 -26.65 -29.22 -4.06
N ASP B 72 -26.72 -30.00 -5.13
CA ASP B 72 -26.78 -31.46 -4.99
C ASP B 72 -25.66 -32.17 -5.71
N SER B 73 -24.66 -31.45 -6.17
CA SER B 73 -23.46 -32.08 -6.65
C SER B 73 -22.28 -31.13 -6.38
N VAL B 74 -21.10 -31.70 -6.33
CA VAL B 74 -19.92 -30.95 -6.04
C VAL B 74 -19.71 -29.84 -7.08
N ALA B 75 -19.85 -30.12 -8.38
CA ALA B 75 -19.66 -29.07 -9.40
C ALA B 75 -20.69 -27.97 -9.30
N ARG B 76 -21.92 -28.36 -9.00
CA ARG B 76 -22.94 -27.37 -8.87
C ARG B 76 -22.74 -26.45 -7.72
N ILE B 77 -22.38 -27.02 -6.58
CA ILE B 77 -22.15 -26.23 -5.35
C ILE B 77 -21.01 -25.28 -5.61
N PHE B 78 -20.01 -25.76 -6.33
CA PHE B 78 -18.90 -24.91 -6.68
C PHE B 78 -19.29 -23.68 -7.48
N CYS B 79 -20.13 -23.82 -8.49
CA CYS B 79 -20.56 -22.63 -9.27
C CYS B 79 -21.34 -21.69 -8.43
N VAL B 80 -22.28 -22.25 -7.68
CA VAL B 80 -23.07 -21.41 -6.84
C VAL B 80 -22.13 -20.58 -5.95
N TRP B 81 -21.16 -21.23 -5.31
CA TRP B 81 -20.30 -20.52 -4.40
C TRP B 81 -19.33 -19.53 -5.09
N ASN B 82 -18.84 -19.87 -6.26
CA ASN B 82 -17.98 -18.91 -6.94
C ASN B 82 -18.71 -17.62 -7.30
N THR B 83 -19.99 -17.73 -7.62
CA THR B 83 -20.77 -16.56 -7.96
C THR B 83 -21.06 -15.76 -6.70
N LEU B 84 -21.51 -16.50 -5.70
CA LEU B 84 -21.76 -15.97 -4.38
C LEU B 84 -20.62 -15.08 -3.91
N HIS B 85 -19.40 -15.57 -4.06
CA HIS B 85 -18.26 -14.85 -3.57
C HIS B 85 -18.19 -13.47 -4.18
N GLY B 86 -18.40 -13.40 -5.49
CA GLY B 86 -18.41 -12.11 -6.16
C GLY B 86 -19.48 -11.19 -5.60
N ALA B 87 -20.61 -11.76 -5.23
CA ALA B 87 -21.67 -10.98 -4.63
C ALA B 87 -21.35 -10.54 -3.20
N LEU B 88 -20.75 -11.40 -2.39
CA LEU B 88 -20.31 -10.99 -1.09
C LEU B 88 -19.44 -9.75 -1.19
N LYS B 89 -18.58 -9.70 -2.19
CA LYS B 89 -17.74 -8.55 -2.39
C LYS B 89 -18.48 -7.34 -2.94
N GLU B 90 -19.27 -7.49 -4.01
CA GLU B 90 -19.94 -6.33 -4.66
C GLU B 90 -21.10 -5.78 -3.78
N HIS B 91 -21.88 -6.61 -3.09
N HIS B 91 -21.87 -6.62 -3.09
CA HIS B 91 -23.13 -6.15 -2.41
CA HIS B 91 -23.12 -6.18 -2.48
C HIS B 91 -23.06 -6.20 -0.90
C HIS B 91 -23.08 -6.24 -0.93
N TYR B 92 -22.24 -7.07 -0.33
CA TYR B 92 -22.29 -7.31 1.13
C TYR B 92 -21.06 -6.90 1.97
N TYR B 93 -20.11 -6.26 1.31
CA TYR B 93 -18.96 -5.65 1.96
C TYR B 93 -17.97 -6.59 2.62
N LEU B 94 -17.76 -7.77 2.03
CA LEU B 94 -16.62 -8.65 2.35
C LEU B 94 -15.34 -8.03 1.84
N GLN B 95 -14.17 -8.29 2.46
CA GLN B 95 -12.94 -7.53 2.07
C GLN B 95 -11.89 -7.93 0.99
N ASP B 103 -3.39 -17.39 -1.04
CA ASP B 103 -3.52 -17.76 -2.48
C ASP B 103 -4.81 -17.41 -3.31
N LEU B 104 -5.88 -18.19 -3.16
CA LEU B 104 -7.26 -17.74 -3.46
C LEU B 104 -7.90 -16.85 -2.35
N GLU B 105 -8.78 -15.89 -2.72
CA GLU B 105 -9.50 -15.07 -1.75
C GLU B 105 -10.34 -15.92 -0.85
N SER B 106 -10.70 -15.50 0.35
CA SER B 106 -11.51 -16.33 1.24
C SER B 106 -12.91 -15.79 1.32
N SER B 107 -13.89 -16.68 1.38
CA SER B 107 -15.27 -16.26 1.61
C SER B 107 -15.57 -16.18 3.10
N ARG B 108 -14.62 -16.59 3.94
CA ARG B 108 -14.67 -16.47 5.40
C ARG B 108 -15.75 -17.19 6.12
N MSE B 109 -16.23 -18.28 5.56
CA MSE B 109 -17.27 -19.04 6.19
C MSE B 109 -17.11 -20.45 5.73
O MSE B 109 -16.64 -20.72 4.60
CB MSE B 109 -18.65 -18.52 5.85
CG MSE B 109 -18.97 -18.83 4.38
SE MSE B 109 -20.80 -18.27 3.94
CE MSE B 109 -20.19 -16.83 2.76
N ASP B 110 -17.44 -21.36 6.61
CA ASP B 110 -17.44 -22.76 6.27
C ASP B 110 -18.85 -23.24 6.51
N VAL B 111 -19.40 -23.98 5.56
CA VAL B 111 -20.75 -24.45 5.68
C VAL B 111 -20.86 -25.90 5.33
N LEU B 112 -21.84 -26.55 5.95
CA LEU B 112 -22.24 -27.87 5.60
C LEU B 112 -23.58 -27.76 4.93
N ILE B 113 -23.80 -28.61 3.94
CA ILE B 113 -25.01 -28.62 3.17
C ILE B 113 -25.58 -30.04 3.12
N ALA B 114 -26.81 -30.19 3.57
CA ALA B 114 -27.51 -31.46 3.51
C ALA B 114 -28.71 -31.36 2.61
N ASN B 115 -28.83 -32.30 1.70
CA ASN B 115 -30.10 -32.53 1.06
C ASN B 115 -30.29 -34.00 0.73
N PRO B 116 -31.45 -34.36 0.20
CA PRO B 116 -31.65 -35.78 -0.01
C PRO B 116 -30.69 -36.49 -0.98
N ARG B 117 -30.06 -35.74 -1.89
CA ARG B 117 -29.10 -36.32 -2.84
C ARG B 117 -27.68 -36.43 -2.27
N GLY B 118 -27.41 -35.99 -1.05
CA GLY B 118 -26.05 -36.14 -0.50
C GLY B 118 -25.68 -35.18 0.61
N ILE B 119 -24.50 -35.37 1.18
CA ILE B 119 -23.99 -34.43 2.19
C ILE B 119 -22.68 -33.80 1.74
N PHE B 120 -22.61 -32.50 1.90
CA PHE B 120 -21.52 -31.74 1.36
C PHE B 120 -21.01 -30.69 2.33
N GLY B 121 -19.85 -30.15 2.00
CA GLY B 121 -19.28 -29.05 2.74
C GLY B 121 -18.59 -28.08 1.78
N VAL B 122 -18.59 -26.80 2.14
CA VAL B 122 -17.84 -25.81 1.44
C VAL B 122 -17.01 -25.03 2.43
N ALA B 123 -15.70 -25.05 2.24
CA ALA B 123 -14.85 -24.37 3.14
C ALA B 123 -14.57 -22.99 2.64
N ALA B 124 -13.90 -22.18 3.45
CA ALA B 124 -13.76 -20.78 3.13
C ALA B 124 -13.04 -20.47 1.84
N HIS B 125 -12.18 -21.34 1.33
CA HIS B 125 -11.59 -21.05 0.01
C HIS B 125 -12.26 -21.79 -1.12
N ARG B 126 -13.55 -22.03 -0.94
CA ARG B 126 -14.39 -22.68 -1.92
C ARG B 126 -13.98 -24.11 -2.30
N THR B 127 -13.34 -24.78 -1.37
CA THR B 127 -13.17 -26.19 -1.52
C THR B 127 -14.47 -26.89 -1.20
N VAL B 128 -15.03 -27.54 -2.20
CA VAL B 128 -16.30 -28.24 -2.03
C VAL B 128 -16.02 -29.71 -1.88
N GLN B 129 -16.51 -30.32 -0.84
CA GLN B 129 -16.29 -31.74 -0.65
C GLN B 129 -17.59 -32.48 -0.50
N GLU B 130 -17.66 -33.70 -1.00
CA GLU B 130 -18.80 -34.54 -0.69
C GLU B 130 -18.35 -35.54 0.35
N PHE B 131 -19.15 -35.71 1.40
CA PHE B 131 -18.78 -36.61 2.49
C PHE B 131 -19.51 -37.94 2.41
N SER B 132 -18.84 -38.99 2.84
CA SER B 132 -19.39 -40.32 2.66
C SER B 132 -20.01 -40.85 3.94
N LYS B 133 -19.60 -40.40 5.12
CA LYS B 133 -20.21 -40.84 6.35
C LYS B 133 -20.63 -39.68 7.26
N PHE B 134 -19.66 -38.94 7.77
CA PHE B 134 -19.95 -37.76 8.53
C PHE B 134 -18.84 -36.77 8.47
N TYR B 135 -19.16 -35.56 8.85
CA TYR B 135 -18.11 -34.52 9.05
C TYR B 135 -18.58 -33.39 9.94
N ALA B 136 -17.69 -32.50 10.30
CA ALA B 136 -18.04 -31.36 11.14
C ALA B 136 -17.15 -30.19 10.82
N TYR B 137 -17.72 -28.98 10.87
CA TYR B 137 -16.96 -27.72 10.68
C TYR B 137 -17.16 -26.86 11.91
N GLY B 138 -16.37 -25.83 12.05
CA GLY B 138 -16.47 -24.96 13.20
C GLY B 138 -15.38 -25.24 14.19
N SER B 139 -15.11 -24.34 15.11
CA SER B 139 -14.05 -24.52 16.07
C SER B 139 -14.31 -25.73 16.96
N GLY B 140 -15.56 -26.16 17.12
CA GLY B 140 -15.81 -27.36 17.93
C GLY B 140 -15.63 -28.66 17.20
N SER B 141 -15.10 -28.56 16.00
CA SER B 141 -15.22 -29.62 15.04
C SER B 141 -14.44 -30.86 15.47
N PRO B 142 -13.23 -30.69 16.00
CA PRO B 142 -12.54 -31.95 16.32
C PRO B 142 -13.21 -32.78 17.44
N TYR B 143 -13.84 -32.13 18.39
CA TYR B 143 -14.52 -32.83 19.49
C TYR B 143 -15.67 -33.60 18.83
N ALA B 144 -16.36 -32.96 17.92
CA ALA B 144 -17.46 -33.57 17.28
C ALA B 144 -17.03 -34.73 16.45
N LEU B 145 -15.90 -34.61 15.76
CA LEU B 145 -15.42 -35.71 14.90
C LEU B 145 -15.12 -36.93 15.75
N GLY B 146 -14.53 -36.72 16.92
CA GLY B 146 -14.17 -37.80 17.79
C GLY B 146 -15.39 -38.52 18.31
N ALA B 147 -16.35 -37.74 18.75
CA ALA B 147 -17.59 -38.32 19.21
C ALA B 147 -18.31 -39.13 18.12
N MSE B 148 -18.38 -38.59 16.92
CA MSE B 148 -19.09 -39.28 15.87
C MSE B 148 -18.31 -40.50 15.43
O MSE B 148 -18.88 -41.51 15.03
CB MSE B 148 -19.41 -38.33 14.72
CG MSE B 148 -20.40 -37.27 15.21
SE MSE B 148 -21.03 -36.07 13.79
CE MSE B 148 -19.32 -35.22 13.33
N TYR B 149 -16.98 -40.43 15.46
CA TYR B 149 -16.18 -41.59 15.16
C TYR B 149 -16.55 -42.68 16.12
N ALA B 150 -16.70 -42.38 17.41
CA ALA B 150 -17.04 -43.41 18.36
C ALA B 150 -18.44 -43.96 18.15
N ALA B 151 -19.36 -43.14 17.70
CA ALA B 151 -20.78 -43.50 17.70
C ALA B 151 -21.34 -43.93 16.37
N TYR B 152 -20.63 -43.67 15.30
CA TYR B 152 -21.21 -43.86 13.97
C TYR B 152 -21.73 -45.27 13.70
N ARG B 153 -21.00 -46.29 14.18
CA ARG B 153 -21.40 -47.68 13.91
C ARG B 153 -22.25 -48.24 15.02
N ALA B 154 -22.56 -47.47 16.05
CA ALA B 154 -23.53 -47.93 17.06
C ALA B 154 -24.86 -48.23 16.37
N PRO B 155 -25.39 -49.47 16.52
CA PRO B 155 -26.57 -49.76 15.73
C PRO B 155 -27.82 -49.07 16.29
N SER B 156 -27.81 -48.66 17.55
CA SER B 156 -28.99 -47.96 18.09
C SER B 156 -29.09 -46.45 17.83
N LEU B 157 -28.18 -45.89 17.04
CA LEU B 157 -28.10 -44.43 16.91
C LEU B 157 -28.29 -44.10 15.46
N ASP B 158 -29.38 -43.42 15.13
CA ASP B 158 -29.64 -43.07 13.76
C ASP B 158 -28.81 -41.85 13.36
N ALA B 159 -28.88 -41.48 12.11
CA ALA B 159 -28.05 -40.37 11.62
C ALA B 159 -28.24 -39.11 12.44
N GLU B 160 -29.47 -38.83 12.86
CA GLU B 160 -29.69 -37.60 13.61
C GLU B 160 -29.09 -37.67 15.02
N ALA B 161 -29.18 -38.81 15.68
CA ALA B 161 -28.57 -38.97 16.99
C ALA B 161 -27.09 -38.72 16.93
N VAL B 162 -26.44 -39.27 15.90
CA VAL B 162 -25.01 -39.13 15.76
C VAL B 162 -24.64 -37.64 15.48
N ALA B 163 -25.39 -36.98 14.59
CA ALA B 163 -25.15 -35.59 14.32
C ALA B 163 -25.22 -34.73 15.57
N ARG B 164 -26.22 -34.99 16.38
CA ARG B 164 -26.43 -34.23 17.59
C ARG B 164 -25.39 -34.53 18.64
N LEU B 165 -24.94 -35.76 18.67
CA LEU B 165 -23.96 -36.16 19.66
C LEU B 165 -22.63 -35.41 19.42
N GLY B 166 -22.32 -35.23 18.15
CA GLY B 166 -21.18 -34.43 17.75
C GLY B 166 -21.22 -33.03 18.33
N VAL B 167 -22.37 -32.38 18.22
CA VAL B 167 -22.51 -31.03 18.76
C VAL B 167 -22.42 -31.02 20.29
N MSE B 168 -23.02 -32.02 20.93
CA MSE B 168 -22.99 -32.08 22.39
C MSE B 168 -21.60 -32.19 22.92
O MSE B 168 -21.24 -31.60 23.92
CB MSE B 168 -23.83 -33.22 22.87
CG MSE B 168 -25.33 -32.97 22.62
SE MSE B 168 -26.33 -34.68 22.91
CE MSE B 168 -26.22 -34.30 24.87
N ALA B 169 -20.80 -32.99 22.22
CA ALA B 169 -19.42 -33.21 22.65
C ALA B 169 -18.63 -31.93 22.62
N ALA B 170 -18.85 -31.16 21.56
CA ALA B 170 -18.17 -29.87 21.41
C ALA B 170 -18.63 -28.89 22.46
N ALA B 171 -19.92 -28.88 22.74
CA ALA B 171 -20.42 -27.96 23.75
C ALA B 171 -19.90 -28.39 25.13
N GLU B 172 -19.65 -29.67 25.31
CA GLU B 172 -19.18 -30.15 26.61
C GLU B 172 -17.85 -29.56 26.90
N PHE B 173 -16.98 -29.48 25.91
CA PHE B 173 -15.56 -29.16 26.17
C PHE B 173 -14.98 -27.87 25.58
N HIS B 174 -15.76 -27.17 24.79
CA HIS B 174 -15.22 -26.02 24.13
C HIS B 174 -16.08 -24.77 24.31
N ASP B 175 -15.44 -23.63 24.54
CA ASP B 175 -16.12 -22.43 24.96
C ASP B 175 -16.75 -21.57 23.85
N GLU B 176 -16.72 -22.06 22.64
CA GLU B 176 -17.42 -21.44 21.54
C GLU B 176 -18.66 -22.24 21.07
N SER B 177 -19.05 -23.27 21.79
CA SER B 177 -20.24 -24.04 21.44
C SER B 177 -21.17 -24.17 22.62
N GLY B 178 -22.47 -24.18 22.36
CA GLY B 178 -23.40 -24.20 23.46
C GLY B 178 -24.69 -24.85 23.13
N LEU B 179 -25.25 -25.56 24.10
CA LEU B 179 -26.57 -26.15 23.92
C LEU B 179 -27.66 -25.08 24.04
N PRO B 180 -28.85 -25.36 23.57
CA PRO B 180 -29.36 -26.57 22.85
C PRO B 180 -28.80 -26.76 21.45
N VAL B 181 -29.02 -27.95 20.93
CA VAL B 181 -28.65 -28.34 19.62
C VAL B 181 -29.86 -28.20 18.77
N GLN B 182 -29.73 -27.66 17.58
CA GLN B 182 -30.78 -27.62 16.58
C GLN B 182 -30.40 -28.66 15.53
N SER B 183 -31.34 -29.48 15.07
CA SER B 183 -31.04 -30.49 14.05
C SER B 183 -32.18 -30.81 13.11
N PHE B 184 -31.87 -31.41 11.98
CA PHE B 184 -32.86 -31.77 10.98
C PHE B 184 -32.49 -33.10 10.39
N VAL B 185 -33.50 -33.83 9.90
CA VAL B 185 -33.29 -35.15 9.31
C VAL B 185 -34.16 -35.37 8.07
N MSE B 186 -33.66 -36.10 7.11
CA MSE B 186 -34.39 -36.35 5.88
C MSE B 186 -34.03 -37.71 5.33
O MSE B 186 -33.04 -38.30 5.74
CB MSE B 186 -34.15 -35.22 4.89
CG MSE B 186 -32.73 -35.27 4.36
SE MSE B 186 -32.03 -33.48 3.96
CE MSE B 186 -31.75 -32.98 5.86
N GLU B 187 -34.86 -38.22 4.43
CA GLU B 187 -34.57 -39.49 3.78
C GLU B 187 -33.66 -39.28 2.62
N LEU B 188 -32.68 -40.15 2.49
CA LEU B 188 -31.79 -40.17 1.34
C LEU B 188 -32.62 -40.46 0.09
N SER B 189 -32.44 -39.84 -1.06
CA SER B 189 -33.33 -40.16 -2.19
C SER B 189 -32.83 -41.40 -2.98
N PRO B 190 -33.71 -42.10 -3.80
CA PRO B 190 -33.24 -43.36 -4.53
C PRO B 190 -32.94 -43.21 -6.04
N THR C 1 0.63 -33.46 -0.34
CA THR C 1 0.25 -34.20 -1.58
C THR C 1 1.52 -34.73 -2.14
N THR C 2 1.40 -35.88 -2.78
CA THR C 2 2.40 -36.35 -3.66
C THR C 2 1.73 -36.69 -4.94
N VAL C 3 2.30 -36.18 -6.02
CA VAL C 3 1.92 -36.66 -7.38
C VAL C 3 3.17 -37.11 -8.14
N THR C 4 3.04 -38.20 -8.92
CA THR C 4 4.16 -38.77 -9.66
C THR C 4 3.78 -39.03 -11.07
N ILE C 5 4.80 -39.14 -11.88
CA ILE C 5 4.63 -39.42 -13.29
C ILE C 5 5.87 -40.14 -13.86
N VAL C 6 5.61 -41.14 -14.69
CA VAL C 6 6.62 -42.10 -15.13
C VAL C 6 6.37 -42.47 -16.55
N ARG C 7 7.44 -42.73 -17.24
CA ARG C 7 7.43 -43.13 -18.63
C ARG C 7 8.44 -44.25 -18.77
N LYS C 8 7.99 -45.42 -19.15
CA LYS C 8 8.86 -46.59 -19.19
C LYS C 8 8.26 -47.70 -20.07
N ASP C 9 9.11 -48.27 -20.94
CA ASP C 9 8.78 -49.43 -21.79
C ASP C 9 7.49 -49.21 -22.55
N GLY C 10 7.38 -48.07 -23.22
CA GLY C 10 6.18 -47.85 -24.04
C GLY C 10 4.89 -47.58 -23.30
N ARG C 11 4.97 -47.38 -22.00
CA ARG C 11 3.81 -46.92 -21.25
C ARG C 11 4.10 -45.68 -20.42
N ILE C 12 3.06 -44.93 -20.18
CA ILE C 12 3.12 -43.75 -19.36
C ILE C 12 2.12 -43.87 -18.24
N ALA C 13 2.51 -43.48 -17.05
CA ALA C 13 1.59 -43.58 -15.90
C ALA C 13 1.68 -42.31 -15.05
N ILE C 14 0.59 -42.05 -14.35
CA ILE C 14 0.51 -40.89 -13.46
C ILE C 14 -0.23 -41.30 -12.16
N ALA C 15 0.22 -40.80 -11.02
CA ALA C 15 -0.34 -41.25 -9.74
C ALA C 15 -0.44 -40.12 -8.74
N ALA C 16 -1.31 -40.29 -7.75
CA ALA C 16 -1.44 -39.31 -6.70
C ALA C 16 -1.90 -39.97 -5.43
N ASP C 17 -1.63 -39.32 -4.30
CA ASP C 17 -2.21 -39.79 -3.04
C ASP C 17 -3.63 -39.23 -2.96
N THR C 18 -4.32 -39.51 -1.84
CA THR C 18 -5.76 -39.18 -1.76
C THR C 18 -6.12 -38.46 -0.48
N LEU C 19 -5.11 -38.00 0.24
CA LEU C 19 -5.36 -37.40 1.55
C LEU C 19 -5.52 -35.90 1.41
N THR C 20 -6.56 -35.36 2.03
CA THR C 20 -6.73 -33.94 2.10
C THR C 20 -6.37 -33.44 3.50
N LYS C 21 -5.72 -32.28 3.58
CA LYS C 21 -5.33 -31.76 4.87
C LYS C 21 -6.05 -30.50 5.08
N TRP C 22 -6.41 -30.27 6.33
CA TRP C 22 -6.96 -29.00 6.77
C TRP C 22 -6.23 -28.67 8.07
N GLY C 23 -5.11 -28.00 7.96
CA GLY C 23 -4.26 -27.82 9.10
C GLY C 23 -3.57 -29.14 9.38
N GLY C 24 -3.58 -29.55 10.65
CA GLY C 24 -3.10 -30.85 11.06
C GLY C 24 -4.22 -31.85 10.97
N GLY C 25 -5.43 -31.40 10.62
CA GLY C 25 -6.54 -32.28 10.37
C GLY C 25 -6.32 -33.15 9.11
N LYS C 26 -6.65 -34.42 9.21
CA LYS C 26 -6.66 -35.29 8.08
C LYS C 26 -8.08 -35.58 7.61
N GLU C 27 -8.32 -35.41 6.32
CA GLU C 27 -9.56 -35.83 5.67
C GLU C 27 -9.21 -36.94 4.69
N SER C 28 -9.25 -38.20 5.17
CA SER C 28 -8.84 -39.33 4.30
C SER C 28 -9.88 -39.66 3.25
N ALA C 29 -9.53 -40.50 2.28
CA ALA C 29 -10.51 -40.96 1.22
C ALA C 29 -11.69 -41.73 1.78
N ASP C 30 -11.54 -42.24 2.99
CA ASP C 30 -12.56 -42.93 3.68
C ASP C 30 -13.71 -41.96 4.07
N TYR C 31 -13.41 -40.66 4.25
CA TYR C 31 -14.42 -39.65 4.64
C TYR C 31 -14.81 -38.72 3.52
N VAL C 32 -13.95 -38.57 2.53
CA VAL C 32 -14.25 -37.67 1.44
C VAL C 32 -14.47 -38.45 0.16
N ALA C 33 -15.66 -38.37 -0.39
CA ALA C 33 -16.04 -39.11 -1.61
C ALA C 33 -15.26 -38.60 -2.78
N ASN C 34 -15.14 -37.27 -2.92
CA ASN C 34 -14.40 -36.70 -4.06
C ASN C 34 -12.94 -36.37 -3.78
N HIS C 35 -12.21 -37.44 -3.48
CA HIS C 35 -10.84 -37.36 -3.02
C HIS C 35 -9.79 -37.47 -4.14
N GLU C 36 -10.23 -37.54 -5.38
CA GLU C 36 -9.30 -37.78 -6.49
C GLU C 36 -8.57 -36.44 -6.73
N LYS C 37 -7.25 -36.45 -6.87
CA LYS C 37 -6.46 -35.27 -7.23
C LYS C 37 -6.04 -35.19 -8.73
N ILE C 38 -6.43 -36.18 -9.52
CA ILE C 38 -6.13 -36.22 -10.93
C ILE C 38 -7.40 -35.99 -11.69
N ILE C 39 -7.37 -35.10 -12.65
CA ILE C 39 -8.53 -34.91 -13.49
C ILE C 39 -8.21 -35.24 -14.93
N ARG C 40 -9.23 -35.56 -15.74
CA ARG C 40 -9.05 -35.79 -17.17
C ARG C 40 -9.32 -34.52 -17.95
N VAL C 41 -8.48 -34.20 -18.91
CA VAL C 41 -8.70 -33.03 -19.73
C VAL C 41 -8.29 -33.43 -21.13
N GLY C 42 -9.27 -33.60 -22.02
CA GLY C 42 -9.05 -34.30 -23.27
C GLY C 42 -8.53 -35.67 -22.98
N ASP C 43 -7.56 -36.10 -23.78
CA ASP C 43 -6.86 -37.34 -23.47
C ASP C 43 -5.60 -37.14 -22.59
N SER C 44 -5.51 -36.04 -21.84
CA SER C 44 -4.48 -35.86 -20.84
C SER C 44 -5.03 -36.06 -19.45
N TYR C 45 -4.13 -36.44 -18.54
CA TYR C 45 -4.46 -36.50 -17.11
C TYR C 45 -3.66 -35.43 -16.43
N VAL C 46 -4.30 -34.74 -15.51
CA VAL C 46 -3.64 -33.62 -14.80
C VAL C 46 -3.71 -33.84 -13.31
N ALA C 47 -2.56 -34.06 -12.73
CA ALA C 47 -2.44 -34.31 -11.29
C ALA C 47 -2.00 -33.01 -10.59
N ILE C 48 -2.74 -32.61 -9.58
CA ILE C 48 -2.68 -31.28 -9.03
C ILE C 48 -2.17 -31.24 -7.59
N THR C 49 -1.29 -30.29 -7.29
CA THR C 49 -0.86 -30.04 -5.90
C THR C 49 -1.20 -28.62 -5.60
N GLY C 50 -1.42 -28.30 -4.35
CA GLY C 50 -1.84 -26.96 -4.03
C GLY C 50 -3.17 -27.01 -3.36
N SER C 51 -3.82 -25.87 -3.27
CA SER C 51 -5.15 -25.83 -2.70
C SER C 51 -6.09 -26.79 -3.36
N ALA C 52 -6.87 -27.48 -2.56
CA ALA C 52 -7.89 -28.46 -3.09
C ALA C 52 -8.89 -27.80 -4.01
N THR C 53 -9.13 -26.51 -3.86
CA THR C 53 -10.01 -25.82 -4.78
C THR C 53 -9.55 -25.88 -6.26
N PHE C 54 -8.26 -25.98 -6.53
CA PHE C 54 -7.82 -25.94 -7.90
C PHE C 54 -8.32 -27.14 -8.72
N LYS C 55 -8.45 -28.32 -8.12
CA LYS C 55 -9.12 -29.46 -8.79
C LYS C 55 -10.41 -28.96 -9.47
N LEU C 56 -11.28 -28.28 -8.73
CA LEU C 56 -12.57 -27.85 -9.27
C LEU C 56 -12.50 -26.68 -10.22
N ILE C 57 -11.59 -25.76 -9.97
CA ILE C 57 -11.36 -24.66 -10.88
C ILE C 57 -10.91 -25.14 -12.26
N LEU C 58 -9.90 -25.99 -12.32
CA LEU C 58 -9.45 -26.45 -13.60
C LEU C 58 -10.53 -27.22 -14.31
N ALA C 59 -11.25 -28.07 -13.58
CA ALA C 59 -12.33 -28.84 -14.22
C ALA C 59 -13.37 -27.91 -14.88
N ASP C 60 -13.81 -26.89 -14.13
CA ASP C 60 -14.76 -25.92 -14.61
C ASP C 60 -14.19 -25.10 -15.77
N TYR C 61 -12.90 -24.73 -15.66
CA TYR C 61 -12.30 -23.87 -16.64
C TYR C 61 -12.18 -24.59 -17.96
N PHE C 62 -11.65 -25.80 -17.91
CA PHE C 62 -11.34 -26.51 -19.14
C PHE C 62 -12.63 -26.92 -19.80
N ALA C 63 -13.60 -27.34 -18.99
CA ALA C 63 -14.99 -27.58 -19.46
C ALA C 63 -15.59 -26.40 -20.21
N SER C 64 -15.25 -25.18 -19.81
CA SER C 64 -15.85 -24.02 -20.43
C SER C 64 -15.23 -23.60 -21.76
N LEU C 65 -14.13 -24.21 -22.18
CA LEU C 65 -13.55 -23.84 -23.45
C LEU C 65 -14.29 -24.48 -24.63
N ASP C 66 -14.19 -23.89 -25.82
CA ASP C 66 -14.79 -24.45 -27.05
C ASP C 66 -14.46 -25.90 -27.26
N GLU C 67 -13.19 -26.27 -27.27
CA GLU C 67 -12.80 -27.69 -27.12
C GLU C 67 -11.67 -27.83 -26.10
N PRO C 68 -11.40 -29.07 -25.62
CA PRO C 68 -10.32 -29.14 -24.68
C PRO C 68 -8.95 -28.87 -25.40
N PRO C 69 -7.94 -28.49 -24.63
CA PRO C 69 -6.72 -27.96 -25.21
C PRO C 69 -5.75 -29.03 -25.54
N GLN C 70 -4.80 -28.77 -26.44
CA GLN C 70 -3.74 -29.75 -26.68
C GLN C 70 -2.65 -29.48 -25.64
N LEU C 71 -2.31 -30.53 -24.89
CA LEU C 71 -1.36 -30.48 -23.81
C LEU C 71 -0.23 -31.46 -24.10
N ASP C 72 0.28 -31.45 -25.31
CA ASP C 72 1.22 -32.47 -25.75
C ASP C 72 2.56 -31.94 -26.24
N SER C 73 2.85 -30.68 -26.02
CA SER C 73 4.18 -30.20 -26.20
C SER C 73 4.44 -29.11 -25.17
N VAL C 74 5.70 -28.86 -24.91
CA VAL C 74 6.07 -27.84 -23.98
C VAL C 74 5.50 -26.48 -24.37
N ALA C 75 5.61 -26.09 -25.66
CA ALA C 75 5.10 -24.76 -26.09
C ALA C 75 3.61 -24.65 -25.96
N ARG C 76 2.93 -25.73 -26.30
CA ARG C 76 1.49 -25.73 -26.18
C ARG C 76 0.98 -25.64 -24.75
N ILE C 77 1.58 -26.40 -23.85
CA ILE C 77 1.23 -26.34 -22.45
C ILE C 77 1.52 -24.94 -21.88
N PHE C 78 2.62 -24.35 -22.29
CA PHE C 78 2.90 -23.00 -21.90
C PHE C 78 1.80 -22.02 -22.26
N CYS C 79 1.29 -22.04 -23.48
CA CYS C 79 0.22 -21.09 -23.87
C CYS C 79 -1.03 -21.33 -23.07
N VAL C 80 -1.38 -22.60 -22.96
CA VAL C 80 -2.57 -22.95 -22.20
C VAL C 80 -2.47 -22.35 -20.81
N TRP C 81 -1.32 -22.54 -20.19
CA TRP C 81 -1.18 -22.07 -18.80
C TRP C 81 -1.09 -20.56 -18.66
N ASN C 82 -0.47 -19.90 -19.63
CA ASN C 82 -0.42 -18.44 -19.58
C ASN C 82 -1.82 -17.84 -19.69
N THR C 83 -2.69 -18.48 -20.45
CA THR C 83 -4.05 -18.00 -20.59
C THR C 83 -4.84 -18.28 -19.33
N LEU C 84 -4.70 -19.53 -18.88
CA LEU C 84 -5.31 -19.98 -17.64
C LEU C 84 -5.03 -19.04 -16.48
N HIS C 85 -3.79 -18.59 -16.37
CA HIS C 85 -3.43 -17.75 -15.27
C HIS C 85 -4.31 -16.50 -15.26
N GLY C 86 -4.48 -15.90 -16.44
CA GLY C 86 -5.33 -14.72 -16.55
C GLY C 86 -6.75 -14.99 -16.05
N ALA C 87 -7.23 -16.19 -16.36
CA ALA C 87 -8.57 -16.58 -15.98
C ALA C 87 -8.67 -16.85 -14.50
N LEU C 88 -7.67 -17.49 -13.91
CA LEU C 88 -7.64 -17.62 -12.47
C LEU C 88 -7.83 -16.28 -11.79
N LYS C 89 -7.19 -15.26 -12.33
CA LYS C 89 -7.30 -13.93 -11.76
C LYS C 89 -8.64 -13.29 -12.05
N GLU C 90 -9.11 -13.30 -13.30
CA GLU C 90 -10.37 -12.57 -13.69
C GLU C 90 -11.63 -13.28 -13.17
N HIS C 91 -11.69 -14.62 -13.14
N HIS C 91 -11.67 -14.60 -13.14
CA HIS C 91 -12.94 -15.35 -12.82
CA HIS C 91 -12.89 -15.31 -12.91
C HIS C 91 -12.90 -16.12 -11.52
C HIS C 91 -12.88 -16.14 -11.58
N TYR C 92 -11.73 -16.54 -11.06
CA TYR C 92 -11.67 -17.49 -9.92
C TYR C 92 -11.03 -16.97 -8.62
N TYR C 93 -10.71 -15.67 -8.60
CA TYR C 93 -10.28 -14.97 -7.42
C TYR C 93 -8.92 -15.38 -6.85
N LEU C 94 -7.98 -15.73 -7.72
CA LEU C 94 -6.57 -15.84 -7.34
C LEU C 94 -5.98 -14.47 -7.08
N GLN C 95 -4.95 -14.33 -6.22
CA GLN C 95 -4.45 -12.97 -5.86
C GLN C 95 -3.31 -12.19 -6.67
N ASP C 103 9.33 -12.53 -8.63
CA ASP C 103 9.45 -12.06 -10.03
C ASP C 103 8.26 -12.10 -11.06
N LEU C 104 8.00 -13.25 -11.63
CA LEU C 104 6.70 -13.54 -12.26
C LEU C 104 5.59 -13.90 -11.25
N GLU C 105 4.32 -13.60 -11.55
CA GLU C 105 3.19 -13.96 -10.67
C GLU C 105 3.09 -15.45 -10.52
N SER C 106 2.53 -15.98 -9.45
CA SER C 106 2.45 -17.43 -9.26
C SER C 106 1.04 -17.89 -9.49
N SER C 107 0.88 -19.04 -10.13
CA SER C 107 -0.44 -19.65 -10.30
C SER C 107 -0.78 -20.51 -9.10
N ARG C 108 0.19 -20.67 -8.19
CA ARG C 108 0.00 -21.36 -6.91
C ARG C 108 -0.38 -22.83 -6.97
N MSE C 109 0.03 -23.50 -8.00
CA MSE C 109 -0.23 -24.90 -8.10
C MSE C 109 0.88 -25.47 -8.90
O MSE C 109 1.42 -24.83 -9.83
CB MSE C 109 -1.59 -25.15 -8.71
CG MSE C 109 -1.57 -24.79 -10.20
SE MSE C 109 -3.32 -25.19 -11.01
CE MSE C 109 -3.77 -23.31 -11.28
N ASP C 110 1.23 -26.70 -8.58
CA ASP C 110 2.16 -27.44 -9.43
C ASP C 110 1.40 -28.66 -9.94
N VAL C 111 1.53 -28.94 -11.23
CA VAL C 111 0.84 -30.05 -11.80
C VAL C 111 1.76 -30.89 -12.65
N LEU C 112 1.44 -32.16 -12.70
CA LEU C 112 1.99 -33.07 -13.68
C LEU C 112 0.90 -33.37 -14.72
N ILE C 113 1.34 -33.50 -15.96
CA ILE C 113 0.45 -33.77 -17.08
C ILE C 113 0.95 -34.97 -17.87
N ALA C 114 0.09 -36.00 -17.99
CA ALA C 114 0.42 -37.19 -18.74
C ALA C 114 -0.49 -37.28 -19.92
N ASN C 115 0.06 -37.48 -21.10
CA ASN C 115 -0.73 -38.03 -22.20
C ASN C 115 0.10 -38.95 -23.08
N PRO C 116 -0.51 -39.54 -24.09
CA PRO C 116 0.28 -40.48 -24.85
C PRO C 116 1.51 -39.92 -25.57
N ARG C 117 1.55 -38.62 -25.83
CA ARG C 117 2.67 -38.02 -26.54
C ARG C 117 3.79 -37.66 -25.60
N GLY C 118 3.66 -37.84 -24.31
CA GLY C 118 4.74 -37.45 -23.37
C GLY C 118 4.35 -37.16 -21.92
N ILE C 119 5.34 -36.94 -21.08
CA ILE C 119 5.09 -36.58 -19.66
C ILE C 119 5.69 -35.24 -19.29
N PHE C 120 4.89 -34.43 -18.64
CA PHE C 120 5.22 -33.06 -18.47
C PHE C 120 4.92 -32.60 -17.04
N GLY C 121 5.44 -31.42 -16.71
CA GLY C 121 5.08 -30.75 -15.49
C GLY C 121 4.94 -29.26 -15.72
N VAL C 122 4.08 -28.62 -14.94
CA VAL C 122 4.03 -27.16 -14.88
C VAL C 122 4.09 -26.70 -13.44
N ALA C 123 5.10 -25.92 -13.14
CA ALA C 123 5.27 -25.44 -11.80
C ALA C 123 4.61 -24.10 -11.65
N ALA C 124 4.58 -23.59 -10.43
CA ALA C 124 3.70 -22.47 -10.13
C ALA C 124 4.05 -21.22 -10.86
N HIS C 125 5.29 -21.06 -11.29
CA HIS C 125 5.57 -19.87 -12.08
C HIS C 125 5.60 -20.14 -13.56
N ARG C 126 4.78 -21.10 -13.97
CA ARG C 126 4.63 -21.51 -15.38
C ARG C 126 5.88 -22.05 -16.07
N THR C 127 6.77 -22.63 -15.28
CA THR C 127 7.86 -23.34 -15.86
C THR C 127 7.36 -24.68 -16.32
N VAL C 128 7.39 -24.91 -17.61
CA VAL C 128 6.89 -26.14 -18.19
C VAL C 128 8.06 -27.01 -18.52
N GLN C 129 8.06 -28.23 -18.03
CA GLN C 129 9.16 -29.14 -18.32
C GLN C 129 8.65 -30.43 -18.94
N GLU C 130 9.43 -31.00 -19.83
CA GLU C 130 9.14 -32.32 -20.29
C GLU C 130 10.12 -33.24 -19.59
N PHE C 131 9.61 -34.35 -19.04
CA PHE C 131 10.44 -35.32 -18.34
C PHE C 131 10.76 -36.56 -19.20
N SER C 132 11.93 -37.11 -18.96
CA SER C 132 12.42 -38.18 -19.79
C SER C 132 12.30 -39.54 -19.14
N LYS C 133 12.25 -39.63 -17.81
CA LYS C 133 11.99 -40.92 -17.14
C LYS C 133 10.86 -40.85 -16.08
N PHE C 134 11.10 -40.09 -15.02
CA PHE C 134 10.07 -39.87 -14.04
C PHE C 134 10.28 -38.59 -13.28
N TYR C 135 9.23 -38.14 -12.61
CA TYR C 135 9.32 -37.01 -11.72
C TYR C 135 8.17 -36.97 -10.73
N ALA C 136 8.24 -36.08 -9.74
CA ALA C 136 7.20 -35.95 -8.71
C ALA C 136 7.11 -34.54 -8.22
N TYR C 137 5.88 -34.08 -7.96
CA TYR C 137 5.62 -32.75 -7.37
C TYR C 137 4.84 -32.94 -6.11
N GLY C 138 4.73 -31.89 -5.32
CA GLY C 138 4.07 -31.97 -4.01
C GLY C 138 5.09 -32.06 -2.89
N SER C 139 4.64 -31.85 -1.66
CA SER C 139 5.52 -31.91 -0.51
C SER C 139 6.09 -33.28 -0.27
N GLY C 140 5.45 -34.34 -0.76
CA GLY C 140 6.02 -35.69 -0.61
C GLY C 140 7.07 -36.04 -1.64
N SER C 141 7.46 -35.08 -2.40
CA SER C 141 8.09 -35.34 -3.68
C SER C 141 9.48 -35.95 -3.54
N PRO C 142 10.26 -35.48 -2.61
CA PRO C 142 11.57 -36.11 -2.51
C PRO C 142 11.56 -37.60 -2.09
N TYR C 143 10.57 -38.00 -1.29
CA TYR C 143 10.49 -39.38 -0.88
C TYR C 143 10.17 -40.17 -2.13
N ALA C 144 9.24 -39.64 -2.91
CA ALA C 144 8.83 -40.33 -4.13
C ALA C 144 9.96 -40.44 -5.13
N LEU C 145 10.76 -39.39 -5.25
CA LEU C 145 11.87 -39.40 -6.18
C LEU C 145 12.86 -40.49 -5.81
N GLY C 146 13.13 -40.63 -4.51
CA GLY C 146 14.09 -41.62 -4.08
C GLY C 146 13.61 -43.04 -4.37
N ALA C 147 12.37 -43.30 -4.01
CA ALA C 147 11.82 -44.58 -4.26
C ALA C 147 11.87 -44.91 -5.77
N MSE C 148 11.51 -43.95 -6.60
CA MSE C 148 11.43 -44.23 -8.03
C MSE C 148 12.83 -44.37 -8.58
O MSE C 148 13.07 -45.13 -9.51
CB MSE C 148 10.59 -43.16 -8.78
CG MSE C 148 9.13 -43.27 -8.30
SE MSE C 148 7.91 -42.11 -9.32
CE MSE C 148 8.67 -40.36 -8.75
N TYR C 149 13.77 -43.60 -8.06
CA TYR C 149 15.15 -43.80 -8.46
C TYR C 149 15.55 -45.24 -8.18
N ALA C 150 15.17 -45.80 -7.06
CA ALA C 150 15.59 -47.14 -6.74
C ALA C 150 14.91 -48.16 -7.61
N ALA C 151 13.69 -47.91 -8.02
CA ALA C 151 12.86 -48.93 -8.68
C ALA C 151 12.78 -48.80 -10.18
N TYR C 152 13.20 -47.67 -10.74
CA TYR C 152 12.92 -47.39 -12.16
C TYR C 152 13.48 -48.42 -13.12
N ARG C 153 14.68 -48.95 -12.82
CA ARG C 153 15.30 -49.98 -13.70
C ARG C 153 14.96 -51.41 -13.29
N ALA C 154 14.16 -51.61 -12.25
CA ALA C 154 13.70 -52.96 -11.94
C ALA C 154 12.92 -53.50 -13.13
N PRO C 155 13.35 -54.65 -13.67
CA PRO C 155 12.65 -55.09 -14.88
C PRO C 155 11.24 -55.65 -14.60
N SER C 156 10.92 -56.03 -13.37
CA SER C 156 9.57 -56.46 -13.04
C SER C 156 8.55 -55.38 -12.68
N LEU C 157 8.90 -54.10 -12.79
CA LEU C 157 7.99 -53.03 -12.38
C LEU C 157 7.64 -52.12 -13.55
N ASP C 158 6.38 -52.12 -14.00
CA ASP C 158 6.00 -51.34 -15.14
C ASP C 158 5.86 -49.87 -14.72
N ALA C 159 5.59 -49.00 -15.67
CA ALA C 159 5.53 -47.58 -15.35
C ALA C 159 4.54 -47.30 -14.25
N GLU C 160 3.41 -48.01 -14.24
CA GLU C 160 2.39 -47.67 -13.25
C GLU C 160 2.83 -48.15 -11.86
N ALA C 161 3.47 -49.30 -11.76
CA ALA C 161 3.98 -49.74 -10.44
C ALA C 161 4.93 -48.71 -9.84
N VAL C 162 5.82 -48.17 -10.70
CA VAL C 162 6.83 -47.24 -10.24
C VAL C 162 6.18 -45.95 -9.78
N ALA C 163 5.24 -45.46 -10.56
CA ALA C 163 4.48 -44.25 -10.19
C ALA C 163 3.79 -44.40 -8.83
N ARG C 164 3.15 -45.53 -8.62
CA ARG C 164 2.48 -45.78 -7.38
C ARG C 164 3.39 -46.00 -6.20
N LEU C 165 4.56 -46.57 -6.47
CA LEU C 165 5.52 -46.80 -5.43
C LEU C 165 6.02 -45.47 -4.87
N GLY C 166 6.18 -44.53 -5.77
CA GLY C 166 6.57 -43.18 -5.38
C GLY C 166 5.60 -42.63 -4.37
N VAL C 167 4.31 -42.76 -4.63
CA VAL C 167 3.30 -42.19 -3.74
C VAL C 167 3.26 -42.92 -2.43
N MSE C 168 3.43 -44.23 -2.48
CA MSE C 168 3.47 -45.01 -1.25
C MSE C 168 4.60 -44.63 -0.33
O MSE C 168 4.45 -44.56 0.90
CB MSE C 168 3.59 -46.46 -1.54
CG MSE C 168 2.30 -46.98 -2.20
SE MSE C 168 2.64 -48.79 -2.93
CE MSE C 168 2.50 -49.51 -1.08
N ALA C 169 5.76 -44.36 -0.91
CA ALA C 169 6.95 -43.97 -0.14
C ALA C 169 6.72 -42.68 0.58
N ALA C 170 6.10 -41.73 -0.11
CA ALA C 170 5.74 -40.46 0.52
C ALA C 170 4.71 -40.63 1.64
N ALA C 171 3.70 -41.46 1.40
CA ALA C 171 2.69 -41.64 2.43
C ALA C 171 3.30 -42.37 3.63
N GLU C 172 4.35 -43.17 3.40
CA GLU C 172 4.99 -43.89 4.49
C GLU C 172 5.64 -42.95 5.46
N PHE C 173 6.26 -41.89 4.97
CA PHE C 173 7.11 -41.04 5.79
C PHE C 173 6.68 -39.59 5.96
N HIS C 174 5.64 -39.15 5.28
CA HIS C 174 5.32 -37.74 5.33
C HIS C 174 3.86 -37.47 5.63
N ASP C 175 3.60 -36.48 6.48
CA ASP C 175 2.26 -36.26 7.05
C ASP C 175 1.24 -35.52 6.19
N GLU C 176 1.63 -35.25 4.97
CA GLU C 176 0.76 -34.61 4.02
C GLU C 176 0.36 -35.55 2.90
N SER C 177 0.73 -36.81 2.98
CA SER C 177 0.33 -37.77 1.97
C SER C 177 -0.32 -38.99 2.60
N GLY C 178 -1.29 -39.54 1.94
CA GLY C 178 -2.03 -40.67 2.49
C GLY C 178 -2.57 -41.62 1.48
N LEU C 179 -2.58 -42.91 1.85
CA LEU C 179 -3.15 -43.93 0.96
C LEU C 179 -4.66 -43.89 1.06
N PRO C 180 -5.36 -44.49 0.12
CA PRO C 180 -4.92 -45.14 -1.11
C PRO C 180 -4.29 -44.21 -2.15
N VAL C 181 -3.65 -44.84 -3.12
CA VAL C 181 -3.09 -44.21 -4.29
C VAL C 181 -4.08 -44.32 -5.44
N GLN C 182 -4.31 -43.26 -6.18
CA GLN C 182 -5.09 -43.27 -7.37
C GLN C 182 -4.07 -43.17 -8.53
N SER C 183 -4.22 -43.97 -9.56
CA SER C 183 -3.29 -43.93 -10.70
C SER C 183 -3.94 -44.22 -12.06
N PHE C 184 -3.30 -43.82 -13.13
CA PHE C 184 -3.78 -44.12 -14.48
C PHE C 184 -2.59 -44.47 -15.36
N VAL C 185 -2.88 -45.23 -16.42
CA VAL C 185 -1.82 -45.72 -17.31
C VAL C 185 -2.28 -45.64 -18.74
N MSE C 186 -1.34 -45.36 -19.64
CA MSE C 186 -1.66 -45.31 -21.04
C MSE C 186 -0.50 -45.75 -21.91
O MSE C 186 0.62 -45.84 -21.40
CB MSE C 186 -2.14 -43.93 -21.38
CG MSE C 186 -1.00 -42.96 -21.33
SE MSE C 186 -1.57 -41.16 -20.70
CE MSE C 186 -1.82 -41.70 -18.84
N GLU C 187 -0.77 -46.14 -23.15
CA GLU C 187 0.30 -46.51 -24.06
C GLU C 187 0.87 -45.26 -24.66
N LEU C 188 2.17 -45.25 -24.72
CA LEU C 188 2.91 -44.19 -25.40
C LEU C 188 2.47 -44.19 -26.86
N SER C 189 2.26 -43.08 -27.54
CA SER C 189 1.85 -43.21 -28.96
C SER C 189 3.05 -43.39 -29.94
N PRO C 190 2.83 -43.82 -31.21
CA PRO C 190 4.00 -43.85 -32.21
C PRO C 190 4.09 -42.63 -33.22
N THR D 1 22.93 -21.31 -12.67
CA THR D 1 23.19 -21.34 -14.16
C THR D 1 24.51 -20.70 -14.37
N THR D 2 25.21 -21.22 -15.37
CA THR D 2 26.31 -20.48 -15.94
C THR D 2 26.09 -20.40 -17.44
N VAL D 3 26.22 -19.21 -17.99
CA VAL D 3 26.29 -19.03 -19.45
C VAL D 3 27.52 -18.22 -19.82
N THR D 4 28.15 -18.57 -20.92
CA THR D 4 29.40 -17.95 -21.32
C THR D 4 29.38 -17.63 -22.80
N ILE D 5 30.26 -16.71 -23.16
CA ILE D 5 30.34 -16.24 -24.49
C ILE D 5 31.76 -15.79 -24.73
N VAL D 6 32.27 -16.14 -25.90
CA VAL D 6 33.67 -15.92 -26.28
C VAL D 6 33.77 -15.53 -27.73
N ARG D 7 34.76 -14.72 -28.02
CA ARG D 7 35.07 -14.24 -29.38
C ARG D 7 36.57 -14.34 -29.52
N LYS D 8 37.04 -15.15 -30.45
CA LYS D 8 38.47 -15.40 -30.58
C LYS D 8 38.82 -15.98 -31.95
N ASP D 9 39.84 -15.40 -32.59
CA ASP D 9 40.40 -15.88 -33.87
C ASP D 9 39.33 -16.07 -34.92
N GLY D 10 38.49 -15.08 -35.10
CA GLY D 10 37.49 -15.17 -36.17
C GLY D 10 36.33 -16.10 -35.91
N ARG D 11 36.22 -16.62 -34.71
CA ARG D 11 35.06 -17.35 -34.31
C ARG D 11 34.41 -16.85 -33.07
N ILE D 12 33.12 -17.10 -32.98
CA ILE D 12 32.31 -16.73 -31.84
C ILE D 12 31.65 -17.96 -31.30
N ALA D 13 31.65 -18.10 -29.99
CA ALA D 13 30.98 -19.24 -29.37
C ALA D 13 30.16 -18.83 -28.17
N ILE D 14 29.16 -19.65 -27.85
CA ILE D 14 28.32 -19.43 -26.70
C ILE D 14 28.09 -20.76 -26.01
N ALA D 15 28.02 -20.77 -24.68
CA ALA D 15 27.79 -22.04 -23.98
C ALA D 15 26.91 -21.89 -22.75
N ALA D 16 26.37 -22.99 -22.29
CA ALA D 16 25.57 -22.98 -21.06
C ALA D 16 25.62 -24.31 -20.36
N ASP D 17 25.33 -24.32 -19.06
CA ASP D 17 25.16 -25.58 -18.38
C ASP D 17 23.74 -26.06 -18.63
N THR D 18 23.36 -27.19 -18.02
CA THR D 18 22.05 -27.84 -18.31
C THR D 18 21.28 -28.23 -17.07
N LEU D 19 21.68 -27.72 -15.93
CA LEU D 19 21.06 -28.12 -14.68
C LEU D 19 19.94 -27.16 -14.30
N THR D 20 18.80 -27.72 -13.93
CA THR D 20 17.71 -26.92 -13.42
C THR D 20 17.57 -27.13 -11.91
N LYS D 21 17.29 -26.08 -11.17
CA LYS D 21 17.19 -26.20 -9.74
C LYS D 21 15.77 -25.89 -9.33
N TRP D 22 15.31 -26.59 -8.33
CA TRP D 22 14.07 -26.24 -7.68
C TRP D 22 14.37 -26.30 -6.17
N GLY D 23 14.76 -25.18 -5.59
CA GLY D 23 15.24 -25.18 -4.24
C GLY D 23 16.60 -25.78 -4.23
N GLY D 24 16.81 -26.71 -3.30
CA GLY D 24 18.01 -27.52 -3.31
C GLY D 24 17.91 -28.72 -4.21
N GLY D 25 16.72 -28.95 -4.76
CA GLY D 25 16.45 -30.06 -5.68
C GLY D 25 17.15 -29.85 -7.02
N LYS D 26 17.73 -30.93 -7.54
CA LYS D 26 18.41 -30.89 -8.80
C LYS D 26 17.63 -31.64 -9.82
N GLU D 27 17.40 -30.99 -10.97
CA GLU D 27 16.75 -31.59 -12.10
C GLU D 27 17.75 -31.60 -13.22
N SER D 28 18.56 -32.68 -13.27
CA SER D 28 19.66 -32.75 -14.27
C SER D 28 19.12 -33.02 -15.69
N ALA D 29 19.97 -32.89 -16.71
CA ALA D 29 19.57 -33.17 -18.11
C ALA D 29 19.19 -34.61 -18.36
N ASP D 30 19.58 -35.47 -17.47
CA ASP D 30 19.24 -36.86 -17.50
C ASP D 30 17.72 -37.04 -17.16
N TYR D 31 17.08 -36.11 -16.44
CA TYR D 31 15.62 -36.21 -16.08
C TYR D 31 14.76 -35.22 -16.81
N VAL D 32 15.36 -34.15 -17.31
CA VAL D 32 14.57 -33.15 -18.01
C VAL D 32 14.94 -33.07 -19.44
N ALA D 33 13.98 -33.34 -20.29
CA ALA D 33 14.24 -33.44 -21.75
C ALA D 33 14.56 -32.11 -22.32
N ASN D 34 13.80 -31.11 -21.92
CA ASN D 34 14.02 -29.75 -22.45
C ASN D 34 14.90 -28.87 -21.54
N HIS D 35 16.14 -29.34 -21.38
CA HIS D 35 17.09 -28.76 -20.49
C HIS D 35 17.94 -27.68 -21.12
N GLU D 36 17.73 -27.35 -22.40
CA GLU D 36 18.63 -26.44 -23.13
C GLU D 36 18.30 -25.03 -22.62
N LYS D 37 19.31 -24.23 -22.29
CA LYS D 37 19.15 -22.84 -21.87
C LYS D 37 19.49 -21.81 -22.94
N ILE D 38 19.88 -22.28 -24.11
CA ILE D 38 20.15 -21.42 -25.26
C ILE D 38 19.03 -21.59 -26.28
N ILE D 39 18.47 -20.50 -26.77
CA ILE D 39 17.50 -20.56 -27.83
C ILE D 39 18.03 -19.82 -29.06
N ARG D 40 17.49 -20.15 -30.23
CA ARG D 40 17.82 -19.48 -31.48
C ARG D 40 16.78 -18.40 -31.77
N VAL D 41 17.22 -17.22 -32.20
CA VAL D 41 16.32 -16.15 -32.53
C VAL D 41 16.96 -15.48 -33.71
N GLY D 42 16.37 -15.64 -34.90
CA GLY D 42 17.04 -15.31 -36.14
C GLY D 42 18.33 -16.09 -36.21
N ASP D 43 19.38 -15.44 -36.70
CA ASP D 43 20.74 -16.03 -36.65
C ASP D 43 21.51 -15.69 -35.35
N SER D 44 20.83 -15.31 -34.27
CA SER D 44 21.45 -15.12 -32.97
C SER D 44 21.13 -16.29 -32.08
N TYR D 45 22.01 -16.52 -31.11
CA TYR D 45 21.76 -17.46 -30.04
C TYR D 45 21.63 -16.67 -28.76
N VAL D 46 20.64 -17.04 -27.96
CA VAL D 46 20.38 -16.33 -26.75
C VAL D 46 20.44 -17.28 -25.58
N ALA D 47 21.40 -17.05 -24.68
CA ALA D 47 21.59 -17.87 -23.51
C ALA D 47 21.00 -17.17 -22.31
N ILE D 48 20.15 -17.86 -21.56
CA ILE D 48 19.29 -17.25 -20.56
C ILE D 48 19.61 -17.68 -19.12
N THR D 49 19.64 -16.72 -18.18
CA THR D 49 19.74 -17.02 -16.76
C THR D 49 18.56 -16.43 -16.07
N GLY D 50 18.15 -16.98 -14.95
CA GLY D 50 16.95 -16.52 -14.31
C GLY D 50 15.97 -17.62 -14.18
N SER D 51 14.73 -17.29 -13.91
CA SER D 51 13.69 -18.28 -13.91
C SER D 51 13.66 -19.09 -15.20
N ALA D 52 13.49 -20.40 -15.06
CA ALA D 52 13.36 -21.28 -16.23
C ALA D 52 12.21 -20.91 -17.15
N THR D 53 11.19 -20.26 -16.61
CA THR D 53 10.09 -19.81 -17.44
C THR D 53 10.50 -18.84 -18.57
N PHE D 54 11.56 -18.09 -18.40
CA PHE D 54 11.93 -17.13 -19.42
C PHE D 54 12.36 -17.74 -20.74
N LYS D 55 13.02 -18.90 -20.71
CA LYS D 55 13.28 -19.70 -21.97
C LYS D 55 12.01 -19.72 -22.82
N LEU D 56 10.90 -20.13 -22.22
CA LEU D 56 9.67 -20.28 -22.98
C LEU D 56 9.01 -18.97 -23.36
N ILE D 57 9.09 -17.99 -22.47
CA ILE D 57 8.53 -16.71 -22.77
C ILE D 57 9.20 -16.06 -23.95
N LEU D 58 10.51 -16.03 -23.94
CA LEU D 58 11.21 -15.44 -25.07
C LEU D 58 10.95 -16.19 -26.38
N ALA D 59 10.94 -17.50 -26.33
CA ALA D 59 10.62 -18.25 -27.51
C ALA D 59 9.23 -17.86 -28.09
N ASP D 60 8.20 -17.81 -27.23
CA ASP D 60 6.84 -17.45 -27.59
C ASP D 60 6.76 -16.02 -28.09
N TYR D 61 7.50 -15.14 -27.43
CA TYR D 61 7.44 -13.70 -27.73
C TYR D 61 8.06 -13.40 -29.07
N PHE D 62 9.25 -13.94 -29.28
CA PHE D 62 9.95 -13.65 -30.52
C PHE D 62 9.24 -14.30 -31.68
N ALA D 63 8.76 -15.54 -31.49
CA ALA D 63 7.90 -16.22 -32.45
C ALA D 63 6.71 -15.38 -32.87
N SER D 64 6.18 -14.57 -31.98
CA SER D 64 4.97 -13.83 -32.30
C SER D 64 5.21 -12.55 -33.08
N LEU D 65 6.44 -12.14 -33.28
CA LEU D 65 6.66 -10.90 -34.02
C LEU D 65 6.57 -11.14 -35.51
N ASP D 66 6.29 -10.08 -36.27
CA ASP D 66 6.28 -10.15 -37.75
C ASP D 66 7.51 -10.82 -38.35
N GLU D 67 8.70 -10.33 -38.06
CA GLU D 67 9.93 -11.09 -38.35
C GLU D 67 10.86 -11.06 -37.14
N PRO D 68 11.87 -11.95 -37.12
CA PRO D 68 12.67 -11.90 -35.91
C PRO D 68 13.47 -10.57 -35.89
N PRO D 69 13.91 -10.14 -34.73
CA PRO D 69 14.54 -8.86 -34.57
C PRO D 69 16.01 -8.84 -34.90
N GLN D 70 16.58 -7.68 -35.20
CA GLN D 70 18.02 -7.59 -35.37
C GLN D 70 18.64 -7.37 -34.00
N LEU D 71 19.58 -8.24 -33.65
CA LEU D 71 20.24 -8.23 -32.34
C LEU D 71 21.73 -8.09 -32.48
N ASP D 72 22.15 -7.16 -33.33
CA ASP D 72 23.56 -7.10 -33.78
C ASP D 72 24.21 -5.76 -33.52
N SER D 73 23.57 -4.92 -32.74
CA SER D 73 24.23 -3.74 -32.22
C SER D 73 23.62 -3.38 -30.87
N VAL D 74 24.42 -2.66 -30.08
CA VAL D 74 24.01 -2.32 -28.76
C VAL D 74 22.70 -1.54 -28.78
N ALA D 75 22.56 -0.55 -29.66
CA ALA D 75 21.32 0.25 -29.69
C ALA D 75 20.12 -0.62 -30.10
N ARG D 76 20.35 -1.53 -31.04
CA ARG D 76 19.26 -2.37 -31.50
C ARG D 76 18.75 -3.33 -30.47
N ILE D 77 19.68 -3.98 -29.78
CA ILE D 77 19.37 -4.86 -28.68
C ILE D 77 18.62 -4.10 -27.59
N PHE D 78 19.07 -2.89 -27.32
CA PHE D 78 18.34 -2.06 -26.37
C PHE D 78 16.86 -1.82 -26.70
N CYS D 79 16.53 -1.48 -27.93
CA CYS D 79 15.12 -1.26 -28.30
C CYS D 79 14.32 -2.52 -28.17
N VAL D 80 14.90 -3.60 -28.65
CA VAL D 80 14.23 -4.89 -28.61
C VAL D 80 13.89 -5.19 -27.16
N TRP D 81 14.87 -5.01 -26.27
CA TRP D 81 14.61 -5.30 -24.86
C TRP D 81 13.66 -4.31 -24.13
N ASN D 82 13.73 -3.03 -24.47
CA ASN D 82 12.79 -2.12 -23.88
C ASN D 82 11.34 -2.44 -24.24
N THR D 83 11.13 -2.89 -25.46
CA THR D 83 9.78 -3.26 -25.88
C THR D 83 9.36 -4.55 -25.16
N LEU D 84 10.29 -5.52 -25.21
CA LEU D 84 10.13 -6.81 -24.58
C LEU D 84 9.69 -6.68 -23.15
N HIS D 85 10.30 -5.76 -22.44
CA HIS D 85 9.93 -5.55 -21.07
C HIS D 85 8.44 -5.23 -20.90
N GLY D 86 7.94 -4.34 -21.74
CA GLY D 86 6.53 -3.97 -21.69
C GLY D 86 5.63 -5.16 -21.92
N ALA D 87 6.07 -6.04 -22.80
CA ALA D 87 5.33 -7.24 -23.09
C ALA D 87 5.36 -8.23 -21.93
N LEU D 88 6.53 -8.41 -21.29
CA LEU D 88 6.61 -9.25 -20.10
C LEU D 88 5.56 -8.81 -19.11
N LYS D 89 5.37 -7.51 -19.00
CA LYS D 89 4.39 -6.99 -18.04
C LYS D 89 2.96 -7.11 -18.49
N GLU D 90 2.64 -6.73 -19.73
CA GLU D 90 1.25 -6.79 -20.23
C GLU D 90 0.78 -8.26 -20.51
N HIS D 91 1.61 -9.18 -21.03
N HIS D 91 1.61 -9.17 -21.01
CA HIS D 91 1.13 -10.51 -21.49
CA HIS D 91 1.11 -10.45 -21.48
C HIS D 91 1.62 -11.67 -20.63
C HIS D 91 1.62 -11.65 -20.64
N TYR D 92 2.76 -11.51 -19.97
CA TYR D 92 3.43 -12.67 -19.33
C TYR D 92 3.53 -12.66 -17.80
N TYR D 93 2.89 -11.65 -17.20
CA TYR D 93 2.70 -11.57 -15.76
C TYR D 93 3.97 -11.37 -14.95
N LEU D 94 4.94 -10.63 -15.47
CA LEU D 94 6.07 -10.12 -14.68
C LEU D 94 5.58 -9.06 -13.73
N GLN D 95 6.21 -8.86 -12.57
CA GLN D 95 5.66 -7.89 -11.59
C GLN D 95 5.94 -6.36 -11.63
N ASP D 103 15.52 1.38 -8.77
CA ASP D 103 15.35 2.50 -9.72
C ASP D 103 14.58 2.31 -11.07
N LEU D 104 15.25 1.72 -12.06
CA LEU D 104 14.55 1.12 -13.22
C LEU D 104 13.95 -0.25 -12.90
N GLU D 105 12.81 -0.60 -13.50
CA GLU D 105 12.18 -1.92 -13.26
C GLU D 105 13.09 -2.98 -13.72
N SER D 106 12.98 -4.19 -13.23
CA SER D 106 13.91 -5.26 -13.64
C SER D 106 13.18 -6.24 -14.55
N SER D 107 13.85 -6.73 -15.58
CA SER D 107 13.28 -7.75 -16.43
C SER D 107 13.58 -9.15 -15.86
N ARG D 108 14.38 -9.19 -14.80
CA ARG D 108 14.67 -10.40 -14.02
C ARG D 108 15.37 -11.50 -14.73
N MSE D 109 16.15 -11.18 -15.73
CA MSE D 109 16.89 -12.18 -16.44
C MSE D 109 18.10 -11.52 -16.96
O MSE D 109 18.08 -10.33 -17.34
CB MSE D 109 16.03 -12.80 -17.55
CG MSE D 109 15.84 -11.79 -18.69
SE MSE D 109 14.85 -12.58 -20.19
CE MSE D 109 13.26 -11.48 -19.87
N ASP D 110 19.16 -12.30 -17.04
CA ASP D 110 20.36 -11.87 -17.71
C ASP D 110 20.60 -12.79 -18.87
N VAL D 111 20.91 -12.23 -20.04
CA VAL D 111 21.17 -13.06 -21.20
C VAL D 111 22.42 -12.65 -21.92
N LEU D 112 23.06 -13.63 -22.54
CA LEU D 112 24.14 -13.40 -23.48
C LEU D 112 23.58 -13.68 -24.88
N ILE D 113 24.07 -12.90 -25.84
CA ILE D 113 23.60 -12.97 -27.21
C ILE D 113 24.79 -13.06 -28.12
N ALA D 114 24.84 -14.13 -28.90
CA ALA D 114 25.92 -14.35 -29.90
C ALA D 114 25.37 -14.35 -31.29
N ASN D 115 25.97 -13.55 -32.16
CA ASN D 115 25.75 -13.73 -33.58
C ASN D 115 26.98 -13.38 -34.34
N PRO D 116 26.96 -13.57 -35.65
CA PRO D 116 28.20 -13.32 -36.37
C PRO D 116 28.74 -11.90 -36.35
N ARG D 117 27.89 -10.91 -36.10
CA ARG D 117 28.33 -9.52 -36.04
C ARG D 117 28.85 -9.16 -34.65
N GLY D 118 28.81 -10.03 -33.66
CA GLY D 118 29.38 -9.65 -32.34
C GLY D 118 28.89 -10.46 -31.14
N ILE D 119 29.47 -10.21 -29.97
CA ILE D 119 28.98 -10.84 -28.74
C ILE D 119 28.49 -9.81 -27.75
N PHE D 120 27.32 -10.07 -27.18
CA PHE D 120 26.65 -9.09 -26.37
C PHE D 120 26.07 -9.71 -25.11
N GLY D 121 25.65 -8.83 -24.22
CA GLY D 121 24.92 -9.21 -23.03
C GLY D 121 23.86 -8.19 -22.66
N VAL D 122 22.75 -8.67 -22.06
CA VAL D 122 21.75 -7.80 -21.52
C VAL D 122 21.47 -8.24 -20.13
N ALA D 123 21.70 -7.34 -19.21
CA ALA D 123 21.43 -7.64 -17.82
C ALA D 123 20.02 -7.24 -17.44
N ALA D 124 19.62 -7.60 -16.24
CA ALA D 124 18.22 -7.45 -15.88
C ALA D 124 17.69 -6.04 -15.91
N HIS D 125 18.51 -5.01 -15.75
CA HIS D 125 17.95 -3.66 -15.85
C HIS D 125 18.22 -3.05 -17.20
N ARG D 126 18.27 -3.92 -18.22
CA ARG D 126 18.45 -3.57 -19.62
C ARG D 126 19.76 -2.88 -19.96
N THR D 127 20.76 -3.16 -19.17
CA THR D 127 22.06 -2.69 -19.53
C THR D 127 22.55 -3.60 -20.63
N VAL D 128 22.79 -3.04 -21.81
CA VAL D 128 23.28 -3.82 -22.92
C VAL D 128 24.77 -3.57 -23.09
N GLN D 129 25.56 -4.62 -23.15
CA GLN D 129 26.99 -4.45 -23.32
C GLN D 129 27.49 -5.25 -24.53
N GLU D 130 28.47 -4.71 -25.24
CA GLU D 130 29.17 -5.48 -26.22
C GLU D 130 30.50 -5.88 -25.63
N PHE D 131 30.85 -7.14 -25.77
CA PHE D 131 32.06 -7.65 -25.19
C PHE D 131 33.13 -7.79 -26.22
N SER D 132 34.35 -7.62 -25.77
CA SER D 132 35.48 -7.65 -26.69
C SER D 132 36.29 -8.98 -26.69
N LYS D 133 36.26 -9.76 -25.62
CA LYS D 133 36.89 -11.07 -25.61
C LYS D 133 35.97 -12.19 -25.10
N PHE D 134 35.59 -12.14 -23.82
CA PHE D 134 34.65 -13.10 -23.27
C PHE D 134 33.90 -12.53 -22.09
N TYR D 135 32.81 -13.17 -21.76
CA TYR D 135 32.12 -12.87 -20.53
C TYR D 135 31.23 -14.02 -20.07
N ALA D 136 30.66 -13.90 -18.87
CA ALA D 136 29.77 -14.93 -18.36
C ALA D 136 28.74 -14.31 -17.45
N TYR D 137 27.52 -14.81 -17.54
CA TYR D 137 26.43 -14.41 -16.65
C TYR D 137 25.94 -15.65 -15.92
N GLY D 138 25.15 -15.45 -14.88
CA GLY D 138 24.66 -16.54 -14.03
C GLY D 138 25.43 -16.63 -12.72
N SER D 139 24.91 -17.34 -11.75
CA SER D 139 25.55 -17.48 -10.47
C SER D 139 26.88 -18.19 -10.57
N GLY D 140 27.12 -18.99 -11.59
CA GLY D 140 28.44 -19.62 -11.75
C GLY D 140 29.49 -18.73 -12.39
N SER D 141 29.14 -17.49 -12.59
CA SER D 141 29.82 -16.65 -13.53
C SER D 141 31.27 -16.35 -13.11
N PRO D 142 31.50 -16.14 -11.82
CA PRO D 142 32.90 -15.82 -11.50
C PRO D 142 33.86 -16.99 -11.69
N TYR D 143 33.38 -18.22 -11.50
CA TYR D 143 34.23 -19.38 -11.66
C TYR D 143 34.54 -19.43 -13.15
N ALA D 144 33.53 -19.19 -13.97
CA ALA D 144 33.74 -19.22 -15.42
C ALA D 144 34.70 -18.13 -15.89
N LEU D 145 34.59 -16.94 -15.30
CA LEU D 145 35.45 -15.83 -15.72
C LEU D 145 36.89 -16.18 -15.44
N GLY D 146 37.15 -16.77 -14.27
CA GLY D 146 38.50 -17.11 -13.90
C GLY D 146 39.11 -18.13 -14.86
N ALA D 147 38.34 -19.18 -15.14
CA ALA D 147 38.80 -20.21 -16.03
C ALA D 147 39.09 -19.64 -17.41
N MSE D 148 38.21 -18.78 -17.90
CA MSE D 148 38.39 -18.23 -19.25
C MSE D 148 39.52 -17.25 -19.26
O MSE D 148 40.26 -17.14 -20.23
CB MSE D 148 37.09 -17.64 -19.80
CG MSE D 148 36.08 -18.78 -19.99
SE MSE D 148 34.41 -18.16 -20.86
CE MSE D 148 33.80 -16.92 -19.47
N TYR D 149 39.70 -16.53 -18.17
CA TYR D 149 40.88 -15.66 -18.05
C TYR D 149 42.13 -16.50 -18.22
N ALA D 150 42.21 -17.67 -17.61
CA ALA D 150 43.41 -18.48 -17.68
C ALA D 150 43.59 -19.07 -19.03
N ALA D 151 42.53 -19.39 -19.73
CA ALA D 151 42.62 -20.16 -20.98
C ALA D 151 42.52 -19.34 -22.26
N TYR D 152 42.07 -18.10 -22.16
CA TYR D 152 41.75 -17.34 -23.37
C TYR D 152 42.90 -17.21 -24.38
N ARG D 153 44.13 -17.03 -23.90
CA ARG D 153 45.25 -16.89 -24.80
C ARG D 153 45.94 -18.19 -25.12
N ALA D 154 45.47 -19.31 -24.60
CA ALA D 154 46.03 -20.61 -24.99
C ALA D 154 45.86 -20.81 -26.48
N PRO D 155 46.95 -21.09 -27.22
CA PRO D 155 46.77 -21.08 -28.68
C PRO D 155 46.08 -22.35 -29.15
N SER D 156 46.06 -23.41 -28.34
CA SER D 156 45.35 -24.64 -28.73
C SER D 156 43.86 -24.70 -28.40
N LEU D 157 43.26 -23.61 -27.92
CA LEU D 157 41.86 -23.63 -27.47
C LEU D 157 41.08 -22.60 -28.27
N ASP D 158 40.17 -23.07 -29.09
CA ASP D 158 39.41 -22.17 -29.93
C ASP D 158 38.32 -21.50 -29.07
N ALA D 159 37.57 -20.59 -29.67
CA ALA D 159 36.55 -19.89 -28.92
C ALA D 159 35.57 -20.84 -28.23
N GLU D 160 35.19 -21.92 -28.91
CA GLU D 160 34.22 -22.81 -28.29
C GLU D 160 34.82 -23.58 -27.09
N ALA D 161 36.07 -24.02 -27.20
CA ALA D 161 36.70 -24.70 -26.07
C ALA D 161 36.71 -23.81 -24.84
N VAL D 162 37.05 -22.55 -25.02
CA VAL D 162 37.13 -21.61 -23.94
C VAL D 162 35.76 -21.38 -23.32
N ALA D 163 34.76 -21.19 -24.17
CA ALA D 163 33.40 -21.03 -23.67
C ALA D 163 32.95 -22.22 -22.80
N ARG D 164 33.19 -23.42 -23.28
CA ARG D 164 32.80 -24.60 -22.55
C ARG D 164 33.57 -24.81 -21.27
N LEU D 165 34.81 -24.40 -21.29
CA LEU D 165 35.65 -24.56 -20.14
C LEU D 165 35.14 -23.70 -18.99
N GLY D 166 34.67 -22.51 -19.34
CA GLY D 166 34.04 -21.66 -18.38
C GLY D 166 32.91 -22.35 -17.66
N VAL D 167 32.03 -23.02 -18.41
CA VAL D 167 30.87 -23.69 -17.82
C VAL D 167 31.30 -24.85 -16.96
N MSE D 168 32.30 -25.60 -17.43
CA MSE D 168 32.80 -26.72 -16.65
C MSE D 168 33.37 -26.33 -15.30
O MSE D 168 33.16 -26.99 -14.29
CB MSE D 168 33.87 -27.44 -17.42
CG MSE D 168 33.30 -28.15 -18.67
SE MSE D 168 34.83 -28.74 -19.83
CE MSE D 168 35.04 -30.29 -18.57
N ALA D 169 34.07 -25.20 -15.27
CA ALA D 169 34.64 -24.71 -14.06
C ALA D 169 33.56 -24.41 -13.02
N ALA D 170 32.49 -23.79 -13.48
CA ALA D 170 31.38 -23.45 -12.61
C ALA D 170 30.69 -24.69 -12.10
N ALA D 171 30.49 -25.65 -12.98
CA ALA D 171 29.85 -26.88 -12.57
C ALA D 171 30.75 -27.65 -11.60
N GLU D 172 32.05 -27.50 -11.73
CA GLU D 172 32.96 -28.16 -10.79
C GLU D 172 32.76 -27.70 -9.38
N PHE D 173 32.52 -26.41 -9.19
CA PHE D 173 32.57 -25.83 -7.83
C PHE D 173 31.28 -25.22 -7.29
N HIS D 174 30.24 -25.16 -8.09
CA HIS D 174 29.08 -24.45 -7.65
C HIS D 174 27.83 -25.24 -7.84
N ASP D 175 26.93 -25.16 -6.88
CA ASP D 175 25.78 -26.04 -6.82
C ASP D 175 24.55 -25.68 -7.66
N GLU D 176 24.70 -24.66 -8.44
CA GLU D 176 23.64 -24.23 -9.32
C GLU D 176 24.01 -24.47 -10.75
N SER D 177 25.14 -25.12 -10.99
CA SER D 177 25.52 -25.44 -12.37
C SER D 177 25.78 -26.90 -12.52
N GLY D 178 25.48 -27.43 -13.69
CA GLY D 178 25.67 -28.87 -13.89
C GLY D 178 25.95 -29.27 -15.32
N LEU D 179 26.78 -30.31 -15.47
CA LEU D 179 27.05 -30.89 -16.80
C LEU D 179 25.93 -31.76 -17.25
N PRO D 180 25.83 -32.04 -18.56
CA PRO D 180 26.64 -31.59 -19.71
C PRO D 180 26.52 -30.11 -20.02
N VAL D 181 27.46 -29.66 -20.82
CA VAL D 181 27.50 -28.32 -21.36
C VAL D 181 26.90 -28.33 -22.74
N GLN D 182 26.07 -27.36 -23.08
CA GLN D 182 25.52 -27.20 -24.41
C GLN D 182 26.27 -26.00 -24.97
N SER D 183 26.72 -26.09 -26.22
CA SER D 183 27.43 -24.96 -26.84
C SER D 183 27.23 -24.80 -28.36
N PHE D 184 27.52 -23.63 -28.90
CA PHE D 184 27.38 -23.38 -30.33
C PHE D 184 28.55 -22.52 -30.74
N VAL D 185 28.93 -22.62 -32.01
CA VAL D 185 30.03 -21.85 -32.58
C VAL D 185 29.72 -21.35 -33.99
N MSE D 186 30.22 -20.18 -34.33
CA MSE D 186 29.95 -19.60 -35.65
C MSE D 186 31.12 -18.77 -36.09
O MSE D 186 31.97 -18.42 -35.28
CB MSE D 186 28.65 -18.80 -35.62
CG MSE D 186 28.79 -17.56 -34.77
SE MSE D 186 27.12 -17.06 -33.87
CE MSE D 186 27.25 -18.48 -32.50
N GLU D 187 31.20 -18.47 -37.37
CA GLU D 187 32.25 -17.59 -37.91
C GLU D 187 31.88 -16.14 -37.72
N LEU D 188 32.85 -15.35 -37.28
CA LEU D 188 32.72 -13.91 -37.18
C LEU D 188 32.49 -13.33 -38.58
N SER D 189 31.61 -12.39 -38.83
CA SER D 189 31.39 -11.99 -40.24
C SER D 189 32.41 -10.89 -40.63
N PRO D 190 32.66 -10.65 -41.96
CA PRO D 190 33.60 -9.53 -42.35
C PRO D 190 32.94 -8.19 -42.82
N THR E 1 31.60 5.29 -10.25
CA THR E 1 31.86 6.19 -11.43
C THR E 1 32.42 7.46 -10.87
N THR E 2 33.31 8.04 -11.64
CA THR E 2 33.63 9.40 -11.45
C THR E 2 33.47 10.13 -12.79
N VAL E 3 32.79 11.26 -12.76
CA VAL E 3 32.81 12.17 -13.90
C VAL E 3 33.20 13.57 -13.42
N THR E 4 33.95 14.29 -14.26
CA THR E 4 34.45 15.60 -13.91
C THR E 4 34.23 16.56 -15.05
N ILE E 5 34.28 17.85 -14.70
CA ILE E 5 34.11 18.91 -15.66
C ILE E 5 34.84 20.14 -15.17
N VAL E 6 35.49 20.81 -16.10
CA VAL E 6 36.42 21.90 -15.80
C VAL E 6 36.33 22.98 -16.86
N ARG E 7 36.52 24.19 -16.43
CA ARG E 7 36.46 25.36 -17.26
C ARG E 7 37.65 26.20 -16.85
N LYS E 8 38.58 26.42 -17.76
CA LYS E 8 39.79 27.12 -17.43
C LYS E 8 40.47 27.68 -18.69
N ASP E 9 40.85 28.96 -18.63
CA ASP E 9 41.64 29.65 -19.66
C ASP E 9 40.97 29.48 -21.00
N GLY E 10 39.69 29.74 -21.10
CA GLY E 10 39.02 29.70 -22.41
C GLY E 10 38.73 28.30 -22.96
N ARG E 11 39.00 27.28 -22.20
CA ARG E 11 38.65 25.97 -22.61
C ARG E 11 37.82 25.25 -21.60
N ILE E 12 37.03 24.31 -22.10
CA ILE E 12 36.13 23.53 -21.28
C ILE E 12 36.43 22.07 -21.51
N ALA E 13 36.51 21.28 -20.46
CA ALA E 13 36.79 19.84 -20.59
C ALA E 13 35.90 19.01 -19.72
N ILE E 14 35.71 17.76 -20.14
CA ILE E 14 34.84 16.86 -19.43
C ILE E 14 35.48 15.48 -19.45
N ALA E 15 35.37 14.73 -18.35
CA ALA E 15 36.06 13.43 -18.28
C ALA E 15 35.29 12.42 -17.50
N ALA E 16 35.59 11.16 -17.74
CA ALA E 16 34.94 10.07 -17.02
C ALA E 16 35.84 8.87 -16.91
N ASP E 17 35.61 8.02 -15.90
CA ASP E 17 36.32 6.78 -15.83
C ASP E 17 35.58 5.81 -16.77
N THR E 18 36.04 4.56 -16.83
CA THR E 18 35.53 3.61 -17.80
C THR E 18 35.15 2.25 -17.19
N LEU E 19 35.06 2.19 -15.87
CA LEU E 19 34.84 0.92 -15.20
C LEU E 19 33.37 0.73 -14.96
N THR E 20 32.88 -0.45 -15.30
CA THR E 20 31.51 -0.84 -14.95
C THR E 20 31.52 -1.82 -13.78
N LYS E 21 30.58 -1.67 -12.85
CA LYS E 21 30.55 -2.58 -11.71
C LYS E 21 29.28 -3.37 -11.76
N TRP E 22 29.36 -4.62 -11.34
CA TRP E 22 28.20 -5.44 -11.15
C TRP E 22 28.46 -6.09 -9.82
N GLY E 23 27.99 -5.48 -8.76
CA GLY E 23 28.27 -5.94 -7.42
C GLY E 23 29.69 -5.57 -7.13
N GLY E 24 30.46 -6.53 -6.63
CA GLY E 24 31.89 -6.38 -6.45
C GLY E 24 32.64 -6.79 -7.70
N GLY E 25 31.91 -7.28 -8.71
CA GLY E 25 32.48 -7.60 -9.98
C GLY E 25 32.94 -6.37 -10.71
N LYS E 26 34.11 -6.46 -11.32
CA LYS E 26 34.60 -5.40 -12.19
C LYS E 26 34.51 -5.77 -13.66
N GLU E 27 33.93 -4.90 -14.47
CA GLU E 27 33.90 -5.07 -15.91
C GLU E 27 34.72 -3.90 -16.45
N SER E 28 36.02 -4.13 -16.63
CA SER E 28 36.90 -3.06 -17.11
C SER E 28 36.72 -2.76 -18.62
N ALA E 29 37.28 -1.65 -19.10
CA ALA E 29 37.24 -1.32 -20.57
C ALA E 29 37.93 -2.32 -21.46
N ASP E 30 38.77 -3.11 -20.87
CA ASP E 30 39.43 -4.18 -21.56
C ASP E 30 38.42 -5.34 -21.93
N TYR E 31 37.32 -5.51 -21.19
CA TYR E 31 36.32 -6.55 -21.47
C TYR E 31 35.06 -6.00 -22.07
N VAL E 32 34.80 -4.72 -21.85
CA VAL E 32 33.58 -4.15 -22.39
C VAL E 32 33.92 -3.15 -23.48
N ALA E 33 33.46 -3.41 -24.68
CA ALA E 33 33.69 -2.54 -25.81
C ALA E 33 33.02 -1.20 -25.67
N ASN E 34 31.76 -1.20 -25.28
CA ASN E 34 31.01 0.07 -25.11
C ASN E 34 31.03 0.67 -23.68
N HIS E 35 32.26 0.98 -23.26
CA HIS E 35 32.56 1.39 -21.93
C HIS E 35 32.51 2.90 -21.74
N GLU E 36 32.14 3.67 -22.76
CA GLU E 36 32.22 5.12 -22.67
C GLU E 36 31.01 5.55 -21.84
N LYS E 37 31.21 6.46 -20.88
CA LYS E 37 30.13 7.06 -20.06
C LYS E 37 29.72 8.46 -20.45
N ILE E 38 30.37 9.00 -21.48
CA ILE E 38 30.04 10.31 -22.02
C ILE E 38 29.38 10.12 -23.37
N ILE E 39 28.27 10.80 -23.61
CA ILE E 39 27.65 10.78 -24.90
C ILE E 39 27.62 12.19 -25.48
N ARG E 40 27.43 12.29 -26.79
CA ARG E 40 27.24 13.57 -27.46
C ARG E 40 25.80 13.83 -27.68
N VAL E 41 25.36 15.06 -27.41
CA VAL E 41 23.97 15.44 -27.64
C VAL E 41 24.01 16.83 -28.18
N GLY E 42 23.72 17.00 -29.46
CA GLY E 42 24.03 18.24 -30.15
C GLY E 42 25.50 18.52 -29.99
N ASP E 43 25.82 19.79 -29.76
CA ASP E 43 27.22 20.14 -29.46
C ASP E 43 27.52 20.12 -27.96
N SER E 44 26.73 19.41 -27.17
CA SER E 44 27.05 19.19 -25.77
C SER E 44 27.61 17.79 -25.57
N TYR E 45 28.39 17.62 -24.50
CA TYR E 45 28.77 16.31 -24.01
C TYR E 45 28.08 16.06 -22.68
N VAL E 46 27.60 14.85 -22.49
CA VAL E 46 26.90 14.53 -21.30
C VAL E 46 27.53 13.33 -20.66
N ALA E 47 28.08 13.55 -19.46
CA ALA E 47 28.73 12.47 -18.70
C ALA E 47 27.78 11.98 -17.62
N ILE E 48 27.58 10.67 -17.55
CA ILE E 48 26.46 10.07 -16.79
C ILE E 48 26.91 9.20 -15.62
N THR E 49 26.25 9.35 -14.47
CA THR E 49 26.50 8.47 -13.34
C THR E 49 25.19 7.82 -12.99
N GLY E 50 25.22 6.65 -12.41
CA GLY E 50 24.00 5.95 -12.12
C GLY E 50 24.01 4.61 -12.78
N SER E 51 22.86 3.99 -12.90
CA SER E 51 22.77 2.78 -13.65
C SER E 51 23.36 2.91 -15.05
N ALA E 52 24.09 1.91 -15.48
CA ALA E 52 24.66 1.89 -16.85
C ALA E 52 23.60 1.96 -17.95
N THR E 53 22.39 1.54 -17.65
CA THR E 53 21.32 1.66 -18.61
C THR E 53 21.04 3.11 -19.05
N PHE E 54 21.26 4.09 -18.19
CA PHE E 54 20.91 5.46 -18.55
C PHE E 54 21.69 6.01 -19.76
N LYS E 55 22.95 5.62 -19.93
CA LYS E 55 23.72 5.91 -21.18
C LYS E 55 22.81 5.64 -22.38
N LEU E 56 22.23 4.46 -22.46
CA LEU E 56 21.46 4.08 -23.65
C LEU E 56 20.13 4.73 -23.71
N ILE E 57 19.50 4.90 -22.55
CA ILE E 57 18.21 5.60 -22.51
C ILE E 57 18.31 7.04 -23.04
N LEU E 58 19.28 7.80 -22.54
CA LEU E 58 19.42 9.13 -23.01
C LEU E 58 19.74 9.17 -24.48
N ALA E 59 20.60 8.28 -24.94
CA ALA E 59 20.95 8.27 -26.35
C ALA E 59 19.69 8.05 -27.23
N ASP E 60 18.88 7.08 -26.86
CA ASP E 60 17.61 6.74 -27.55
C ASP E 60 16.61 7.90 -27.47
N TYR E 61 16.52 8.53 -26.29
CA TYR E 61 15.53 9.55 -26.05
C TYR E 61 15.86 10.78 -26.86
N PHE E 62 17.12 11.21 -26.80
CA PHE E 62 17.48 12.46 -27.43
C PHE E 62 17.44 12.29 -28.92
N ALA E 63 17.91 11.13 -29.40
CA ALA E 63 17.74 10.73 -30.82
C ALA E 63 16.31 10.81 -31.30
N SER E 64 15.34 10.54 -30.46
CA SER E 64 13.96 10.53 -30.89
C SER E 64 13.29 11.89 -30.97
N LEU E 65 13.92 12.94 -30.52
CA LEU E 65 13.29 14.25 -30.60
C LEU E 65 13.44 14.83 -32.01
N ASP E 66 12.56 15.77 -32.37
CA ASP E 66 12.66 16.47 -33.67
C ASP E 66 14.04 16.99 -33.95
N GLU E 67 14.60 17.81 -33.07
CA GLU E 67 16.05 18.14 -33.14
C GLU E 67 16.66 18.03 -31.75
N PRO E 68 18.01 18.00 -31.66
CA PRO E 68 18.53 17.88 -30.31
C PRO E 68 18.27 19.19 -29.54
N PRO E 69 18.33 19.13 -28.21
CA PRO E 69 17.86 20.23 -27.37
C PRO E 69 18.92 21.22 -27.07
N GLN E 70 18.56 22.43 -26.72
CA GLN E 70 19.59 23.38 -26.31
C GLN E 70 19.84 23.13 -24.84
N LEU E 71 21.10 22.89 -24.51
CA LEU E 71 21.52 22.58 -23.16
C LEU E 71 22.55 23.60 -22.70
N ASP E 72 22.26 24.88 -22.94
CA ASP E 72 23.26 25.94 -22.73
C ASP E 72 22.82 27.04 -21.76
N SER E 73 21.76 26.83 -21.02
CA SER E 73 21.47 27.68 -19.89
C SER E 73 20.77 26.85 -18.81
N VAL E 74 20.87 27.31 -17.59
CA VAL E 74 20.27 26.62 -16.51
C VAL E 74 18.76 26.40 -16.77
N ALA E 75 18.03 27.43 -17.22
CA ALA E 75 16.56 27.28 -17.38
C ALA E 75 16.25 26.33 -18.47
N ARG E 76 17.06 26.36 -19.52
CA ARG E 76 16.85 25.43 -20.60
C ARG E 76 17.08 23.99 -20.23
N ILE E 77 18.16 23.73 -19.53
CA ILE E 77 18.49 22.39 -19.07
C ILE E 77 17.40 21.89 -18.15
N PHE E 78 16.92 22.76 -17.31
CA PHE E 78 15.82 22.38 -16.47
C PHE E 78 14.61 21.88 -17.24
N CYS E 79 14.16 22.57 -18.27
CA CYS E 79 12.96 22.15 -19.01
C CYS E 79 13.20 20.85 -19.67
N VAL E 80 14.36 20.74 -20.29
CA VAL E 80 14.71 19.50 -20.96
C VAL E 80 14.59 18.36 -19.96
N TRP E 81 15.15 18.56 -18.77
CA TRP E 81 15.13 17.49 -17.78
C TRP E 81 13.77 17.21 -17.15
N ASN E 82 12.98 18.24 -16.92
CA ASN E 82 11.66 18.01 -16.43
C ASN E 82 10.78 17.21 -17.42
N THR E 83 10.96 17.44 -18.72
CA THR E 83 10.25 16.66 -19.73
C THR E 83 10.78 15.22 -19.75
N LEU E 84 12.10 15.12 -19.81
CA LEU E 84 12.80 13.87 -19.80
C LEU E 84 12.29 12.94 -18.69
N HIS E 85 12.10 13.50 -17.52
CA HIS E 85 11.70 12.69 -16.40
C HIS E 85 10.41 12.00 -16.69
N GLY E 86 9.46 12.75 -17.24
CA GLY E 86 8.17 12.18 -17.59
C GLY E 86 8.32 11.02 -18.55
N ALA E 87 9.27 11.16 -19.48
CA ALA E 87 9.53 10.13 -20.46
C ALA E 87 10.19 8.93 -19.84
N LEU E 88 11.14 9.11 -18.92
CA LEU E 88 11.72 7.99 -18.21
C LEU E 88 10.64 7.17 -17.58
N LYS E 89 9.63 7.83 -17.07
CA LYS E 89 8.52 7.11 -16.45
C LYS E 89 7.58 6.48 -17.42
N GLU E 90 7.13 7.22 -18.43
CA GLU E 90 6.15 6.69 -19.42
C GLU E 90 6.76 5.61 -20.37
N HIS E 91 8.01 5.75 -20.82
N HIS E 91 8.01 5.76 -20.80
CA HIS E 91 8.57 4.87 -21.92
CA HIS E 91 8.54 4.95 -21.90
C HIS E 91 9.69 3.97 -21.43
C HIS E 91 9.70 4.01 -21.45
N TYR E 92 10.41 4.34 -20.38
CA TYR E 92 11.67 3.62 -20.00
C TYR E 92 11.68 2.87 -18.69
N TYR E 93 10.52 2.83 -18.05
CA TYR E 93 10.28 2.03 -16.85
C TYR E 93 11.05 2.42 -15.61
N LEU E 94 11.27 3.72 -15.40
CA LEU E 94 11.74 4.28 -14.10
C LEU E 94 10.63 4.20 -13.09
N GLN E 95 10.92 4.09 -11.78
CA GLN E 95 9.84 3.84 -10.79
C GLN E 95 8.96 5.00 -10.15
N ASP E 103 11.00 14.10 -1.16
CA ASP E 103 10.12 15.20 -1.65
C ASP E 103 9.67 15.30 -3.17
N LEU E 104 10.56 15.77 -4.04
CA LEU E 104 10.42 15.55 -5.49
C LEU E 104 10.87 14.16 -5.93
N GLU E 105 10.27 13.59 -6.98
CA GLU E 105 10.70 12.31 -7.52
C GLU E 105 12.10 12.34 -7.96
N SER E 106 12.81 11.23 -8.04
CA SER E 106 14.23 11.25 -8.47
C SER E 106 14.37 10.68 -9.87
N SER E 107 15.24 11.28 -10.67
CA SER E 107 15.53 10.74 -12.02
C SER E 107 16.65 9.70 -11.92
N ARG E 108 17.26 9.56 -10.73
CA ARG E 108 18.23 8.53 -10.41
C ARG E 108 19.53 8.58 -11.15
N MSE E 109 19.92 9.74 -11.59
CA MSE E 109 21.16 9.86 -12.35
C MSE E 109 21.65 11.24 -12.07
O MSE E 109 20.84 12.20 -11.94
CB MSE E 109 20.96 9.58 -13.85
CG MSE E 109 20.18 10.72 -14.48
SE MSE E 109 20.02 10.48 -16.42
CE MSE E 109 18.12 10.14 -16.34
N ASP E 110 22.95 11.38 -12.01
CA ASP E 110 23.54 12.68 -11.95
C ASP E 110 24.40 12.81 -13.19
N VAL E 111 24.32 13.96 -13.83
CA VAL E 111 25.11 14.17 -15.05
C VAL E 111 25.79 15.47 -15.04
N LEU E 112 26.93 15.51 -15.69
CA LEU E 112 27.59 16.75 -16.03
C LEU E 112 27.41 17.00 -17.53
N ILE E 113 27.25 18.28 -17.86
CA ILE E 113 27.00 18.71 -19.24
C ILE E 113 27.96 19.79 -19.64
N ALA E 114 28.73 19.53 -20.67
CA ALA E 114 29.70 20.52 -21.17
C ALA E 114 29.29 20.96 -22.56
N ASN E 115 29.16 22.27 -22.78
CA ASN E 115 29.21 22.79 -24.12
C ASN E 115 29.90 24.13 -24.20
N PRO E 116 30.01 24.71 -25.42
CA PRO E 116 30.87 25.90 -25.45
C PRO E 116 30.35 27.09 -24.69
N ARG E 117 29.06 27.11 -24.41
CA ARG E 117 28.45 28.21 -23.67
C ARG E 117 28.57 28.02 -22.15
N GLY E 118 29.12 26.93 -21.65
CA GLY E 118 29.24 26.77 -20.17
C GLY E 118 29.37 25.33 -19.67
N ILE E 119 29.61 25.19 -18.37
CA ILE E 119 29.62 23.87 -17.74
C ILE E 119 28.54 23.73 -16.68
N PHE E 120 27.82 22.63 -16.77
CA PHE E 120 26.64 22.46 -15.97
C PHE E 120 26.59 21.09 -15.32
N GLY E 121 25.68 20.97 -14.36
CA GLY E 121 25.37 19.68 -13.77
C GLY E 121 23.88 19.57 -13.52
N VAL E 122 23.38 18.35 -13.63
CA VAL E 122 22.01 18.07 -13.22
C VAL E 122 22.02 16.89 -12.28
N ALA E 123 21.54 17.12 -11.08
CA ALA E 123 21.51 16.08 -10.08
C ALA E 123 20.19 15.34 -10.13
N ALA E 124 20.09 14.26 -9.39
CA ALA E 124 18.98 13.36 -9.56
C ALA E 124 17.61 13.99 -9.26
N HIS E 125 17.53 15.05 -8.44
CA HIS E 125 16.24 15.67 -8.25
C HIS E 125 16.07 16.91 -9.09
N ARG E 126 16.71 16.92 -10.26
CA ARG E 126 16.64 17.99 -11.25
C ARG E 126 17.17 19.33 -10.78
N THR E 127 18.09 19.30 -9.83
CA THR E 127 18.75 20.49 -9.48
C THR E 127 19.76 20.75 -10.56
N VAL E 128 19.60 21.86 -11.24
CA VAL E 128 20.52 22.21 -12.31
C VAL E 128 21.46 23.28 -11.78
N GLN E 129 22.76 23.07 -11.93
CA GLN E 129 23.70 24.07 -11.50
C GLN E 129 24.62 24.46 -12.61
N GLU E 130 25.02 25.71 -12.63
CA GLU E 130 26.09 26.09 -13.50
C GLU E 130 27.35 26.26 -12.66
N PHE E 131 28.46 25.67 -13.13
CA PHE E 131 29.71 25.72 -12.38
C PHE E 131 30.67 26.75 -12.92
N SER E 132 31.45 27.34 -12.04
CA SER E 132 32.28 28.45 -12.41
C SER E 132 33.75 28.04 -12.62
N LYS E 133 34.20 26.95 -12.01
CA LYS E 133 35.58 26.45 -12.21
C LYS E 133 35.63 24.94 -12.52
N PHE E 134 35.25 24.11 -11.57
CA PHE E 134 35.18 22.68 -11.81
C PHE E 134 34.22 22.03 -10.86
N TYR E 135 33.82 20.82 -11.23
CA TYR E 135 33.04 19.99 -10.33
C TYR E 135 33.13 18.52 -10.70
N ALA E 136 32.55 17.65 -9.87
CA ALA E 136 32.56 16.21 -10.15
C ALA E 136 31.36 15.57 -9.55
N TYR E 137 30.82 14.58 -10.24
CA TYR E 137 29.72 13.77 -9.72
C TYR E 137 30.16 12.31 -9.70
N GLY E 138 29.36 11.44 -9.07
CA GLY E 138 29.66 10.03 -8.97
C GLY E 138 30.22 9.73 -7.60
N SER E 139 30.30 8.47 -7.25
CA SER E 139 30.84 8.07 -5.98
C SER E 139 32.27 8.45 -5.84
N GLY E 140 33.02 8.58 -6.92
CA GLY E 140 34.45 8.97 -6.79
C GLY E 140 34.66 10.47 -6.63
N SER E 141 33.56 11.16 -6.44
CA SER E 141 33.55 12.58 -6.66
C SER E 141 34.44 13.36 -5.65
N PRO E 142 34.40 12.96 -4.38
CA PRO E 142 35.21 13.77 -3.48
C PRO E 142 36.71 13.64 -3.69
N TYR E 143 37.17 12.47 -4.16
CA TYR E 143 38.61 12.29 -4.45
C TYR E 143 38.94 13.21 -5.61
N ALA E 144 38.06 13.24 -6.59
CA ALA E 144 38.26 14.10 -7.76
C ALA E 144 38.25 15.59 -7.41
N LEU E 145 37.33 16.00 -6.53
CA LEU E 145 37.28 17.39 -6.12
C LEU E 145 38.56 17.84 -5.43
N GLY E 146 39.12 16.98 -4.59
CA GLY E 146 40.35 17.32 -3.89
C GLY E 146 41.49 17.49 -4.87
N ALA E 147 41.62 16.53 -5.78
CA ALA E 147 42.70 16.58 -6.74
C ALA E 147 42.62 17.83 -7.61
N MSE E 148 41.41 18.17 -8.04
CA MSE E 148 41.23 19.34 -8.93
C MSE E 148 41.40 20.61 -8.13
O MSE E 148 41.92 21.58 -8.63
CB MSE E 148 39.89 19.29 -9.65
CG MSE E 148 39.89 18.09 -10.59
SE MSE E 148 38.27 17.99 -11.72
CE MSE E 148 36.95 17.74 -10.32
N TYR E 149 41.03 20.61 -6.86
CA TYR E 149 41.32 21.75 -6.01
C TYR E 149 42.81 21.97 -5.97
N ALA E 150 43.61 20.94 -5.83
CA ALA E 150 45.06 21.12 -5.75
C ALA E 150 45.65 21.53 -7.08
N ALA E 151 45.09 21.10 -8.18
CA ALA E 151 45.71 21.33 -9.48
C ALA E 151 45.13 22.49 -10.30
N TYR E 152 43.98 22.99 -9.94
CA TYR E 152 43.27 23.93 -10.81
C TYR E 152 44.09 25.18 -11.16
N ARG E 153 44.87 25.71 -10.22
CA ARG E 153 45.66 26.93 -10.46
C ARG E 153 47.06 26.65 -10.96
N ALA E 154 47.43 25.40 -11.12
CA ALA E 154 48.71 25.06 -11.71
C ALA E 154 48.76 25.64 -13.12
N PRO E 155 49.78 26.48 -13.43
CA PRO E 155 49.70 27.15 -14.74
C PRO E 155 50.05 26.18 -15.88
N SER E 156 50.71 25.05 -15.61
CA SER E 156 51.01 24.11 -16.69
C SER E 156 49.94 23.10 -17.01
N LEU E 157 48.76 23.20 -16.39
CA LEU E 157 47.73 22.14 -16.54
C LEU E 157 46.48 22.75 -17.15
N ASP E 158 46.15 22.36 -18.36
CA ASP E 158 45.02 22.95 -19.02
C ASP E 158 43.74 22.31 -18.49
N ALA E 159 42.61 22.78 -18.97
CA ALA E 159 41.33 22.27 -18.44
C ALA E 159 41.22 20.77 -18.54
N GLU E 160 41.71 20.21 -19.64
CA GLU E 160 41.55 18.76 -19.82
C GLU E 160 42.47 17.97 -18.91
N ALA E 161 43.68 18.45 -18.67
CA ALA E 161 44.57 17.79 -17.71
C ALA E 161 43.95 17.72 -16.35
N VAL E 162 43.34 18.83 -15.92
CA VAL E 162 42.73 18.90 -14.60
C VAL E 162 41.53 17.95 -14.51
N ALA E 163 40.69 17.95 -15.53
CA ALA E 163 39.55 17.05 -15.58
C ALA E 163 39.97 15.58 -15.44
N ARG E 164 41.00 15.21 -16.16
CA ARG E 164 41.46 13.87 -16.14
C ARG E 164 42.13 13.51 -14.85
N LEU E 165 42.75 14.47 -14.23
CA LEU E 165 43.47 14.21 -13.00
C LEU E 165 42.47 13.87 -11.91
N GLY E 166 41.33 14.55 -11.97
CA GLY E 166 40.24 14.23 -11.07
C GLY E 166 39.85 12.77 -11.13
N VAL E 167 39.68 12.27 -12.35
CA VAL E 167 39.24 10.88 -12.52
C VAL E 167 40.32 9.92 -12.05
N MSE E 168 41.58 10.26 -12.32
CA MSE E 168 42.66 9.40 -11.90
C MSE E 168 42.74 9.26 -10.40
O MSE E 168 43.01 8.18 -9.89
CB MSE E 168 43.96 9.93 -12.44
CG MSE E 168 44.08 9.82 -13.97
SE MSE E 168 45.65 10.90 -14.60
CE MSE E 168 46.79 9.36 -14.00
N ALA E 169 42.52 10.36 -9.71
CA ALA E 169 42.58 10.35 -8.27
C ALA E 169 41.54 9.40 -7.72
N ALA E 170 40.35 9.47 -8.28
CA ALA E 170 39.26 8.59 -7.83
C ALA E 170 39.57 7.14 -8.13
N ALA E 171 40.11 6.87 -9.32
CA ALA E 171 40.44 5.49 -9.66
C ALA E 171 41.58 4.98 -8.75
N GLU E 172 42.42 5.88 -8.27
CA GLU E 172 43.48 5.47 -7.41
C GLU E 172 42.98 4.91 -6.12
N PHE E 173 41.97 5.55 -5.57
CA PHE E 173 41.57 5.24 -4.20
C PHE E 173 40.17 4.63 -3.98
N HIS E 174 39.39 4.51 -5.03
CA HIS E 174 38.03 4.06 -4.84
C HIS E 174 37.66 2.96 -5.78
N ASP E 175 36.93 1.97 -5.27
CA ASP E 175 36.69 0.72 -5.97
C ASP E 175 35.55 0.71 -6.97
N GLU E 176 34.98 1.86 -7.21
CA GLU E 176 33.97 2.01 -8.21
C GLU E 176 34.45 2.85 -9.39
N SER E 177 35.73 3.17 -9.43
CA SER E 177 36.27 3.93 -10.58
C SER E 177 37.47 3.22 -11.14
N GLY E 178 37.64 3.30 -12.44
CA GLY E 178 38.76 2.59 -13.06
C GLY E 178 39.30 3.25 -14.31
N LEU E 179 40.60 3.13 -14.53
CA LEU E 179 41.21 3.63 -15.76
C LEU E 179 40.98 2.67 -16.87
N PRO E 180 41.17 3.09 -18.12
CA PRO E 180 41.46 4.45 -18.62
C PRO E 180 40.39 5.51 -18.39
N VAL E 181 40.80 6.76 -18.57
CA VAL E 181 39.97 7.93 -18.51
C VAL E 181 39.59 8.28 -19.91
N GLN E 182 38.34 8.56 -20.18
CA GLN E 182 37.88 9.09 -21.43
C GLN E 182 37.66 10.61 -21.18
N SER E 183 38.09 11.47 -22.08
CA SER E 183 37.86 12.90 -21.92
C SER E 183 37.67 13.68 -23.24
N PHE E 184 37.13 14.88 -23.17
CA PHE E 184 36.91 15.74 -24.34
C PHE E 184 37.18 17.15 -23.93
N VAL E 185 37.53 17.97 -24.90
CA VAL E 185 37.83 19.36 -24.66
C VAL E 185 37.22 20.22 -25.76
N MSE E 186 36.81 21.44 -25.44
CA MSE E 186 36.34 22.37 -26.46
C MSE E 186 36.65 23.78 -26.07
O MSE E 186 37.10 24.06 -24.96
CB MSE E 186 34.88 22.16 -26.65
CG MSE E 186 34.13 22.61 -25.41
SE MSE E 186 32.47 21.53 -25.12
CE MSE E 186 33.52 19.98 -24.39
N GLU E 187 36.55 24.69 -27.03
CA GLU E 187 36.79 26.09 -26.73
C GLU E 187 35.54 26.68 -26.12
N LEU E 188 35.73 27.49 -25.11
CA LEU E 188 34.67 28.36 -24.60
C LEU E 188 34.19 29.37 -25.64
N SER E 189 32.92 29.64 -25.83
CA SER E 189 32.56 30.54 -26.97
C SER E 189 32.60 32.01 -26.47
N PRO E 190 32.64 33.02 -27.38
CA PRO E 190 32.59 34.43 -26.90
C PRO E 190 31.20 35.11 -27.03
N THR F 1 20.28 26.36 4.88
CA THR F 1 19.94 27.71 4.30
C THR F 1 19.46 28.55 5.41
N THR F 2 19.78 29.82 5.30
CA THR F 2 19.16 30.82 6.10
C THR F 2 18.62 31.86 5.17
N VAL F 3 17.37 32.20 5.37
CA VAL F 3 16.79 33.40 4.74
C VAL F 3 16.12 34.27 5.78
N THR F 4 16.23 35.58 5.59
CA THR F 4 15.73 36.54 6.58
C THR F 4 14.97 37.64 5.88
N ILE F 5 14.15 38.32 6.67
CA ILE F 5 13.34 39.39 6.19
C ILE F 5 13.05 40.34 7.33
N VAL F 6 13.13 41.63 7.03
CA VAL F 6 13.08 42.69 8.03
C VAL F 6 12.32 43.87 7.46
N ARG F 7 11.64 44.56 8.34
CA ARG F 7 10.87 45.74 8.04
C ARG F 7 11.17 46.75 9.14
N LYS F 8 11.79 47.87 8.79
CA LYS F 8 12.22 48.82 9.78
C LYS F 8 12.42 50.22 9.19
N ASP F 9 11.86 51.23 9.85
CA ASP F 9 12.04 52.65 9.48
C ASP F 9 11.72 52.89 8.00
N GLY F 10 10.57 52.41 7.54
CA GLY F 10 10.15 52.72 6.18
C GLY F 10 10.92 51.99 5.10
N ARG F 11 11.76 51.04 5.49
CA ARG F 11 12.39 50.16 4.52
C ARG F 11 12.15 48.71 4.79
N ILE F 12 12.17 47.93 3.72
CA ILE F 12 12.02 46.50 3.79
C ILE F 12 13.22 45.84 3.18
N ALA F 13 13.76 44.81 3.82
CA ALA F 13 14.89 44.08 3.26
C ALA F 13 14.71 42.60 3.37
N ILE F 14 15.42 41.91 2.48
CA ILE F 14 15.39 40.41 2.46
C ILE F 14 16.80 39.91 2.17
N ALA F 15 17.20 38.81 2.81
CA ALA F 15 18.56 38.31 2.62
C ALA F 15 18.62 36.81 2.66
N ALA F 16 19.71 36.26 2.15
CA ALA F 16 19.90 34.82 2.13
C ALA F 16 21.36 34.50 2.13
N ASP F 17 21.70 33.30 2.59
CA ASP F 17 23.06 32.82 2.39
C ASP F 17 23.18 32.26 0.94
N THR F 18 24.35 31.70 0.60
CA THR F 18 24.63 31.30 -0.76
C THR F 18 25.23 29.91 -0.87
N LEU F 19 25.15 29.14 0.21
CA LEU F 19 25.79 27.82 0.22
C LEU F 19 24.81 26.77 -0.16
N THR F 20 25.21 25.90 -1.06
CA THR F 20 24.43 24.74 -1.41
C THR F 20 25.03 23.47 -0.76
N LYS F 21 24.19 22.56 -0.26
CA LYS F 21 24.70 21.36 0.38
C LYS F 21 24.27 20.17 -0.40
N TRP F 22 25.15 19.18 -0.48
CA TRP F 22 24.81 17.92 -1.05
C TRP F 22 25.37 16.90 -0.04
N GLY F 23 24.57 16.49 0.91
CA GLY F 23 25.06 15.67 1.98
C GLY F 23 25.89 16.56 2.89
N GLY F 24 27.04 16.07 3.29
CA GLY F 24 28.00 16.88 3.99
C GLY F 24 28.86 17.69 3.02
N GLY F 25 28.66 17.51 1.72
CA GLY F 25 29.37 18.24 0.71
C GLY F 25 28.94 19.68 0.70
N LYS F 26 29.90 20.59 0.56
CA LYS F 26 29.63 21.99 0.38
C LYS F 26 29.88 22.45 -1.06
N GLU F 27 28.90 23.12 -1.63
CA GLU F 27 29.04 23.77 -2.92
C GLU F 27 28.89 25.25 -2.68
N SER F 28 30.01 25.91 -2.40
CA SER F 28 30.00 27.37 -2.09
C SER F 28 29.73 28.22 -3.32
N ALA F 29 29.47 29.50 -3.13
CA ALA F 29 29.27 30.45 -4.28
C ALA F 29 30.48 30.61 -5.17
N ASP F 30 31.62 30.24 -4.64
CA ASP F 30 32.85 30.27 -5.36
C ASP F 30 32.86 29.19 -6.46
N TYR F 31 32.09 28.09 -6.30
CA TYR F 31 32.03 27.00 -7.33
C TYR F 31 30.76 26.97 -8.10
N VAL F 32 29.70 27.55 -7.55
CA VAL F 32 28.42 27.52 -8.23
C VAL F 32 28.03 28.92 -8.66
N ALA F 33 27.90 29.11 -9.97
CA ALA F 33 27.59 30.41 -10.52
C ALA F 33 26.22 30.81 -10.13
N ASN F 34 25.26 29.91 -10.25
CA ASN F 34 23.86 30.25 -9.95
C ASN F 34 23.44 29.90 -8.52
N HIS F 35 24.11 30.57 -7.60
CA HIS F 35 24.03 30.33 -6.16
C HIS F 35 22.98 31.21 -5.46
N GLU F 36 22.26 32.04 -6.19
CA GLU F 36 21.33 33.00 -5.55
C GLU F 36 20.10 32.18 -5.12
N LYS F 37 19.62 32.39 -3.90
CA LYS F 37 18.40 31.72 -3.39
C LYS F 37 17.18 32.62 -3.37
N ILE F 38 17.33 33.86 -3.83
CA ILE F 38 16.24 34.83 -3.94
C ILE F 38 15.91 35.06 -5.40
N ILE F 39 14.65 34.96 -5.76
CA ILE F 39 14.25 35.25 -7.10
C ILE F 39 13.30 36.45 -7.07
N ARG F 40 13.15 37.12 -8.24
CA ARG F 40 12.20 38.21 -8.40
C ARG F 40 10.94 37.70 -9.03
N VAL F 41 9.79 38.10 -8.53
CA VAL F 41 8.53 37.69 -9.09
C VAL F 41 7.66 38.95 -8.99
N GLY F 42 7.36 39.59 -10.13
CA GLY F 42 6.79 40.93 -10.15
C GLY F 42 7.72 41.82 -9.39
N ASP F 43 7.15 42.72 -8.61
CA ASP F 43 7.96 43.54 -7.70
C ASP F 43 8.15 42.91 -6.31
N SER F 44 7.99 41.60 -6.18
CA SER F 44 8.30 40.89 -4.95
C SER F 44 9.63 40.15 -5.10
N TYR F 45 10.28 39.92 -3.97
CA TYR F 45 11.43 39.04 -3.88
C TYR F 45 11.02 37.81 -3.10
N VAL F 46 11.43 36.65 -3.58
CA VAL F 46 11.07 35.42 -2.92
C VAL F 46 12.34 34.67 -2.56
N ALA F 47 12.56 34.50 -1.27
CA ALA F 47 13.70 33.79 -0.77
C ALA F 47 13.28 32.37 -0.38
N ILE F 48 14.01 31.37 -0.89
CA ILE F 48 13.58 29.98 -0.87
C ILE F 48 14.45 29.04 -0.03
N THR F 49 13.83 28.16 0.76
CA THR F 49 14.56 27.14 1.49
C THR F 49 14.01 25.85 1.02
N GLY F 50 14.79 24.81 1.12
CA GLY F 50 14.30 23.50 0.70
C GLY F 50 15.21 22.97 -0.34
N SER F 51 14.75 21.99 -1.08
CA SER F 51 15.50 21.53 -2.20
C SER F 51 15.88 22.67 -3.15
N ALA F 52 17.11 22.65 -3.61
CA ALA F 52 17.58 23.65 -4.57
C ALA F 52 16.76 23.67 -5.86
N THR F 53 16.14 22.56 -6.21
CA THR F 53 15.30 22.54 -7.38
C THR F 53 14.16 23.56 -7.34
N PHE F 54 13.68 23.93 -6.16
CA PHE F 54 12.51 24.78 -6.09
C PHE F 54 12.79 26.18 -6.65
N LYS F 55 14.01 26.69 -6.47
CA LYS F 55 14.41 27.95 -7.13
C LYS F 55 13.95 27.92 -8.62
N LEU F 56 14.31 26.88 -9.33
CA LEU F 56 14.04 26.78 -10.76
C LEU F 56 12.58 26.48 -11.07
N ILE F 57 11.93 25.69 -10.24
CA ILE F 57 10.53 25.42 -10.41
C ILE F 57 9.68 26.68 -10.29
N LEU F 58 9.91 27.47 -9.25
CA LEU F 58 9.13 28.67 -9.09
C LEU F 58 9.39 29.65 -10.21
N ALA F 59 10.64 29.76 -10.62
CA ALA F 59 10.96 30.67 -11.71
C ALA F 59 10.17 30.28 -12.98
N ASP F 60 10.19 29.00 -13.30
CA ASP F 60 9.49 28.45 -14.49
C ASP F 60 7.98 28.61 -14.35
N TYR F 61 7.48 28.35 -13.17
CA TYR F 61 6.05 28.35 -12.95
C TYR F 61 5.51 29.76 -13.07
N PHE F 62 6.15 30.70 -12.39
CA PHE F 62 5.62 32.06 -12.34
C PHE F 62 5.76 32.69 -13.71
N ALA F 63 6.90 32.46 -14.37
CA ALA F 63 7.09 32.78 -15.80
C ALA F 63 5.95 32.30 -16.70
N SER F 64 5.36 31.17 -16.43
CA SER F 64 4.38 30.61 -17.32
C SER F 64 3.00 31.22 -17.13
N LEU F 65 2.77 32.04 -16.12
CA LEU F 65 1.43 32.57 -15.91
C LEU F 65 1.19 33.77 -16.80
N ASP F 66 -0.08 34.07 -17.07
CA ASP F 66 -0.44 35.24 -17.91
C ASP F 66 0.24 36.50 -17.47
N GLU F 67 0.08 36.87 -16.20
CA GLU F 67 0.93 37.92 -15.61
C GLU F 67 1.42 37.48 -14.26
N PRO F 68 2.45 38.18 -13.71
CA PRO F 68 2.88 37.69 -12.41
C PRO F 68 1.80 37.98 -11.34
N PRO F 69 1.84 37.25 -10.24
CA PRO F 69 0.76 37.27 -9.27
C PRO F 69 0.89 38.36 -8.25
N GLN F 70 -0.21 38.77 -7.62
CA GLN F 70 -0.09 39.74 -6.55
C GLN F 70 0.21 38.94 -5.29
N LEU F 71 1.30 39.34 -4.64
CA LEU F 71 1.81 38.68 -3.45
C LEU F 71 1.89 39.69 -2.30
N ASP F 72 0.85 40.48 -2.12
CA ASP F 72 0.90 41.61 -1.21
C ASP F 72 -0.16 41.57 -0.10
N SER F 73 -0.84 40.44 0.06
CA SER F 73 -1.70 40.24 1.22
C SER F 73 -1.76 38.77 1.55
N VAL F 74 -2.07 38.51 2.80
CA VAL F 74 -2.07 37.13 3.27
C VAL F 74 -3.04 36.26 2.46
N ALA F 75 -4.25 36.76 2.19
CA ALA F 75 -5.23 35.96 1.43
C ALA F 75 -4.77 35.74 0.01
N ARG F 76 -4.14 36.75 -0.55
CA ARG F 76 -3.67 36.60 -1.92
C ARG F 76 -2.57 35.57 -2.06
N ILE F 77 -1.61 35.66 -1.17
CA ILE F 77 -0.49 34.74 -1.19
C ILE F 77 -1.01 33.33 -0.99
N PHE F 78 -1.98 33.19 -0.11
CA PHE F 78 -2.58 31.88 0.08
C PHE F 78 -3.15 31.27 -1.20
N CYS F 79 -3.91 32.02 -1.97
CA CYS F 79 -4.47 31.46 -3.22
C CYS F 79 -3.38 31.09 -4.16
N VAL F 80 -2.43 32.01 -4.32
CA VAL F 80 -1.35 31.76 -5.24
C VAL F 80 -0.71 30.42 -4.84
N TRP F 81 -0.44 30.23 -3.55
CA TRP F 81 0.23 29.00 -3.10
C TRP F 81 -0.63 27.72 -3.14
N ASN F 82 -1.92 27.86 -2.90
CA ASN F 82 -2.78 26.72 -3.09
C ASN F 82 -2.86 26.20 -4.53
N THR F 83 -2.81 27.13 -5.48
CA THR F 83 -2.82 26.74 -6.88
C THR F 83 -1.48 26.13 -7.22
N LEU F 84 -0.43 26.83 -6.82
CA LEU F 84 0.94 26.38 -7.03
C LEU F 84 1.12 24.93 -6.63
N HIS F 85 0.57 24.59 -5.48
CA HIS F 85 0.77 23.27 -4.97
C HIS F 85 0.25 22.23 -5.93
N GLY F 86 -0.93 22.49 -6.48
CA GLY F 86 -1.50 21.59 -7.47
C GLY F 86 -0.57 21.43 -8.67
N ALA F 87 0.08 22.52 -9.04
CA ALA F 87 0.98 22.49 -10.18
C ALA F 87 2.27 21.75 -9.86
N LEU F 88 2.82 21.93 -8.67
CA LEU F 88 3.97 21.15 -8.24
C LEU F 88 3.67 19.66 -8.41
N LYS F 89 2.46 19.25 -8.09
CA LYS F 89 2.11 17.84 -8.22
C LYS F 89 1.86 17.40 -9.64
N GLU F 90 1.07 18.16 -10.41
CA GLU F 90 0.71 17.80 -11.80
C GLU F 90 1.90 17.95 -12.79
N HIS F 91 2.76 18.96 -12.65
N HIS F 91 2.75 18.95 -12.63
CA HIS F 91 3.82 19.25 -13.69
CA HIS F 91 3.74 19.25 -13.66
C HIS F 91 5.24 19.04 -13.21
C HIS F 91 5.22 19.08 -13.20
N TYR F 92 5.50 19.16 -11.91
CA TYR F 92 6.90 19.21 -11.42
C TYR F 92 7.36 18.03 -10.55
N TYR F 93 6.51 17.00 -10.46
CA TYR F 93 6.81 15.74 -9.82
C TYR F 93 7.07 15.78 -8.31
N LEU F 94 6.35 16.64 -7.59
CA LEU F 94 6.30 16.60 -6.12
C LEU F 94 5.51 15.40 -5.70
N GLN F 95 5.78 14.82 -4.52
CA GLN F 95 5.06 13.56 -4.16
C GLN F 95 3.63 13.52 -3.47
N ASP F 103 -1.26 15.73 8.24
CA ASP F 103 -2.60 16.23 7.91
C ASP F 103 -2.94 16.86 6.49
N LEU F 104 -2.55 18.12 6.28
CA LEU F 104 -2.45 18.69 4.92
C LEU F 104 -1.17 18.25 4.20
N GLU F 105 -1.19 18.13 2.88
CA GLU F 105 0.01 17.78 2.10
C GLU F 105 1.05 18.83 2.28
N SER F 106 2.32 18.57 2.04
CA SER F 106 3.35 19.59 2.19
C SER F 106 3.87 20.03 0.84
N SER F 107 4.17 21.31 0.69
CA SER F 107 4.78 21.81 -0.52
C SER F 107 6.30 21.72 -0.42
N ARG F 108 6.80 21.34 0.76
CA ARG F 108 8.23 21.06 1.01
C ARG F 108 9.17 22.20 0.83
N MSE F 109 8.72 23.42 1.02
CA MSE F 109 9.60 24.57 0.90
C MSE F 109 9.04 25.61 1.82
O MSE F 109 7.79 25.69 2.03
CB MSE F 109 9.69 25.05 -0.52
CG MSE F 109 8.36 25.71 -0.93
SE MSE F 109 8.47 26.42 -2.75
CE MSE F 109 7.26 25.11 -3.51
N ASP F 110 9.93 26.39 2.39
CA ASP F 110 9.50 27.53 3.15
C ASP F 110 10.09 28.75 2.47
N VAL F 111 9.29 29.79 2.29
CA VAL F 111 9.76 30.98 1.60
C VAL F 111 9.38 32.22 2.33
N LEU F 112 10.25 33.22 2.22
CA LEU F 112 9.94 34.55 2.66
C LEU F 112 9.69 35.38 1.39
N ILE F 113 8.74 36.32 1.51
CA ILE F 113 8.32 37.17 0.41
C ILE F 113 8.35 38.64 0.86
N ALA F 114 9.12 39.45 0.15
CA ALA F 114 9.23 40.88 0.44
C ALA F 114 8.73 41.68 -0.74
N ASN F 115 7.83 42.61 -0.47
CA ASN F 115 7.57 43.64 -1.42
C ASN F 115 7.24 44.93 -0.74
N PRO F 116 7.01 46.00 -1.50
CA PRO F 116 6.78 47.28 -0.81
C PRO F 116 5.57 47.35 0.09
N ARG F 117 4.57 46.51 -0.14
CA ARG F 117 3.35 46.51 0.69
C ARG F 117 3.49 45.68 1.97
N GLY F 118 4.59 44.99 2.19
CA GLY F 118 4.70 44.17 3.41
C GLY F 118 5.71 43.02 3.36
N ILE F 119 5.93 42.38 4.50
CA ILE F 119 6.82 41.21 4.56
C ILE F 119 6.05 39.98 5.02
N PHE F 120 6.22 38.89 4.29
CA PHE F 120 5.43 37.71 4.48
C PHE F 120 6.28 36.43 4.47
N GLY F 121 5.67 35.34 4.91
CA GLY F 121 6.28 34.03 4.83
C GLY F 121 5.25 33.00 4.48
N VAL F 122 5.67 31.95 3.78
CA VAL F 122 4.83 30.81 3.52
C VAL F 122 5.57 29.58 3.89
N ALA F 123 5.02 28.84 4.83
CA ALA F 123 5.66 27.63 5.28
C ALA F 123 5.14 26.43 4.48
N ALA F 124 5.75 25.28 4.69
CA ALA F 124 5.52 24.16 3.82
C ALA F 124 4.11 23.65 3.83
N HIS F 125 3.34 23.86 4.88
CA HIS F 125 1.93 23.48 4.77
C HIS F 125 1.02 24.64 4.47
N ARG F 126 1.54 25.58 3.70
CA ARG F 126 0.82 26.74 3.21
C ARG F 126 0.27 27.66 4.30
N THR F 127 0.92 27.64 5.43
CA THR F 127 0.62 28.66 6.40
C THR F 127 1.25 29.95 5.95
N VAL F 128 0.43 30.94 5.69
CA VAL F 128 0.93 32.22 5.25
C VAL F 128 0.92 33.19 6.42
N GLN F 129 2.03 33.84 6.71
CA GLN F 129 2.08 34.78 7.80
C GLN F 129 2.56 36.14 7.31
N GLU F 130 2.01 37.20 7.89
CA GLU F 130 2.56 38.50 7.68
C GLU F 130 3.37 38.86 8.95
N PHE F 131 4.57 39.38 8.75
CA PHE F 131 5.42 39.69 9.86
C PHE F 131 5.46 41.16 10.11
N SER F 132 5.67 41.50 11.39
CA SER F 132 5.60 42.89 11.79
C SER F 132 6.96 43.54 12.02
N LYS F 133 7.99 42.77 12.33
CA LYS F 133 9.34 43.33 12.45
C LYS F 133 10.40 42.57 11.68
N PHE F 134 10.66 41.33 12.09
CA PHE F 134 11.54 40.48 11.29
C PHE F 134 11.19 39.01 11.47
N TYR F 135 11.71 38.20 10.56
CA TYR F 135 11.66 36.75 10.74
C TYR F 135 12.71 36.06 9.92
N ALA F 136 12.85 34.76 10.12
CA ALA F 136 13.83 33.96 9.36
C ALA F 136 13.33 32.55 9.19
N TYR F 137 13.60 31.97 8.02
CA TYR F 137 13.28 30.57 7.73
C TYR F 137 14.58 29.84 7.37
N GLY F 138 14.57 28.51 7.34
CA GLY F 138 15.73 27.71 7.01
C GLY F 138 16.29 27.13 8.28
N SER F 139 17.16 26.16 8.16
CA SER F 139 17.74 25.53 9.29
C SER F 139 18.58 26.50 10.10
N GLY F 140 19.11 27.57 9.50
CA GLY F 140 19.92 28.56 10.26
C GLY F 140 19.08 29.56 11.02
N SER F 141 17.79 29.32 11.05
CA SER F 141 16.85 30.34 11.36
C SER F 141 16.95 30.80 12.83
N PRO F 142 17.18 29.86 13.76
CA PRO F 142 17.22 30.37 15.15
C PRO F 142 18.43 31.23 15.47
N TYR F 143 19.56 30.98 14.80
CA TYR F 143 20.75 31.80 15.01
C TYR F 143 20.41 33.19 14.48
N ALA F 144 19.78 33.22 13.32
CA ALA F 144 19.45 34.47 12.73
C ALA F 144 18.45 35.24 13.64
N LEU F 145 17.47 34.55 14.21
CA LEU F 145 16.45 35.23 14.98
C LEU F 145 17.10 35.89 16.18
N GLY F 146 18.05 35.21 16.79
CA GLY F 146 18.74 35.75 17.96
C GLY F 146 19.52 37.01 17.62
N ALA F 147 20.28 36.93 16.53
CA ALA F 147 21.06 38.06 16.09
C ALA F 147 20.17 39.25 15.78
N MSE F 148 19.08 39.01 15.08
CA MSE F 148 18.20 40.12 14.73
C MSE F 148 17.44 40.66 15.95
O MSE F 148 17.20 41.86 16.06
CB MSE F 148 17.26 39.73 13.59
CG MSE F 148 18.08 39.45 12.34
SE MSE F 148 16.96 39.10 10.77
CE MSE F 148 16.10 37.46 11.39
N TYR F 149 17.11 39.81 16.87
CA TYR F 149 16.55 40.28 18.15
C TYR F 149 17.52 41.22 18.84
N ALA F 150 18.80 40.93 18.87
CA ALA F 150 19.79 41.82 19.49
C ALA F 150 20.00 43.12 18.72
N ALA F 151 19.88 43.10 17.40
CA ALA F 151 20.23 44.25 16.59
C ALA F 151 19.08 45.06 16.09
N TYR F 152 17.87 44.55 16.17
CA TYR F 152 16.75 45.24 15.55
C TYR F 152 16.54 46.71 15.99
N ARG F 153 16.74 47.01 17.26
CA ARG F 153 16.51 48.36 17.76
C ARG F 153 17.75 49.19 17.75
N ALA F 154 18.87 48.65 17.31
CA ALA F 154 20.07 49.47 17.14
C ALA F 154 19.77 50.61 16.16
N PRO F 155 19.96 51.88 16.59
CA PRO F 155 19.52 52.95 15.68
C PRO F 155 20.49 53.14 14.51
N SER F 156 21.72 52.65 14.57
CA SER F 156 22.60 52.73 13.41
C SER F 156 22.49 51.60 12.36
N LEU F 157 21.51 50.69 12.48
CA LEU F 157 21.45 49.53 11.57
C LEU F 157 20.13 49.56 10.84
N ASP F 158 20.17 49.75 9.53
CA ASP F 158 18.94 49.83 8.78
C ASP F 158 18.39 48.42 8.55
N ALA F 159 17.23 48.34 7.93
CA ALA F 159 16.62 47.04 7.72
C ALA F 159 17.53 46.07 7.00
N GLU F 160 18.31 46.55 6.04
CA GLU F 160 19.15 45.61 5.29
C GLU F 160 20.33 45.12 6.11
N ALA F 161 20.92 45.98 6.92
CA ALA F 161 22.00 45.54 7.82
C ALA F 161 21.54 44.44 8.76
N VAL F 162 20.33 44.61 9.31
CA VAL F 162 19.78 43.63 10.22
C VAL F 162 19.52 42.30 9.50
N ALA F 163 18.94 42.36 8.32
CA ALA F 163 18.67 41.15 7.57
C ALA F 163 19.93 40.38 7.31
N ARG F 164 20.98 41.10 6.95
CA ARG F 164 22.24 40.45 6.60
C ARG F 164 22.94 39.93 7.80
N LEU F 165 22.77 40.60 8.91
CA LEU F 165 23.40 40.18 10.13
C LEU F 165 22.84 38.83 10.59
N GLY F 166 21.55 38.67 10.38
CA GLY F 166 20.92 37.39 10.64
C GLY F 166 21.61 36.26 9.91
N VAL F 167 21.84 36.45 8.62
CA VAL F 167 22.42 35.38 7.81
C VAL F 167 23.86 35.13 8.26
N MSE F 168 24.60 36.19 8.57
CA MSE F 168 25.96 36.02 9.00
C MSE F 168 26.05 35.22 10.28
O MSE F 168 26.95 34.38 10.44
CB MSE F 168 26.59 37.34 9.23
CG MSE F 168 26.80 38.12 7.92
SE MSE F 168 27.28 40.03 8.32
CE MSE F 168 29.14 39.39 8.70
N ALA F 169 25.14 35.45 11.20
CA ALA F 169 25.14 34.72 12.43
C ALA F 169 24.96 33.24 12.19
N ALA F 170 24.06 32.91 11.29
CA ALA F 170 23.79 31.50 10.97
C ALA F 170 24.98 30.85 10.29
N ALA F 171 25.63 31.60 9.41
CA ALA F 171 26.82 31.07 8.73
C ALA F 171 27.98 30.94 9.70
N GLU F 172 27.99 31.76 10.74
CA GLU F 172 29.03 31.63 11.77
C GLU F 172 28.96 30.32 12.48
N PHE F 173 27.76 29.84 12.79
CA PHE F 173 27.61 28.69 13.71
C PHE F 173 26.97 27.43 13.17
N HIS F 174 26.48 27.48 11.93
CA HIS F 174 25.74 26.33 11.44
C HIS F 174 26.18 25.84 10.09
N ASP F 175 26.24 24.53 9.91
CA ASP F 175 26.94 23.95 8.76
C ASP F 175 26.16 23.87 7.47
N GLU F 176 24.99 24.42 7.49
CA GLU F 176 24.16 24.46 6.31
C GLU F 176 24.02 25.88 5.75
N SER F 177 24.78 26.82 6.30
CA SER F 177 24.75 28.20 5.80
C SER F 177 26.13 28.70 5.51
N GLY F 178 26.26 29.54 4.50
CA GLY F 178 27.56 29.99 4.09
C GLY F 178 27.55 31.34 3.44
N LEU F 179 28.59 32.12 3.70
CA LEU F 179 28.78 33.42 3.07
C LEU F 179 29.26 33.24 1.67
N PRO F 180 29.16 34.25 0.83
CA PRO F 180 28.57 35.57 1.02
C PRO F 180 27.05 35.56 1.22
N VAL F 181 26.55 36.70 1.68
CA VAL F 181 25.15 36.98 1.83
C VAL F 181 24.66 37.74 0.63
N GLN F 182 23.51 37.38 0.09
CA GLN F 182 22.86 38.11 -0.99
C GLN F 182 21.69 38.82 -0.32
N SER F 183 21.48 40.08 -0.63
CA SER F 183 20.38 40.83 -0.03
C SER F 183 19.78 41.93 -0.92
N PHE F 184 18.57 42.36 -0.61
CA PHE F 184 17.87 43.39 -1.37
C PHE F 184 17.12 44.27 -0.40
N VAL F 185 16.89 45.50 -0.82
CA VAL F 185 16.20 46.47 -0.01
C VAL F 185 15.26 47.36 -0.84
N MSE F 186 14.17 47.80 -0.23
CA MSE F 186 13.20 48.61 -0.94
C MSE F 186 12.51 49.51 0.03
O MSE F 186 12.54 49.29 1.23
CB MSE F 186 12.23 47.70 -1.70
CG MSE F 186 11.31 46.92 -0.76
SE MSE F 186 10.82 45.15 -1.51
CE MSE F 186 12.59 44.33 -1.09
N GLU F 187 11.85 50.56 -0.50
CA GLU F 187 11.06 51.46 0.35
C GLU F 187 9.69 50.88 0.57
N LEU F 188 9.24 50.96 1.81
CA LEU F 188 7.88 50.58 2.20
C LEU F 188 6.92 51.50 1.45
N SER F 189 5.80 51.07 0.90
CA SER F 189 4.96 52.03 0.14
C SER F 189 3.99 52.76 1.12
N PRO F 190 3.39 53.92 0.72
CA PRO F 190 2.46 54.62 1.70
C PRO F 190 0.92 54.42 1.49
N THR G 1 -2.47 25.68 21.40
CA THR G 1 -3.59 26.62 21.28
C THR G 1 -4.53 26.33 22.38
N THR G 2 -5.15 27.40 22.86
CA THR G 2 -6.32 27.26 23.66
C THR G 2 -7.40 28.09 23.04
N VAL G 3 -8.57 27.51 22.88
CA VAL G 3 -9.76 28.31 22.59
C VAL G 3 -10.88 28.00 23.59
N THR G 4 -11.63 29.02 23.96
CA THR G 4 -12.69 28.87 24.96
C THR G 4 -13.98 29.50 24.51
N ILE G 5 -15.06 29.07 25.15
CA ILE G 5 -16.38 29.56 24.84
C ILE G 5 -17.26 29.44 26.07
N VAL G 6 -18.03 30.48 26.32
CA VAL G 6 -18.80 30.65 27.53
C VAL G 6 -20.12 31.30 27.24
N ARG G 7 -21.12 30.93 28.01
CA ARG G 7 -22.48 31.44 27.92
C ARG G 7 -22.95 31.67 29.34
N LYS G 8 -23.22 32.90 29.68
CA LYS G 8 -23.56 33.24 31.04
C LYS G 8 -24.29 34.59 31.15
N ASP G 9 -25.39 34.59 31.88
CA ASP G 9 -26.20 35.79 32.15
C ASP G 9 -26.56 36.55 30.89
N GLY G 10 -27.10 35.87 29.90
CA GLY G 10 -27.53 36.59 28.69
C GLY G 10 -26.44 37.11 27.76
N ARG G 11 -25.20 36.71 28.02
CA ARG G 11 -24.12 36.97 27.08
C ARG G 11 -23.35 35.73 26.70
N ILE G 12 -22.78 35.79 25.52
CA ILE G 12 -21.98 34.71 25.00
C ILE G 12 -20.61 35.24 24.63
N ALA G 13 -19.56 34.51 24.98
CA ALA G 13 -18.22 34.98 24.66
C ALA G 13 -17.37 33.84 24.13
N ILE G 14 -16.37 34.23 23.35
CA ILE G 14 -15.43 33.29 22.75
C ILE G 14 -14.00 33.87 22.78
N ALA G 15 -13.00 33.03 23.06
CA ALA G 15 -11.65 33.56 23.26
C ALA G 15 -10.60 32.62 22.76
N ALA G 16 -9.42 33.15 22.51
CA ALA G 16 -8.29 32.33 22.00
C ALA G 16 -7.00 32.96 22.37
N ASP G 17 -5.96 32.15 22.44
CA ASP G 17 -4.64 32.69 22.65
C ASP G 17 -4.17 33.15 21.28
N THR G 18 -2.92 33.65 21.21
CA THR G 18 -2.36 34.25 19.99
C THR G 18 -1.00 33.73 19.61
N LEU G 19 -0.58 32.63 20.21
CA LEU G 19 0.78 32.17 19.98
C LEU G 19 0.78 31.12 18.90
N THR G 20 1.70 31.27 17.96
CA THR G 20 1.91 30.26 16.93
C THR G 20 3.15 29.47 17.23
N LYS G 21 3.10 28.16 17.00
CA LYS G 21 4.29 27.34 17.28
C LYS G 21 4.80 26.75 15.98
N TRP G 22 6.10 26.65 15.88
CA TRP G 22 6.74 25.95 14.81
C TRP G 22 7.77 25.11 15.52
N GLY G 23 7.39 23.90 15.90
CA GLY G 23 8.27 23.05 16.68
C GLY G 23 8.27 23.60 18.07
N GLY G 24 9.45 23.74 18.64
CA GLY G 24 9.61 24.41 19.90
C GLY G 24 9.76 25.90 19.72
N GLY G 25 9.82 26.36 18.47
CA GLY G 25 9.87 27.78 18.17
C GLY G 25 8.56 28.48 18.51
N LYS G 26 8.68 29.67 19.08
CA LYS G 26 7.53 30.51 19.36
C LYS G 26 7.45 31.68 18.40
N GLU G 27 6.30 31.85 17.74
CA GLU G 27 6.01 33.02 16.94
C GLU G 27 4.90 33.78 17.65
N SER G 28 5.28 34.70 18.55
CA SER G 28 4.29 35.44 19.35
C SER G 28 3.54 36.50 18.54
N ALA G 29 2.47 37.05 19.08
CA ALA G 29 1.72 38.14 18.39
C ALA G 29 2.53 39.43 18.16
N ASP G 30 3.60 39.57 18.90
CA ASP G 30 4.53 40.64 18.76
C ASP G 30 5.32 40.52 17.43
N TYR G 31 5.50 39.31 16.88
CA TYR G 31 6.20 39.10 15.57
C TYR G 31 5.27 38.80 14.40
N VAL G 32 4.08 38.29 14.68
CA VAL G 32 3.19 37.91 13.63
C VAL G 32 1.99 38.82 13.65
N ALA G 33 1.77 39.52 12.54
CA ALA G 33 0.66 40.47 12.41
C ALA G 33 -0.67 39.77 12.38
N ASN G 34 -0.77 38.69 11.61
CA ASN G 34 -2.03 37.96 11.48
C ASN G 34 -2.16 36.74 12.43
N HIS G 35 -2.13 37.06 13.73
CA HIS G 35 -2.05 36.09 14.78
C HIS G 35 -3.41 35.66 15.30
N GLU G 36 -4.49 36.15 14.71
CA GLU G 36 -5.83 35.95 15.30
C GLU G 36 -6.20 34.51 14.93
N LYS G 37 -6.72 33.72 15.89
CA LYS G 37 -7.21 32.36 15.63
C LYS G 37 -8.73 32.26 15.53
N ILE G 38 -9.42 33.36 15.64
CA ILE G 38 -10.86 33.39 15.52
C ILE G 38 -11.19 34.10 14.23
N ILE G 39 -12.09 33.57 13.46
CA ILE G 39 -12.57 34.29 12.27
C ILE G 39 -14.06 34.53 12.38
N ARG G 40 -14.56 35.51 11.62
CA ARG G 40 -16.00 35.79 11.55
C ARG G 40 -16.62 35.11 10.33
N VAL G 41 -17.77 34.47 10.49
CA VAL G 41 -18.43 33.80 9.40
C VAL G 41 -19.90 34.04 9.61
N GLY G 42 -20.49 34.89 8.78
CA GLY G 42 -21.79 35.46 9.07
C GLY G 42 -21.71 36.14 10.41
N ASP G 43 -22.77 35.99 11.20
CA ASP G 43 -22.74 36.51 12.59
C ASP G 43 -22.24 35.48 13.60
N SER G 44 -21.50 34.46 13.14
CA SER G 44 -20.83 33.55 14.04
C SER G 44 -19.36 33.87 14.14
N TYR G 45 -18.76 33.47 15.25
CA TYR G 45 -17.33 33.47 15.40
C TYR G 45 -16.85 32.03 15.44
N VAL G 46 -15.74 31.78 14.77
CA VAL G 46 -15.19 30.44 14.75
C VAL G 46 -13.76 30.44 15.22
N ALA G 47 -13.53 29.77 16.34
CA ALA G 47 -12.20 29.70 16.94
C ALA G 47 -11.59 28.34 16.60
N ILE G 48 -10.37 28.37 16.06
CA ILE G 48 -9.78 27.21 15.38
C ILE G 48 -8.51 26.67 16.08
N THR G 49 -8.44 25.36 16.21
CA THR G 49 -7.22 24.72 16.73
C THR G 49 -6.74 23.78 15.65
N GLY G 50 -5.47 23.49 15.62
CA GLY G 50 -4.95 22.64 14.57
C GLY G 50 -3.92 23.40 13.81
N SER G 51 -3.62 22.92 12.63
CA SER G 51 -2.69 23.62 11.76
C SER G 51 -3.11 25.04 11.55
N ALA G 52 -2.15 25.94 11.58
CA ALA G 52 -2.44 27.37 11.29
C ALA G 52 -3.05 27.60 9.92
N THR G 53 -2.76 26.73 8.97
CA THR G 53 -3.33 26.88 7.67
C THR G 53 -4.88 26.86 7.67
N PHE G 54 -5.51 26.19 8.63
CA PHE G 54 -6.96 26.08 8.61
C PHE G 54 -7.70 27.43 8.78
N LYS G 55 -7.16 28.34 9.55
CA LYS G 55 -7.65 29.74 9.58
C LYS G 55 -7.91 30.23 8.18
N LEU G 56 -6.92 30.14 7.31
CA LEU G 56 -7.06 30.68 5.93
C LEU G 56 -7.95 29.85 5.02
N ILE G 57 -7.89 28.54 5.18
CA ILE G 57 -8.75 27.68 4.41
C ILE G 57 -10.21 28.01 4.70
N LEU G 58 -10.59 28.07 5.95
CA LEU G 58 -11.97 28.29 6.24
C LEU G 58 -12.39 29.65 5.73
N ALA G 59 -11.53 30.63 5.90
CA ALA G 59 -11.90 31.96 5.47
C ALA G 59 -12.19 31.95 3.95
N ASP G 60 -11.30 31.31 3.17
CA ASP G 60 -11.42 31.18 1.72
C ASP G 60 -12.67 30.38 1.35
N TYR G 61 -12.91 29.31 2.09
CA TYR G 61 -13.98 28.39 1.75
C TYR G 61 -15.31 29.07 1.96
N PHE G 62 -15.46 29.70 3.13
CA PHE G 62 -16.77 30.26 3.48
C PHE G 62 -17.06 31.47 2.62
N ALA G 63 -16.04 32.28 2.37
CA ALA G 63 -16.10 33.36 1.37
C ALA G 63 -16.61 32.89 0.02
N SER G 64 -16.29 31.68 -0.39
CA SER G 64 -16.62 31.22 -1.73
C SER G 64 -18.05 30.75 -1.85
N LEU G 65 -18.81 30.61 -0.78
CA LEU G 65 -20.18 30.12 -0.90
C LEU G 65 -21.10 31.24 -1.34
N ASP G 66 -22.24 30.88 -1.92
CA ASP G 66 -23.28 31.86 -2.31
C ASP G 66 -23.63 32.82 -1.21
N GLU G 67 -24.01 32.33 -0.03
CA GLU G 67 -24.05 33.19 1.17
C GLU G 67 -23.41 32.46 2.34
N PRO G 68 -23.12 33.18 3.45
CA PRO G 68 -22.52 32.43 4.54
C PRO G 68 -23.56 31.48 5.17
N PRO G 69 -23.10 30.44 5.83
CA PRO G 69 -23.96 29.36 6.25
C PRO G 69 -24.61 29.64 7.58
N GLN G 70 -25.73 28.98 7.89
CA GLN G 70 -26.29 29.08 9.21
C GLN G 70 -25.58 28.06 10.10
N LEU G 71 -25.03 28.55 11.20
CA LEU G 71 -24.27 27.76 12.14
C LEU G 71 -24.92 27.86 13.53
N ASP G 72 -26.23 27.73 13.60
CA ASP G 72 -26.96 28.03 14.83
C ASP G 72 -27.74 26.85 15.39
N SER G 73 -27.52 25.67 14.86
CA SER G 73 -28.07 24.47 15.46
C SER G 73 -27.12 23.33 15.18
N VAL G 74 -27.22 22.33 16.00
CA VAL G 74 -26.38 21.19 15.86
C VAL G 74 -26.52 20.55 14.50
N ALA G 75 -27.73 20.32 14.01
CA ALA G 75 -27.90 19.64 12.68
C ALA G 75 -27.35 20.48 11.55
N ARG G 76 -27.54 21.78 11.67
CA ARG G 76 -27.05 22.63 10.63
C ARG G 76 -25.57 22.63 10.54
N ILE G 77 -24.92 22.74 11.70
CA ILE G 77 -23.46 22.76 11.77
C ILE G 77 -22.92 21.45 11.21
N PHE G 78 -23.59 20.37 11.53
CA PHE G 78 -23.20 19.10 10.99
C PHE G 78 -23.19 19.07 9.49
N CYS G 79 -24.22 19.58 8.84
CA CYS G 79 -24.22 19.56 7.36
C CYS G 79 -23.12 20.40 6.80
N VAL G 80 -22.98 21.59 7.38
CA VAL G 80 -21.97 22.50 6.89
C VAL G 80 -20.63 21.77 6.95
N TRP G 81 -20.35 21.12 8.08
CA TRP G 81 -19.06 20.49 8.24
C TRP G 81 -18.87 19.22 7.39
N ASN G 82 -19.93 18.46 7.19
CA ASN G 82 -19.81 17.31 6.31
C ASN G 82 -19.49 17.69 4.86
N THR G 83 -20.04 18.80 4.40
CA THR G 83 -19.75 19.29 3.08
C THR G 83 -18.31 19.85 3.01
N LEU G 84 -18.00 20.68 3.99
CA LEU G 84 -16.67 21.22 4.19
C LEU G 84 -15.58 20.16 4.10
N HIS G 85 -15.80 19.04 4.75
CA HIS G 85 -14.79 18.02 4.73
C HIS G 85 -14.45 17.57 3.33
N GLY G 86 -15.49 17.35 2.53
CA GLY G 86 -15.28 16.99 1.10
C GLY G 86 -14.44 18.01 0.37
N ALA G 87 -14.68 19.27 0.67
CA ALA G 87 -13.96 20.34 0.05
C ALA G 87 -12.52 20.41 0.53
N LEU G 88 -12.28 20.21 1.82
CA LEU G 88 -10.90 20.13 2.30
C LEU G 88 -10.11 19.10 1.51
N LYS G 89 -10.75 18.00 1.19
CA LYS G 89 -10.09 16.96 0.40
C LYS G 89 -9.95 17.32 -1.07
N GLU G 90 -11.00 17.79 -1.73
CA GLU G 90 -10.95 18.03 -3.18
C GLU G 90 -10.13 19.29 -3.52
N HIS G 91 -10.20 20.36 -2.73
N HIS G 91 -10.17 20.32 -2.70
CA HIS G 91 -9.59 21.69 -3.11
CA HIS G 91 -9.65 21.65 -3.10
C HIS G 91 -8.40 22.10 -2.26
C HIS G 91 -8.49 22.17 -2.23
N TYR G 92 -8.33 21.65 -1.01
CA TYR G 92 -7.31 22.16 -0.08
C TYR G 92 -6.20 21.22 0.39
N TYR G 93 -6.19 20.02 -0.19
CA TYR G 93 -5.14 19.04 0.01
C TYR G 93 -5.02 18.43 1.41
N LEU G 94 -6.14 18.23 2.08
CA LEU G 94 -6.21 17.37 3.28
C LEU G 94 -6.04 15.92 2.91
N GLN G 95 -5.50 15.08 3.80
CA GLN G 95 -5.24 13.68 3.40
C GLN G 95 -6.34 12.54 3.51
N ASP G 103 -11.73 5.21 12.57
CA ASP G 103 -13.11 4.97 12.05
C ASP G 103 -13.77 5.87 10.91
N LEU G 104 -14.30 7.03 11.28
CA LEU G 104 -14.55 8.14 10.32
C LEU G 104 -13.32 8.99 10.00
N GLU G 105 -13.21 9.57 8.80
CA GLU G 105 -12.02 10.38 8.42
C GLU G 105 -11.93 11.52 9.32
N SER G 106 -10.78 12.16 9.49
CA SER G 106 -10.69 13.32 10.37
C SER G 106 -10.56 14.60 9.57
N SER G 107 -11.18 15.67 10.03
CA SER G 107 -10.98 16.98 9.41
C SER G 107 -9.76 17.70 9.99
N ARG G 108 -9.18 17.11 11.03
CA ARG G 108 -7.94 17.58 11.67
C ARG G 108 -7.96 18.91 12.31
N MSE G 109 -9.12 19.33 12.78
CA MSE G 109 -9.24 20.61 13.41
C MSE G 109 -10.35 20.49 14.38
O MSE G 109 -11.37 19.78 14.12
CB MSE G 109 -9.44 21.74 12.41
CG MSE G 109 -10.84 21.66 11.83
SE MSE G 109 -11.17 23.15 10.61
CE MSE G 109 -11.18 22.02 9.02
N ASP G 110 -10.23 21.18 15.50
CA ASP G 110 -11.32 21.31 16.44
C ASP G 110 -11.66 22.75 16.53
N VAL G 111 -12.96 23.07 16.48
CA VAL G 111 -13.37 24.46 16.54
C VAL G 111 -14.48 24.66 17.51
N LEU G 112 -14.51 25.86 18.07
CA LEU G 112 -15.67 26.36 18.79
C LEU G 112 -16.35 27.40 17.94
N ILE G 113 -17.67 27.42 18.06
CA ILE G 113 -18.49 28.33 17.29
C ILE G 113 -19.44 29.04 18.21
N ALA G 114 -19.37 30.35 18.19
CA ALA G 114 -20.28 31.19 19.00
C ALA G 114 -21.15 32.02 18.09
N ASN G 115 -22.45 32.02 18.34
CA ASN G 115 -23.31 33.09 17.84
C ASN G 115 -24.42 33.42 18.81
N PRO G 116 -25.24 34.40 18.50
CA PRO G 116 -26.24 34.75 19.47
C PRO G 116 -27.26 33.65 19.82
N ARG G 117 -27.46 32.67 18.94
CA ARG G 117 -28.41 31.60 19.20
C ARG G 117 -27.80 30.46 20.01
N GLY G 118 -26.53 30.49 20.34
CA GLY G 118 -25.95 29.40 21.14
C GLY G 118 -24.43 29.25 21.07
N ILE G 119 -23.88 28.33 21.87
CA ILE G 119 -22.45 28.00 21.79
C ILE G 119 -22.19 26.52 21.46
N PHE G 120 -21.30 26.29 20.52
CA PHE G 120 -21.16 24.99 19.93
C PHE G 120 -19.70 24.63 19.73
N GLY G 121 -19.47 23.36 19.44
CA GLY G 121 -18.14 22.88 19.11
C GLY G 121 -18.23 21.84 18.02
N VAL G 122 -17.18 21.76 17.19
CA VAL G 122 -17.04 20.67 16.26
C VAL G 122 -15.67 20.11 16.41
N ALA G 123 -15.62 18.86 16.76
CA ALA G 123 -14.35 18.19 16.88
C ALA G 123 -13.93 17.55 15.57
N ALA G 124 -12.72 17.04 15.53
CA ALA G 124 -12.13 16.64 14.26
C ALA G 124 -12.85 15.50 13.54
N HIS G 125 -13.61 14.66 14.24
CA HIS G 125 -14.40 13.69 13.50
C HIS G 125 -15.85 14.11 13.36
N ARG G 126 -16.07 15.41 13.25
CA ARG G 126 -17.36 16.00 13.01
C ARG G 126 -18.42 15.72 14.09
N THR G 127 -17.94 15.50 15.30
CA THR G 127 -18.87 15.47 16.41
C THR G 127 -19.22 16.87 16.75
N VAL G 128 -20.48 17.18 16.58
CA VAL G 128 -20.96 18.53 16.86
C VAL G 128 -21.66 18.52 18.20
N GLN G 129 -21.28 19.41 19.08
CA GLN G 129 -21.91 19.49 20.39
C GLN G 129 -22.45 20.89 20.66
N GLU G 130 -23.58 20.98 21.36
CA GLU G 130 -24.01 22.25 21.88
C GLU G 130 -23.70 22.28 23.38
N PHE G 131 -23.09 23.37 23.84
CA PHE G 131 -22.67 23.48 25.22
C PHE G 131 -23.64 24.34 26.00
N SER G 132 -23.76 24.00 27.25
CA SER G 132 -24.74 24.69 28.08
C SER G 132 -24.12 25.76 28.99
N LYS G 133 -22.84 25.65 29.35
CA LYS G 133 -22.20 26.67 30.17
C LYS G 133 -20.88 27.15 29.56
N PHE G 134 -19.89 26.28 29.52
CA PHE G 134 -18.62 26.62 28.89
C PHE G 134 -17.91 25.39 28.41
N TYR G 135 -16.94 25.62 27.51
CA TYR G 135 -16.05 24.54 27.09
C TYR G 135 -14.77 25.09 26.47
N ALA G 136 -13.81 24.22 26.20
CA ALA G 136 -12.50 24.65 25.63
C ALA G 136 -11.93 23.52 24.80
N TYR G 137 -11.30 23.88 23.71
CA TYR G 137 -10.62 22.94 22.86
C TYR G 137 -9.15 23.41 22.75
N GLY G 138 -8.30 22.56 22.17
CA GLY G 138 -6.88 22.86 22.03
C GLY G 138 -6.07 22.18 23.13
N SER G 139 -4.77 22.09 22.96
CA SER G 139 -3.92 21.44 23.92
C SER G 139 -3.94 22.14 25.26
N GLY G 140 -4.29 23.42 25.33
CA GLY G 140 -4.39 24.07 26.66
C GLY G 140 -5.70 23.84 27.38
N SER G 141 -6.50 22.99 26.83
CA SER G 141 -7.91 22.97 27.13
C SER G 141 -8.17 22.55 28.60
N PRO G 142 -7.44 21.58 29.11
CA PRO G 142 -7.80 21.20 30.48
C PRO G 142 -7.48 22.28 31.53
N TYR G 143 -6.44 23.08 31.29
CA TYR G 143 -6.09 24.16 32.20
C TYR G 143 -7.25 25.15 32.14
N ALA G 144 -7.72 25.44 30.93
CA ALA G 144 -8.81 26.38 30.76
C ALA G 144 -10.12 25.88 31.40
N LEU G 145 -10.41 24.60 31.27
CA LEU G 145 -11.61 24.03 31.87
C LEU G 145 -11.57 24.19 33.37
N GLY G 146 -10.43 23.97 33.99
CA GLY G 146 -10.35 24.06 35.45
C GLY G 146 -10.55 25.50 35.93
N ALA G 147 -9.89 26.44 35.26
CA ALA G 147 -10.03 27.82 35.58
C ALA G 147 -11.49 28.30 35.43
N MSE G 148 -12.14 27.91 34.33
CA MSE G 148 -13.54 28.31 34.12
C MSE G 148 -14.47 27.61 35.11
O MSE G 148 -15.44 28.18 35.56
CB MSE G 148 -13.93 28.09 32.67
CG MSE G 148 -13.10 29.01 31.80
SE MSE G 148 -13.65 29.01 29.91
CE MSE G 148 -13.21 27.13 29.52
N TYR G 149 -14.19 26.37 35.47
CA TYR G 149 -14.96 25.72 36.48
C TYR G 149 -14.88 26.54 37.76
N ALA G 150 -13.71 27.02 38.14
CA ALA G 150 -13.59 27.76 39.38
C ALA G 150 -14.25 29.11 39.30
N ALA G 151 -14.29 29.72 38.14
CA ALA G 151 -14.77 31.10 38.03
C ALA G 151 -16.20 31.26 37.54
N TYR G 152 -16.77 30.22 36.99
CA TYR G 152 -18.04 30.36 36.28
C TYR G 152 -19.17 30.95 37.11
N ARG G 153 -19.24 30.59 38.39
CA ARG G 153 -20.33 31.11 39.25
C ARG G 153 -19.93 32.35 40.00
N ALA G 154 -18.73 32.86 39.80
CA ALA G 154 -18.36 34.11 40.42
C ALA G 154 -19.30 35.19 39.91
N PRO G 155 -19.97 35.92 40.83
CA PRO G 155 -20.98 36.86 40.30
C PRO G 155 -20.33 38.11 39.70
N SER G 156 -19.08 38.42 40.03
CA SER G 156 -18.42 39.57 39.39
C SER G 156 -17.70 39.29 38.06
N LEU G 157 -17.84 38.10 37.47
CA LEU G 157 -17.15 37.80 36.21
C LEU G 157 -18.14 37.47 35.09
N ASP G 158 -18.21 38.31 34.07
CA ASP G 158 -19.18 38.10 33.02
C ASP G 158 -18.68 36.97 32.12
N ALA G 159 -19.47 36.62 31.12
CA ALA G 159 -19.05 35.56 30.23
C ALA G 159 -17.68 35.82 29.59
N GLU G 160 -17.40 37.07 29.20
CA GLU G 160 -16.15 37.32 28.50
C GLU G 160 -14.97 37.19 29.48
N ALA G 161 -15.12 37.65 30.71
CA ALA G 161 -14.03 37.51 31.69
C ALA G 161 -13.68 36.03 31.90
N VAL G 162 -14.70 35.18 31.99
CA VAL G 162 -14.50 33.77 32.20
C VAL G 162 -13.81 33.11 31.03
N ALA G 163 -14.27 33.44 29.84
CA ALA G 163 -13.61 32.94 28.62
C ALA G 163 -12.12 33.29 28.56
N ARG G 164 -11.80 34.53 28.86
CA ARG G 164 -10.45 34.99 28.80
C ARG G 164 -9.61 34.43 29.89
N LEU G 165 -10.24 34.18 31.03
CA LEU G 165 -9.52 33.60 32.16
C LEU G 165 -9.05 32.18 31.83
N GLY G 166 -9.90 31.44 31.11
CA GLY G 166 -9.56 30.14 30.61
C GLY G 166 -8.28 30.17 29.80
N VAL G 167 -8.19 31.09 28.85
CA VAL G 167 -7.02 31.16 28.00
C VAL G 167 -5.79 31.56 28.80
N MSE G 168 -5.96 32.48 29.74
CA MSE G 168 -4.84 32.91 30.56
C MSE G 168 -4.26 31.79 31.39
O MSE G 168 -3.03 31.68 31.54
CB MSE G 168 -5.24 34.02 31.50
CG MSE G 168 -5.55 35.32 30.73
SE MSE G 168 -6.48 36.61 31.94
CE MSE G 168 -4.67 37.03 32.72
N ALA G 169 -5.13 30.97 31.93
CA ALA G 169 -4.67 29.84 32.72
C ALA G 169 -3.80 28.91 31.89
N ALA G 170 -4.23 28.65 30.67
CA ALA G 170 -3.48 27.78 29.81
C ALA G 170 -2.16 28.39 29.43
N ALA G 171 -2.16 29.66 29.11
CA ALA G 171 -0.88 30.31 28.77
C ALA G 171 0.06 30.33 30.00
N GLU G 172 -0.51 30.31 31.21
CA GLU G 172 0.31 30.34 32.38
C GLU G 172 1.10 29.09 32.50
N PHE G 173 0.52 27.96 32.16
CA PHE G 173 1.15 26.66 32.47
C PHE G 173 1.51 25.77 31.30
N HIS G 174 1.17 26.16 30.07
CA HIS G 174 1.40 25.28 28.97
C HIS G 174 2.12 25.96 27.83
N ASP G 175 3.07 25.26 27.20
CA ASP G 175 3.99 25.86 26.24
C ASP G 175 3.49 26.04 24.81
N GLU G 176 2.25 25.69 24.59
CA GLU G 176 1.62 25.86 23.30
C GLU G 176 0.57 27.00 23.32
N SER G 177 0.46 27.75 24.41
CA SER G 177 -0.46 28.86 24.46
C SER G 177 0.28 30.11 24.89
N GLY G 178 -0.15 31.25 24.39
CA GLY G 178 0.54 32.49 24.72
C GLY G 178 -0.32 33.69 24.67
N LEU G 179 -0.04 34.63 25.58
CA LEU G 179 -0.78 35.92 25.60
C LEU G 179 -0.27 36.81 24.48
N PRO G 180 -1.03 37.84 24.09
CA PRO G 180 -2.35 38.26 24.53
C PRO G 180 -3.46 37.30 24.13
N VAL G 181 -4.60 37.49 24.78
CA VAL G 181 -5.84 36.78 24.50
C VAL G 181 -6.65 37.64 23.55
N GLN G 182 -7.24 37.06 22.52
CA GLN G 182 -8.17 37.73 21.67
C GLN G 182 -9.55 37.18 22.09
N SER G 183 -10.55 38.05 22.23
CA SER G 183 -11.89 37.59 22.57
C SER G 183 -13.00 38.37 21.90
N PHE G 184 -14.20 37.83 21.89
CA PHE G 184 -15.37 38.54 21.41
C PHE G 184 -16.56 38.21 22.28
N VAL G 185 -17.53 39.14 22.29
CA VAL G 185 -18.70 38.96 23.14
C VAL G 185 -19.92 39.38 22.37
N MSE G 186 -21.05 38.73 22.65
CA MSE G 186 -22.33 39.14 22.05
C MSE G 186 -23.47 38.90 23.01
O MSE G 186 -23.33 38.16 24.00
CB MSE G 186 -22.46 38.44 20.74
CG MSE G 186 -22.64 36.96 20.96
SE MSE G 186 -21.78 35.82 19.58
CE MSE G 186 -19.95 36.10 20.18
N GLU G 187 -24.59 39.56 22.77
CA GLU G 187 -25.78 39.29 23.56
C GLU G 187 -26.52 38.10 23.02
N LEU G 188 -26.97 37.27 23.95
CA LEU G 188 -27.73 36.07 23.64
C LEU G 188 -28.99 36.56 22.96
N SER G 189 -29.52 35.93 21.92
CA SER G 189 -30.75 36.52 21.32
C SER G 189 -32.03 36.09 22.07
N PRO G 190 -33.17 36.79 21.84
CA PRO G 190 -34.47 36.28 22.45
C PRO G 190 -35.41 35.48 21.46
C ACE H 1 -11.61 13.64 18.38
O ACE H 1 -12.63 13.78 17.58
CH3 ACE H 1 -10.76 14.95 18.38
N IML H 2 -11.15 12.44 18.96
CA IML H 2 -12.03 11.19 18.91
C IML H 2 -12.88 11.09 20.19
O IML H 2 -12.30 10.62 21.23
CB IML H 2 -11.49 9.73 18.59
CN IML H 2 -10.27 12.50 20.17
CG2 IML H 2 -12.43 9.01 17.51
CG1 IML H 2 -9.93 9.67 18.38
CD1 IML H 2 -9.40 8.84 17.21
N ILE H 3 -14.02 11.70 20.01
CA ILE H 3 -15.22 11.86 20.89
C ILE H 3 -16.18 10.66 20.69
N THR H 4 -16.37 9.91 21.79
CA THR H 4 -17.12 8.63 21.84
C THR H 4 -18.24 8.73 22.90
CA 6VO H 5 -20.43 7.43 23.44
C14 6VO H 5 -21.66 7.32 22.47
C16 6VO H 5 -22.32 9.82 22.70
C20 6VO H 5 -23.37 8.26 20.86
C15 6VO H 5 -22.13 8.60 21.76
N 6VO H 5 -19.21 7.92 22.71
C 6VO H 5 -20.14 6.08 24.22
C22 6VO H 5 -18.84 6.02 25.21
C23 6VO H 5 -19.09 4.86 26.22
O6 6VO H 5 -17.57 5.79 24.54
C24 6VO H 5 -18.57 7.24 26.13
O 6VO H 5 -20.18 5.08 23.17
C ACE I 1 -18.72 -7.20 16.46
O ACE I 1 -19.40 -7.29 15.37
CH3 ACE I 1 -19.16 -5.92 17.25
N IML I 2 -17.60 -7.97 16.83
CA IML I 2 -17.22 -9.24 16.05
C IML I 2 -17.75 -10.49 16.80
O IML I 2 -17.19 -10.91 17.89
CB IML I 2 -15.73 -9.50 15.52
CN IML I 2 -17.30 -8.05 18.30
CG2 IML I 2 -15.69 -9.76 13.94
CG1 IML I 2 -14.76 -8.43 16.10
CD1 IML I 2 -13.34 -8.32 15.53
N ILE I 3 -18.96 -10.65 16.34
CA ILE I 3 -20.06 -11.61 16.67
C ILE I 3 -19.98 -12.90 15.81
N THR I 4 -19.52 -13.99 16.42
CA THR I 4 -19.16 -15.24 15.70
C THR I 4 -20.03 -16.44 16.15
CA 6VO I 5 -20.96 -18.68 15.22
C14 6VO I 5 -21.68 -18.96 13.86
C16 6VO I 5 -23.76 -17.62 14.79
C20 6VO I 5 -23.66 -18.64 12.39
C15 6VO I 5 -22.87 -18.04 13.58
N 6VO I 5 -20.37 -17.29 15.26
C 6VO I 5 -19.87 -19.75 15.58
C22 6VO I 5 -18.97 -19.57 16.91
C23 6VO I 5 -18.41 -20.97 17.16
O6 6VO I 5 -17.82 -18.66 16.78
C24 6VO I 5 -19.71 -19.24 18.25
O 6VO I 5 -19.08 -19.88 14.36
C ACE J 1 -9.77 -23.39 4.84
O ACE J 1 -10.21 -23.18 3.67
CH3 ACE J 1 -10.93 -23.27 5.90
N IML J 2 -8.42 -23.37 5.15
CA IML J 2 -7.37 -23.49 4.05
C IML J 2 -6.95 -24.96 3.90
O IML J 2 -6.23 -25.47 4.81
CB IML J 2 -6.07 -22.58 4.07
CN IML J 2 -7.94 -23.81 6.49
CG2 IML J 2 -5.68 -22.17 2.58
CG1 IML J 2 -6.11 -21.35 5.03
CD1 IML J 2 -5.15 -21.31 6.21
N ILE J 3 -7.54 -25.71 3.01
CA ILE J 3 -7.68 -27.18 2.65
C ILE J 3 -6.77 -27.54 1.46
N THR J 4 -5.80 -28.42 1.70
CA THR J 4 -4.64 -28.60 0.78
C THR J 4 -4.45 -30.08 0.36
CA 6VO J 5 -3.58 -31.33 -1.59
C14 6VO J 5 -4.03 -31.25 -3.09
C16 6VO J 5 -6.35 -32.26 -2.47
C20 6VO J 5 -5.82 -31.32 -4.87
C15 6VO J 5 -5.56 -31.25 -3.34
N 6VO J 5 -4.02 -30.12 -0.83
C 6VO J 5 -2.03 -31.61 -1.35
C22 6VO J 5 -1.54 -31.84 0.20
C23 6VO J 5 -0.13 -32.51 0.16
O6 6VO J 5 -1.37 -30.61 0.92
C24 6VO J 5 -2.45 -32.79 1.06
O 6VO J 5 -1.38 -30.48 -2.01
C ACE K 1 8.36 -22.81 -8.22
O ACE K 1 8.02 -22.44 -9.41
CH3 ACE K 1 7.26 -23.67 -7.50
N IML K 2 9.38 -22.23 -7.48
CA IML K 2 10.26 -21.28 -8.27
C IML K 2 11.44 -22.09 -8.80
O IML K 2 12.26 -22.49 -7.90
CB IML K 2 10.79 -19.89 -7.70
CN IML K 2 10.08 -22.98 -6.38
CG2 IML K 2 10.59 -18.73 -8.76
CG1 IML K 2 10.33 -19.55 -6.23
CD1 IML K 2 10.43 -18.07 -5.83
N ILE K 3 11.25 -22.36 -10.07
CA ILE K 3 12.24 -23.11 -10.91
C ILE K 3 13.18 -22.14 -11.67
N THR K 4 14.49 -22.39 -11.54
CA THR K 4 15.60 -21.46 -11.91
C THR K 4 16.72 -22.28 -12.59
CA 6VO K 5 18.50 -21.85 -14.53
C14 6VO K 5 18.14 -21.06 -15.84
C16 6VO K 5 16.89 -23.11 -16.76
C20 6VO K 5 16.95 -20.82 -18.00
C15 6VO K 5 16.95 -21.58 -16.64
N 6VO K 5 17.32 -21.85 -13.64
C 6VO K 5 19.81 -21.29 -13.83
C22 6VO K 5 20.21 -21.83 -12.33
C23 6VO K 5 21.71 -21.44 -12.16
O6 6VO K 5 19.52 -21.23 -11.18
C24 6VO K 5 20.10 -23.38 -12.20
O 6VO K 5 19.66 -19.84 -13.98
C ACE L 1 21.73 -6.22 -12.57
O ACE L 1 21.24 -5.47 -13.52
CH3 ACE L 1 21.47 -7.76 -12.84
N IML L 2 22.06 -5.71 -11.29
CA IML L 2 22.18 -4.19 -11.15
C IML L 2 23.60 -3.69 -11.45
O IML L 2 24.45 -3.80 -10.51
CB IML L 2 21.70 -3.35 -9.87
CN IML L 2 22.87 -6.54 -10.33
CG2 IML L 2 21.01 -2.01 -10.34
CG1 IML L 2 20.88 -4.14 -8.83
CD1 IML L 2 21.66 -4.53 -7.58
N ILE L 3 23.76 -3.21 -12.65
CA ILE L 3 24.98 -2.68 -13.36
C ILE L 3 24.98 -1.16 -13.33
N THR L 4 26.11 -0.61 -12.86
CA THR L 4 26.30 0.82 -12.53
C THR L 4 27.70 1.30 -13.06
CA 6VO L 5 28.70 3.67 -13.75
C14 6VO L 5 27.98 4.68 -14.70
C16 6VO L 5 28.44 2.96 -16.59
C20 6VO L 5 27.34 5.24 -17.07
C15 6VO L 5 27.55 4.09 -16.05
N 6VO L 5 27.88 2.46 -13.54
C 6VO L 5 29.18 4.29 -12.35
C22 6VO L 5 29.90 3.38 -11.20
C23 6VO L 5 30.68 4.34 -10.25
O6 6VO L 5 29.03 2.57 -10.36
C24 6VO L 5 30.89 2.33 -11.76
O 6VO L 5 27.98 4.94 -11.83
C ACE M 1 20.63 14.52 -5.09
O ACE M 1 19.91 15.32 -5.80
CH3 ACE M 1 21.40 13.55 -6.04
N IML M 2 20.52 14.47 -3.69
CA IML M 2 19.53 15.33 -2.90
C IML M 2 20.20 16.61 -2.35
O IML M 2 20.98 16.55 -1.32
CB IML M 2 18.58 14.71 -1.77
CN IML M 2 21.80 14.25 -2.94
CG2 IML M 2 17.10 15.25 -1.95
CG1 IML M 2 18.75 13.16 -1.61
CD1 IML M 2 18.01 12.47 -0.46
N ILE M 3 20.09 17.59 -3.21
CA ILE M 3 20.69 18.98 -3.17
C ILE M 3 19.64 19.96 -2.63
N THR M 4 20.09 20.70 -1.61
CA THR M 4 19.29 21.56 -0.69
C THR M 4 20.05 22.90 -0.47
CA 6VO M 5 19.26 25.38 0.18
C14 6VO M 5 18.12 26.14 -0.59
C16 6VO M 5 19.67 26.31 -2.68
C20 6VO M 5 17.20 27.16 -2.71
C15 6VO M 5 18.23 26.16 -2.11
N 6VO M 5 19.39 23.98 -0.32
C 6VO M 5 19.14 25.45 1.77
C22 6VO M 5 20.21 24.61 2.70
C23 6VO M 5 20.22 25.29 4.11
O6 6VO M 5 19.85 23.22 2.91
C24 6VO M 5 21.70 24.61 2.24
O 6VO M 5 17.72 25.18 2.09
C ACE N 1 5.91 23.49 8.79
O ACE N 1 4.86 23.77 8.11
CH3 ACE N 1 7.20 23.79 7.94
N IML N 2 5.88 22.72 9.95
CA IML N 2 4.59 22.36 10.69
C IML N 2 4.33 23.28 11.90
O IML N 2 4.89 23.02 13.03
CB IML N 2 4.29 20.87 11.10
CN IML N 2 7.04 22.93 10.86
CG2 IML N 2 2.83 20.47 10.67
CG1 IML N 2 5.47 19.93 10.66
CD1 IML N 2 5.42 18.43 10.97
N ILE N 3 3.64 24.30 11.47
CA ILE N 3 3.06 25.54 12.11
C ILE N 3 1.63 25.27 12.64
N THR N 4 1.52 25.33 13.97
CA THR N 4 0.35 24.85 14.75
C THR N 4 -0.15 25.94 15.72
CA 6VO N 5 -2.33 26.87 16.70
C14 6VO N 5 -3.65 27.24 15.92
C16 6VO N 5 -2.48 29.39 14.87
C20 6VO N 5 -4.89 28.64 14.20
C15 6VO N 5 -3.49 28.21 14.71
N 6VO N 5 -1.39 26.18 15.76
C 6VO N 5 -2.52 26.05 18.05
C22 6VO N 5 -1.22 25.58 18.93
C23 6VO N 5 -1.77 25.33 20.35
O6 6VO N 5 -0.54 24.35 18.53
C24 6VO N 5 -0.12 26.66 19.13
O 6VO N 5 -3.34 24.94 17.58
P PO4 O . -18.09 2.38 23.49
O1 PO4 O . -18.66 2.15 24.87
O2 PO4 O . -18.01 3.83 22.96
O3 PO4 O . -18.98 1.59 22.52
O4 PO4 O . -16.62 1.96 23.73
P PO4 P . 1.67 -29.49 -1.29
O1 PO4 P . 0.25 -28.99 -0.97
O2 PO4 P . 1.99 -30.94 -0.91
O3 PO4 P . 2.70 -28.84 -0.35
O4 PO4 P . 1.82 -29.25 -2.80
P PO4 Q . 27.70 6.11 -8.88
O1 PO4 Q . 27.49 5.45 -7.51
O2 PO4 Q . 26.72 7.24 -9.34
O3 PO4 Q . 27.54 4.98 -9.86
O4 PO4 Q . 29.15 6.56 -8.75
P PO4 R . -3.65 22.08 19.08
O1 PO4 R . -3.17 22.32 20.51
O2 PO4 R . -2.40 21.82 18.17
O3 PO4 R . -4.92 21.17 18.97
O4 PO4 R . -4.26 23.34 18.57
P PO4 S . -15.94 -20.57 14.04
O1 PO4 S . -16.21 -21.80 14.89
O2 PO4 S . -14.64 -20.03 14.58
O3 PO4 S . -16.84 -19.40 14.35
O4 PO4 S . -16.00 -20.92 12.54
P PO4 T . 20.83 -17.70 -11.62
O1 PO4 T . 20.90 -17.73 -10.09
O2 PO4 T . 20.65 -16.38 -12.41
O3 PO4 T . 19.58 -18.52 -11.96
O4 PO4 T . 22.19 -18.34 -11.93
P PO4 U . 16.84 23.89 4.96
O1 PO4 U . 17.05 22.59 5.74
O2 PO4 U . 17.73 24.77 5.83
O3 PO4 U . 15.48 24.58 4.73
O4 PO4 U . 17.25 23.52 3.53
#